data_2AKK
#
_entry.id   2AKK
#
_entity_poly.entity_id   1
_entity_poly.type   'polypeptide(L)'
_entity_poly.pdbx_seq_one_letter_code
;MSIEVRDCNGALLADGDNVSLIKDLKLKGSSTVLKRGTMIRGIRLTDSEDEIEGRTDKIKGLVLRTEFLKKAGS
;
_entity_poly.pdbx_strand_id   A
#
# COMPACT_ATOMS: atom_id res chain seq x y z
N MET A 1 -20.40 -1.16 -9.67
CA MET A 1 -18.93 -1.21 -9.49
C MET A 1 -18.57 -1.04 -8.02
N SER A 2 -18.01 -2.08 -7.43
CA SER A 2 -17.59 -2.04 -6.04
C SER A 2 -16.23 -2.70 -5.87
N ILE A 3 -15.18 -1.88 -5.92
CA ILE A 3 -13.83 -2.35 -5.71
C ILE A 3 -13.27 -1.75 -4.44
N GLU A 4 -14.02 -1.93 -3.35
CA GLU A 4 -13.65 -1.38 -2.06
C GLU A 4 -12.35 -1.95 -1.55
N VAL A 5 -11.30 -1.20 -1.73
CA VAL A 5 -9.99 -1.60 -1.25
C VAL A 5 -9.82 -1.16 0.19
N ARG A 6 -9.56 -2.13 1.06
CA ARG A 6 -9.38 -1.85 2.48
C ARG A 6 -8.05 -2.40 2.95
N ASP A 7 -7.49 -1.79 3.99
CA ASP A 7 -6.19 -2.20 4.50
C ASP A 7 -6.27 -3.56 5.20
N CYS A 8 -5.16 -3.96 5.82
CA CYS A 8 -5.08 -5.23 6.53
C CYS A 8 -6.16 -5.35 7.61
N ASN A 9 -6.56 -4.20 8.17
CA ASN A 9 -7.59 -4.17 9.19
C ASN A 9 -8.96 -4.13 8.53
N GLY A 10 -9.17 -3.14 7.68
CA GLY A 10 -10.45 -3.00 7.01
C GLY A 10 -10.85 -1.55 6.77
N ALA A 11 -9.89 -0.65 6.82
CA ALA A 11 -10.15 0.75 6.56
C ALA A 11 -10.15 1.01 5.05
N LEU A 12 -11.11 1.77 4.58
CA LEU A 12 -11.30 1.99 3.15
C LEU A 12 -10.30 3.00 2.59
N LEU A 13 -9.75 2.66 1.44
CA LEU A 13 -8.78 3.51 0.76
C LEU A 13 -9.36 4.06 -0.53
N ALA A 14 -8.69 5.06 -1.11
CA ALA A 14 -9.12 5.67 -2.35
C ALA A 14 -7.95 6.37 -3.03
N ASP A 15 -8.19 6.98 -4.18
CA ASP A 15 -7.17 7.75 -4.88
C ASP A 15 -6.76 8.96 -4.06
N GLY A 16 -5.49 9.01 -3.68
CA GLY A 16 -4.99 10.12 -2.90
C GLY A 16 -4.90 9.79 -1.42
N ASP A 17 -5.11 8.52 -1.08
CA ASP A 17 -5.06 8.08 0.30
C ASP A 17 -3.64 7.68 0.69
N ASN A 18 -3.43 7.38 1.96
CA ASN A 18 -2.10 7.04 2.45
C ASN A 18 -2.12 5.80 3.32
N VAL A 19 -1.12 4.97 3.14
CA VAL A 19 -0.97 3.75 3.91
C VAL A 19 0.45 3.63 4.44
N SER A 20 0.69 2.62 5.26
CA SER A 20 2.03 2.38 5.79
C SER A 20 2.22 0.89 6.10
N LEU A 21 3.46 0.44 5.96
CA LEU A 21 3.83 -0.97 6.15
C LEU A 21 3.51 -1.46 7.56
N ILE A 22 2.82 -2.60 7.65
CA ILE A 22 2.50 -3.20 8.95
C ILE A 22 3.58 -4.18 9.37
N LYS A 23 4.46 -4.49 8.44
CA LYS A 23 5.55 -5.43 8.68
C LYS A 23 6.67 -5.14 7.68
N ASP A 24 7.76 -5.89 7.79
CA ASP A 24 8.88 -5.72 6.87
C ASP A 24 8.71 -6.66 5.67
N LEU A 25 8.69 -6.09 4.47
CA LEU A 25 8.50 -6.86 3.26
C LEU A 25 9.73 -6.73 2.36
N LYS A 26 10.32 -7.85 1.98
CA LYS A 26 11.52 -7.82 1.16
C LYS A 26 11.18 -8.10 -0.31
N LEU A 27 11.82 -7.35 -1.17
CA LEU A 27 11.69 -7.52 -2.61
C LEU A 27 12.99 -8.07 -3.18
N LYS A 28 12.87 -8.83 -4.25
CA LYS A 28 14.02 -9.51 -4.83
C LYS A 28 14.96 -8.54 -5.54
N GLY A 29 14.38 -7.50 -6.14
CA GLY A 29 15.17 -6.54 -6.90
C GLY A 29 16.30 -5.92 -6.09
N SER A 30 17.52 -6.36 -6.36
CA SER A 30 18.72 -5.84 -5.71
C SER A 30 18.65 -6.06 -4.20
N SER A 31 17.81 -7.01 -3.78
CA SER A 31 17.57 -7.28 -2.37
C SER A 31 17.10 -6.00 -1.67
N THR A 32 15.86 -5.61 -1.93
CA THR A 32 15.29 -4.44 -1.30
C THR A 32 14.38 -4.84 -0.16
N VAL A 33 14.86 -4.71 1.06
CA VAL A 33 14.09 -5.10 2.23
C VAL A 33 13.39 -3.88 2.83
N LEU A 34 12.10 -3.76 2.56
CA LEU A 34 11.32 -2.67 3.12
C LEU A 34 10.99 -2.99 4.57
N LYS A 35 10.90 -1.97 5.38
CA LYS A 35 10.69 -2.16 6.81
C LYS A 35 9.31 -1.70 7.24
N ARG A 36 8.90 -2.19 8.39
CA ARG A 36 7.66 -1.78 9.01
C ARG A 36 7.69 -0.28 9.31
N GLY A 37 6.59 0.40 9.07
CA GLY A 37 6.54 1.82 9.33
C GLY A 37 6.77 2.65 8.09
N THR A 38 7.25 2.01 7.02
CA THR A 38 7.45 2.68 5.75
C THR A 38 6.13 3.26 5.25
N MET A 39 6.09 4.58 5.08
CA MET A 39 4.87 5.25 4.69
C MET A 39 4.75 5.28 3.18
N ILE A 40 3.63 4.77 2.70
CA ILE A 40 3.28 4.85 1.29
C ILE A 40 2.04 5.71 1.15
N ARG A 41 2.25 7.00 0.95
CA ARG A 41 1.14 7.93 0.87
C ARG A 41 0.94 8.42 -0.55
N GLY A 42 -0.30 8.73 -0.90
CA GLY A 42 -0.62 9.08 -2.26
C GLY A 42 -0.91 7.85 -3.10
N ILE A 43 -1.66 6.92 -2.51
CA ILE A 43 -1.99 5.68 -3.18
C ILE A 43 -3.31 5.83 -3.93
N ARG A 44 -3.54 4.96 -4.89
CA ARG A 44 -4.80 4.95 -5.63
C ARG A 44 -5.25 3.53 -5.90
N LEU A 45 -6.53 3.39 -6.20
CA LEU A 45 -7.13 2.08 -6.42
C LEU A 45 -6.81 1.59 -7.83
N THR A 46 -6.80 0.28 -8.00
CA THR A 46 -6.42 -0.32 -9.28
C THR A 46 -7.57 -1.18 -9.82
N ASP A 47 -7.25 -2.10 -10.72
CA ASP A 47 -8.22 -3.09 -11.18
C ASP A 47 -8.49 -4.09 -10.06
N SER A 48 -7.62 -4.06 -9.06
CA SER A 48 -7.71 -4.96 -7.95
C SER A 48 -8.32 -4.29 -6.73
N GLU A 49 -9.03 -5.09 -5.94
CA GLU A 49 -9.54 -4.66 -4.66
C GLU A 49 -8.51 -5.01 -3.60
N ASP A 50 -7.61 -5.89 -3.99
CA ASP A 50 -6.59 -6.43 -3.10
C ASP A 50 -5.30 -5.63 -3.23
N GLU A 51 -5.21 -4.85 -4.29
CA GLU A 51 -4.01 -4.10 -4.60
C GLU A 51 -4.29 -2.62 -4.77
N ILE A 52 -3.30 -1.82 -4.41
CA ILE A 52 -3.32 -0.39 -4.65
C ILE A 52 -2.00 0.03 -5.26
N GLU A 53 -1.97 1.19 -5.89
CA GLU A 53 -0.74 1.71 -6.44
C GLU A 53 -0.38 2.98 -5.72
N GLY A 54 0.81 3.02 -5.14
CA GLY A 54 1.19 4.17 -4.35
C GLY A 54 2.59 4.65 -4.68
N ARG A 55 3.20 5.33 -3.72
CA ARG A 55 4.53 5.86 -3.91
C ARG A 55 5.26 5.91 -2.57
N THR A 56 6.56 5.73 -2.63
CA THR A 56 7.40 5.82 -1.45
C THR A 56 8.45 6.89 -1.68
N ASP A 57 9.35 7.05 -0.73
CA ASP A 57 10.45 7.99 -0.86
C ASP A 57 11.38 7.57 -2.00
N LYS A 58 11.59 6.27 -2.13
CA LYS A 58 12.53 5.76 -3.12
C LYS A 58 11.82 5.22 -4.35
N ILE A 59 10.70 4.53 -4.12
CA ILE A 59 9.97 3.88 -5.20
C ILE A 59 8.59 4.53 -5.39
N LYS A 60 8.44 5.32 -6.42
CA LYS A 60 7.15 5.91 -6.71
C LYS A 60 6.44 5.15 -7.82
N GLY A 61 5.12 5.12 -7.76
CA GLY A 61 4.34 4.43 -8.76
C GLY A 61 4.53 2.93 -8.70
N LEU A 62 4.37 2.35 -7.51
CA LEU A 62 4.50 0.92 -7.37
C LEU A 62 3.15 0.33 -6.94
N VAL A 63 2.78 -0.77 -7.57
CA VAL A 63 1.52 -1.44 -7.27
C VAL A 63 1.77 -2.51 -6.23
N LEU A 64 1.07 -2.43 -5.12
CA LEU A 64 1.23 -3.40 -4.04
C LEU A 64 -0.09 -3.89 -3.50
N ARG A 65 -0.09 -5.13 -3.07
CA ARG A 65 -1.21 -5.70 -2.36
C ARG A 65 -1.35 -5.02 -1.00
N THR A 66 -2.56 -4.59 -0.69
CA THR A 66 -2.81 -3.83 0.52
C THR A 66 -3.08 -4.77 1.70
N GLU A 67 -2.52 -5.98 1.63
CA GLU A 67 -2.77 -6.99 2.65
C GLU A 67 -1.82 -6.78 3.81
N PHE A 68 -0.73 -6.11 3.50
CA PHE A 68 0.30 -5.83 4.49
C PHE A 68 0.45 -4.33 4.69
N LEU A 69 -0.57 -3.58 4.30
CA LEU A 69 -0.55 -2.14 4.43
C LEU A 69 -1.63 -1.69 5.37
N LYS A 70 -1.33 -0.64 6.11
CA LYS A 70 -2.25 -0.07 7.07
C LYS A 70 -2.64 1.32 6.62
N LYS A 71 -3.92 1.64 6.65
CA LYS A 71 -4.36 2.99 6.37
C LYS A 71 -3.70 3.94 7.37
N ALA A 72 -2.97 4.91 6.86
CA ALA A 72 -2.22 5.80 7.71
C ALA A 72 -3.05 7.00 8.11
N GLY A 73 -2.50 7.82 9.00
CA GLY A 73 -3.22 8.98 9.49
C GLY A 73 -4.22 8.60 10.57
N SER A 74 -5.43 8.29 10.14
CA SER A 74 -6.49 7.88 11.06
C SER A 74 -7.49 6.99 10.34
N MET A 1 -20.64 -2.15 -10.19
CA MET A 1 -19.18 -1.90 -10.10
C MET A 1 -18.75 -1.85 -8.64
N SER A 2 -18.09 -2.90 -8.17
CA SER A 2 -17.66 -2.97 -6.78
C SER A 2 -16.18 -3.31 -6.67
N ILE A 3 -15.38 -2.33 -6.25
CA ILE A 3 -13.97 -2.56 -5.95
C ILE A 3 -13.58 -1.81 -4.67
N GLU A 4 -14.13 -2.25 -3.55
CA GLU A 4 -13.81 -1.63 -2.28
C GLU A 4 -12.46 -2.10 -1.79
N VAL A 5 -11.49 -1.23 -1.94
CA VAL A 5 -10.13 -1.50 -1.49
C VAL A 5 -9.94 -1.01 -0.07
N ARG A 6 -9.42 -1.86 0.80
CA ARG A 6 -9.20 -1.50 2.20
C ARG A 6 -7.81 -1.95 2.63
N ASP A 7 -7.39 -1.52 3.83
CA ASP A 7 -6.11 -1.95 4.38
C ASP A 7 -6.25 -3.34 5.00
N CYS A 8 -5.23 -3.77 5.73
CA CYS A 8 -5.23 -5.09 6.33
C CYS A 8 -6.31 -5.22 7.41
N ASN A 9 -6.64 -4.09 8.02
CA ASN A 9 -7.65 -4.06 9.07
C ASN A 9 -9.05 -4.00 8.46
N GLY A 10 -9.25 -3.07 7.55
CA GLY A 10 -10.54 -2.94 6.92
C GLY A 10 -10.97 -1.50 6.74
N ALA A 11 -10.01 -0.61 6.65
CA ALA A 11 -10.30 0.80 6.39
C ALA A 11 -10.15 1.09 4.90
N LEU A 12 -11.20 1.60 4.30
CA LEU A 12 -11.25 1.87 2.87
C LEU A 12 -10.18 2.85 2.42
N LEU A 13 -9.65 2.61 1.23
CA LEU A 13 -8.64 3.46 0.63
C LEU A 13 -9.23 4.19 -0.58
N ALA A 14 -8.48 5.14 -1.12
CA ALA A 14 -8.92 5.89 -2.28
C ALA A 14 -7.74 6.59 -2.94
N ASP A 15 -8.01 7.28 -4.05
CA ASP A 15 -6.98 8.05 -4.74
C ASP A 15 -6.43 9.16 -3.85
N GLY A 16 -5.12 9.13 -3.61
CA GLY A 16 -4.48 10.14 -2.81
C GLY A 16 -4.37 9.74 -1.35
N ASP A 17 -4.79 8.52 -1.05
CA ASP A 17 -4.82 8.05 0.34
C ASP A 17 -3.42 7.64 0.80
N ASN A 18 -3.28 7.34 2.09
CA ASN A 18 -1.98 6.99 2.65
C ASN A 18 -2.05 5.63 3.32
N VAL A 19 -0.96 4.92 3.25
CA VAL A 19 -0.82 3.62 3.90
C VAL A 19 0.60 3.46 4.43
N SER A 20 0.83 2.42 5.22
CA SER A 20 2.14 2.16 5.77
C SER A 20 2.32 0.67 6.03
N LEU A 21 3.58 0.24 6.12
CA LEU A 21 3.93 -1.16 6.32
C LEU A 21 3.52 -1.66 7.70
N ILE A 22 2.92 -2.84 7.76
CA ILE A 22 2.52 -3.44 9.05
C ILE A 22 3.57 -4.42 9.55
N LYS A 23 4.51 -4.73 8.68
CA LYS A 23 5.61 -5.64 8.99
C LYS A 23 6.78 -5.34 8.07
N ASP A 24 7.90 -6.01 8.30
CA ASP A 24 9.08 -5.80 7.47
C ASP A 24 9.01 -6.71 6.24
N LEU A 25 8.76 -6.12 5.09
CA LEU A 25 8.60 -6.88 3.85
C LEU A 25 9.86 -6.82 3.01
N LYS A 26 10.48 -7.97 2.84
CA LYS A 26 11.64 -8.07 1.96
C LYS A 26 11.20 -8.62 0.61
N LEU A 27 11.66 -7.97 -0.42
CA LEU A 27 11.25 -8.30 -1.78
C LEU A 27 12.35 -9.06 -2.51
N LYS A 28 11.95 -9.79 -3.54
CA LYS A 28 12.87 -10.59 -4.33
C LYS A 28 13.66 -9.69 -5.30
N GLY A 29 14.89 -10.09 -5.58
CA GLY A 29 15.73 -9.32 -6.49
C GLY A 29 17.11 -9.13 -5.92
N SER A 30 17.48 -7.88 -5.73
CA SER A 30 18.78 -7.55 -5.14
C SER A 30 18.68 -7.52 -3.62
N SER A 31 17.69 -8.24 -3.09
CA SER A 31 17.39 -8.25 -1.66
C SER A 31 16.95 -6.86 -1.20
N THR A 32 15.70 -6.54 -1.47
CA THR A 32 15.14 -5.26 -1.08
C THR A 32 14.30 -5.41 0.18
N VAL A 33 14.84 -4.99 1.30
CA VAL A 33 14.17 -5.15 2.58
C VAL A 33 13.48 -3.86 2.99
N LEU A 34 12.16 -3.90 3.09
CA LEU A 34 11.40 -2.79 3.62
C LEU A 34 11.04 -3.07 5.07
N LYS A 35 10.98 -2.03 5.87
CA LYS A 35 10.74 -2.19 7.30
C LYS A 35 9.34 -1.76 7.69
N ARG A 36 8.92 -2.21 8.85
CA ARG A 36 7.64 -1.84 9.42
C ARG A 36 7.60 -0.34 9.68
N GLY A 37 6.46 0.28 9.39
CA GLY A 37 6.32 1.70 9.63
C GLY A 37 6.59 2.54 8.39
N THR A 38 7.10 1.91 7.34
CA THR A 38 7.35 2.60 6.08
C THR A 38 6.06 3.19 5.54
N MET A 39 6.06 4.50 5.35
CA MET A 39 4.87 5.20 4.91
C MET A 39 4.82 5.31 3.40
N ILE A 40 3.81 4.70 2.81
CA ILE A 40 3.54 4.85 1.41
C ILE A 40 2.35 5.78 1.24
N ARG A 41 2.62 7.06 1.03
CA ARG A 41 1.57 8.05 0.96
C ARG A 41 1.33 8.52 -0.47
N GLY A 42 0.07 8.63 -0.84
CA GLY A 42 -0.27 8.98 -2.20
C GLY A 42 -0.58 7.75 -3.02
N ILE A 43 -1.42 6.88 -2.48
CA ILE A 43 -1.78 5.66 -3.16
C ILE A 43 -3.08 5.87 -3.94
N ARG A 44 -3.33 5.00 -4.90
CA ARG A 44 -4.54 5.08 -5.70
C ARG A 44 -5.10 3.68 -5.92
N LEU A 45 -6.38 3.61 -6.27
CA LEU A 45 -7.06 2.34 -6.40
C LEU A 45 -6.87 1.77 -7.80
N THR A 46 -6.63 0.47 -7.87
CA THR A 46 -6.45 -0.22 -9.14
C THR A 46 -7.75 -0.89 -9.55
N ASP A 47 -7.67 -1.91 -10.40
CA ASP A 47 -8.84 -2.70 -10.75
C ASP A 47 -8.99 -3.85 -9.79
N SER A 48 -8.04 -3.95 -8.86
CA SER A 48 -8.07 -4.95 -7.82
C SER A 48 -8.62 -4.34 -6.53
N GLU A 49 -9.28 -5.16 -5.73
CA GLU A 49 -9.80 -4.71 -4.44
C GLU A 49 -8.79 -5.06 -3.36
N ASP A 50 -7.86 -5.92 -3.71
CA ASP A 50 -6.86 -6.43 -2.79
C ASP A 50 -5.50 -5.83 -3.10
N GLU A 51 -5.43 -5.05 -4.17
CA GLU A 51 -4.17 -4.43 -4.58
C GLU A 51 -4.35 -2.92 -4.81
N ILE A 52 -3.30 -2.18 -4.53
CA ILE A 52 -3.27 -0.75 -4.79
C ILE A 52 -1.95 -0.39 -5.43
N GLU A 53 -1.82 0.87 -5.80
CA GLU A 53 -0.56 1.39 -6.27
C GLU A 53 -0.25 2.68 -5.54
N GLY A 54 0.97 2.84 -5.10
CA GLY A 54 1.30 4.03 -4.32
C GLY A 54 2.66 4.58 -4.68
N ARG A 55 3.07 5.63 -4.00
CA ARG A 55 4.37 6.22 -4.23
C ARG A 55 5.12 6.39 -2.92
N THR A 56 6.39 6.06 -2.94
CA THR A 56 7.23 6.18 -1.77
C THR A 56 8.15 7.39 -1.94
N ASP A 57 9.10 7.54 -1.04
CA ASP A 57 10.10 8.59 -1.15
C ASP A 57 11.06 8.28 -2.29
N LYS A 58 11.17 7.00 -2.63
CA LYS A 58 12.05 6.57 -3.71
C LYS A 58 11.25 6.13 -4.92
N ILE A 59 10.63 4.96 -4.81
CA ILE A 59 9.85 4.37 -5.89
C ILE A 59 8.45 4.97 -5.92
N LYS A 60 8.12 5.65 -7.01
CA LYS A 60 6.77 6.18 -7.17
C LYS A 60 6.01 5.36 -8.20
N GLY A 61 4.77 5.02 -7.88
CA GLY A 61 3.95 4.27 -8.81
C GLY A 61 4.25 2.79 -8.79
N LEU A 62 4.29 2.20 -7.60
CA LEU A 62 4.51 0.77 -7.48
C LEU A 62 3.24 0.10 -6.97
N VAL A 63 2.87 -1.00 -7.61
CA VAL A 63 1.64 -1.69 -7.28
C VAL A 63 1.90 -2.76 -6.24
N LEU A 64 1.17 -2.69 -5.14
CA LEU A 64 1.37 -3.61 -4.04
C LEU A 64 0.04 -4.11 -3.47
N ARG A 65 0.04 -5.36 -3.03
CA ARG A 65 -1.10 -5.90 -2.31
C ARG A 65 -1.31 -5.14 -1.02
N THR A 66 -2.53 -4.71 -0.78
CA THR A 66 -2.86 -3.93 0.39
C THR A 66 -3.10 -4.85 1.60
N GLU A 67 -2.52 -6.05 1.53
CA GLU A 67 -2.77 -7.07 2.54
C GLU A 67 -1.76 -6.93 3.67
N PHE A 68 -0.72 -6.19 3.39
CA PHE A 68 0.32 -5.93 4.38
C PHE A 68 0.46 -4.43 4.62
N LEU A 69 -0.54 -3.67 4.19
CA LEU A 69 -0.51 -2.24 4.34
C LEU A 69 -1.57 -1.79 5.31
N LYS A 70 -1.25 -0.74 6.02
CA LYS A 70 -2.14 -0.17 7.01
C LYS A 70 -2.51 1.24 6.60
N LYS A 71 -3.80 1.52 6.51
CA LYS A 71 -4.24 2.86 6.18
C LYS A 71 -3.75 3.82 7.24
N ALA A 72 -2.94 4.80 6.83
CA ALA A 72 -2.37 5.74 7.77
C ALA A 72 -3.48 6.60 8.37
N GLY A 73 -4.36 7.10 7.52
CA GLY A 73 -5.45 7.91 7.96
C GLY A 73 -5.82 8.96 6.94
N SER A 74 -5.92 10.19 7.36
CA SER A 74 -6.22 11.30 6.48
C SER A 74 -5.70 12.59 7.10
N MET A 1 -21.75 -0.98 -7.88
CA MET A 1 -20.32 -0.82 -8.20
C MET A 1 -19.49 -0.84 -6.92
N SER A 2 -18.96 -2.01 -6.57
CA SER A 2 -18.20 -2.15 -5.35
C SER A 2 -16.93 -2.98 -5.58
N ILE A 3 -15.82 -2.29 -5.76
CA ILE A 3 -14.50 -2.93 -5.75
C ILE A 3 -13.72 -2.41 -4.57
N GLU A 4 -14.34 -2.52 -3.40
CA GLU A 4 -13.80 -1.97 -2.16
C GLU A 4 -12.39 -2.45 -1.88
N VAL A 5 -11.50 -1.49 -1.71
CA VAL A 5 -10.12 -1.78 -1.36
C VAL A 5 -9.84 -1.25 0.04
N ARG A 6 -9.48 -2.13 0.95
CA ARG A 6 -9.26 -1.73 2.34
C ARG A 6 -7.84 -2.09 2.77
N ASP A 7 -7.47 -1.69 3.99
CA ASP A 7 -6.15 -1.97 4.53
C ASP A 7 -6.14 -3.34 5.20
N CYS A 8 -5.12 -3.59 6.01
CA CYS A 8 -4.99 -4.85 6.73
C CYS A 8 -6.15 -5.05 7.73
N ASN A 9 -6.79 -3.95 8.10
CA ASN A 9 -7.87 -3.99 9.08
C ASN A 9 -9.23 -4.07 8.40
N GLY A 10 -9.44 -3.19 7.44
CA GLY A 10 -10.72 -3.12 6.76
C GLY A 10 -11.16 -1.69 6.50
N ALA A 11 -10.25 -0.75 6.69
CA ALA A 11 -10.52 0.65 6.41
C ALA A 11 -10.35 0.92 4.92
N LEU A 12 -11.33 1.56 4.32
CA LEU A 12 -11.34 1.74 2.87
C LEU A 12 -10.31 2.77 2.41
N LEU A 13 -9.73 2.50 1.25
CA LEU A 13 -8.73 3.37 0.65
C LEU A 13 -9.29 4.02 -0.61
N ALA A 14 -8.59 5.04 -1.08
CA ALA A 14 -8.98 5.73 -2.31
C ALA A 14 -7.77 6.45 -2.90
N ASP A 15 -7.93 7.04 -4.07
CA ASP A 15 -6.85 7.81 -4.70
C ASP A 15 -6.50 9.02 -3.86
N GLY A 16 -5.24 9.11 -3.44
CA GLY A 16 -4.79 10.21 -2.63
C GLY A 16 -4.69 9.84 -1.17
N ASP A 17 -4.98 8.58 -0.87
CA ASP A 17 -4.96 8.09 0.51
C ASP A 17 -3.54 7.75 0.93
N ASN A 18 -3.36 7.41 2.19
CA ASN A 18 -2.05 7.07 2.71
C ASN A 18 -2.08 5.80 3.52
N VAL A 19 -1.02 5.02 3.39
CA VAL A 19 -0.87 3.78 4.13
C VAL A 19 0.56 3.65 4.63
N SER A 20 0.82 2.61 5.41
CA SER A 20 2.16 2.36 5.91
C SER A 20 2.35 0.86 6.16
N LEU A 21 3.59 0.41 6.03
CA LEU A 21 3.95 -1.01 6.21
C LEU A 21 3.65 -1.48 7.64
N ILE A 22 2.92 -2.59 7.75
CA ILE A 22 2.59 -3.16 9.06
C ILE A 22 3.66 -4.14 9.51
N LYS A 23 4.56 -4.47 8.60
CA LYS A 23 5.63 -5.43 8.84
C LYS A 23 6.72 -5.20 7.82
N ASP A 24 7.84 -5.90 7.96
CA ASP A 24 8.92 -5.80 6.99
C ASP A 24 8.66 -6.75 5.82
N LEU A 25 8.52 -6.20 4.62
CA LEU A 25 8.29 -7.00 3.42
C LEU A 25 9.49 -6.94 2.50
N LYS A 26 10.22 -8.03 2.41
CA LYS A 26 11.36 -8.09 1.52
C LYS A 26 10.94 -8.71 0.19
N LEU A 27 11.30 -8.04 -0.90
CA LEU A 27 10.86 -8.42 -2.23
C LEU A 27 11.67 -9.61 -2.76
N LYS A 28 11.04 -10.39 -3.63
CA LYS A 28 11.64 -11.60 -4.16
C LYS A 28 12.48 -11.30 -5.39
N GLY A 29 11.90 -10.53 -6.31
CA GLY A 29 12.56 -10.26 -7.58
C GLY A 29 13.69 -9.26 -7.48
N SER A 30 14.08 -8.95 -6.26
CA SER A 30 15.16 -8.01 -6.00
C SER A 30 15.71 -8.22 -4.58
N SER A 31 16.62 -7.36 -4.17
CA SER A 31 17.13 -7.39 -2.80
C SER A 31 16.50 -6.25 -2.01
N THR A 32 15.36 -5.78 -2.53
CA THR A 32 14.62 -4.70 -1.93
C THR A 32 13.94 -5.16 -0.64
N VAL A 33 14.49 -4.76 0.50
CA VAL A 33 13.92 -5.10 1.79
C VAL A 33 13.13 -3.92 2.34
N LEU A 34 11.80 -3.98 2.24
CA LEU A 34 10.97 -2.95 2.81
C LEU A 34 10.76 -3.20 4.28
N LYS A 35 10.77 -2.14 5.07
CA LYS A 35 10.65 -2.27 6.51
C LYS A 35 9.33 -1.73 7.01
N ARG A 36 8.94 -2.19 8.18
CA ARG A 36 7.74 -1.73 8.86
C ARG A 36 7.83 -0.24 9.14
N GLY A 37 6.71 0.45 9.08
CA GLY A 37 6.69 1.86 9.38
C GLY A 37 6.89 2.73 8.17
N THR A 38 7.21 2.10 7.04
CA THR A 38 7.38 2.83 5.79
C THR A 38 6.05 3.43 5.35
N MET A 39 5.96 4.75 5.36
CA MET A 39 4.76 5.43 4.96
C MET A 39 4.67 5.55 3.45
N ILE A 40 3.64 4.92 2.90
CA ILE A 40 3.35 5.03 1.48
C ILE A 40 2.10 5.87 1.29
N ARG A 41 2.27 7.14 0.96
CA ARG A 41 1.15 8.05 0.84
C ARG A 41 0.93 8.45 -0.62
N GLY A 42 -0.29 8.86 -0.92
CA GLY A 42 -0.65 9.21 -2.28
C GLY A 42 -1.02 7.98 -3.09
N ILE A 43 -1.54 6.97 -2.40
CA ILE A 43 -1.88 5.70 -3.04
C ILE A 43 -3.21 5.83 -3.77
N ARG A 44 -3.46 4.91 -4.68
CA ARG A 44 -4.71 4.90 -5.42
C ARG A 44 -5.20 3.48 -5.61
N LEU A 45 -6.45 3.36 -6.02
CA LEU A 45 -7.07 2.06 -6.23
C LEU A 45 -6.82 1.60 -7.66
N THR A 46 -6.51 0.33 -7.82
CA THR A 46 -6.28 -0.24 -9.14
C THR A 46 -7.56 -0.88 -9.66
N ASP A 47 -7.42 -1.78 -10.62
CA ASP A 47 -8.55 -2.58 -11.08
C ASP A 47 -8.76 -3.76 -10.13
N SER A 48 -7.84 -3.88 -9.19
CA SER A 48 -7.87 -4.93 -8.19
C SER A 48 -8.46 -4.41 -6.89
N GLU A 49 -9.16 -5.28 -6.18
CA GLU A 49 -9.74 -4.93 -4.88
C GLU A 49 -8.75 -5.26 -3.77
N ASP A 50 -7.75 -6.05 -4.11
CA ASP A 50 -6.73 -6.48 -3.15
C ASP A 50 -5.42 -5.74 -3.38
N GLU A 51 -5.37 -4.94 -4.44
CA GLU A 51 -4.14 -4.25 -4.80
C GLU A 51 -4.36 -2.76 -4.96
N ILE A 52 -3.35 -2.01 -4.58
CA ILE A 52 -3.34 -0.57 -4.76
C ILE A 52 -2.02 -0.16 -5.40
N GLU A 53 -1.90 1.09 -5.75
CA GLU A 53 -0.68 1.62 -6.31
C GLU A 53 -0.28 2.86 -5.54
N GLY A 54 0.97 2.94 -5.11
CA GLY A 54 1.39 4.05 -4.32
C GLY A 54 2.82 4.46 -4.60
N ARG A 55 3.38 5.28 -3.73
CA ARG A 55 4.70 5.81 -3.96
C ARG A 55 5.42 6.11 -2.65
N THR A 56 6.73 5.96 -2.68
CA THR A 56 7.57 6.15 -1.51
C THR A 56 8.60 7.22 -1.82
N ASP A 57 9.56 7.39 -0.92
CA ASP A 57 10.65 8.32 -1.14
C ASP A 57 11.43 7.94 -2.39
N LYS A 58 11.76 6.66 -2.51
CA LYS A 58 12.47 6.17 -3.68
C LYS A 58 11.50 5.58 -4.70
N ILE A 59 10.93 4.44 -4.34
CA ILE A 59 10.05 3.72 -5.26
C ILE A 59 8.72 4.41 -5.35
N LYS A 60 8.51 5.15 -6.41
CA LYS A 60 7.25 5.85 -6.60
C LYS A 60 6.56 5.35 -7.85
N GLY A 61 5.39 4.78 -7.68
CA GLY A 61 4.69 4.17 -8.78
C GLY A 61 4.78 2.67 -8.73
N LEU A 62 4.61 2.11 -7.54
CA LEU A 62 4.66 0.68 -7.37
C LEU A 62 3.29 0.15 -6.92
N VAL A 63 2.85 -0.90 -7.58
CA VAL A 63 1.57 -1.52 -7.27
C VAL A 63 1.77 -2.62 -6.24
N LEU A 64 1.06 -2.52 -5.14
CA LEU A 64 1.19 -3.49 -4.06
C LEU A 64 -0.14 -3.97 -3.54
N ARG A 65 -0.17 -5.22 -3.13
CA ARG A 65 -1.31 -5.77 -2.43
C ARG A 65 -1.47 -5.08 -1.09
N THR A 66 -2.68 -4.65 -0.81
CA THR A 66 -2.96 -3.87 0.39
C THR A 66 -3.24 -4.79 1.58
N GLU A 67 -2.58 -5.95 1.62
CA GLU A 67 -2.81 -6.91 2.70
C GLU A 67 -1.92 -6.58 3.87
N PHE A 68 -0.78 -6.00 3.56
CA PHE A 68 0.24 -5.72 4.57
C PHE A 68 0.41 -4.23 4.76
N LEU A 69 -0.58 -3.46 4.35
CA LEU A 69 -0.52 -2.02 4.47
C LEU A 69 -1.57 -1.54 5.46
N LYS A 70 -1.23 -0.52 6.19
CA LYS A 70 -2.11 0.05 7.19
C LYS A 70 -2.51 1.45 6.78
N LYS A 71 -3.80 1.69 6.66
CA LYS A 71 -4.31 3.03 6.35
C LYS A 71 -3.83 4.00 7.42
N ALA A 72 -3.10 5.02 7.01
CA ALA A 72 -2.50 5.96 7.95
C ALA A 72 -3.53 6.95 8.46
N GLY A 73 -4.06 6.69 9.64
CA GLY A 73 -5.08 7.54 10.19
C GLY A 73 -4.82 7.88 11.63
N SER A 74 -3.55 7.81 12.02
CA SER A 74 -3.16 8.12 13.38
C SER A 74 -3.37 9.61 13.66
N MET A 1 -18.09 -6.16 -9.32
CA MET A 1 -18.74 -4.89 -9.68
C MET A 1 -18.05 -3.72 -8.99
N SER A 2 -17.70 -3.90 -7.72
CA SER A 2 -17.06 -2.84 -6.95
C SER A 2 -15.59 -3.19 -6.72
N ILE A 3 -14.77 -2.17 -6.57
CA ILE A 3 -13.36 -2.38 -6.27
C ILE A 3 -12.98 -1.72 -4.96
N GLU A 4 -13.86 -1.85 -3.96
CA GLU A 4 -13.60 -1.29 -2.65
C GLU A 4 -12.35 -1.88 -2.04
N VAL A 5 -11.33 -1.06 -1.93
CA VAL A 5 -10.06 -1.48 -1.40
C VAL A 5 -9.99 -1.18 0.09
N ARG A 6 -9.57 -2.15 0.89
CA ARG A 6 -9.45 -1.96 2.33
C ARG A 6 -8.09 -2.50 2.78
N ASP A 7 -7.55 -1.91 3.84
CA ASP A 7 -6.20 -2.26 4.30
C ASP A 7 -6.22 -3.58 5.08
N CYS A 8 -5.16 -3.84 5.84
CA CYS A 8 -5.06 -5.08 6.60
C CYS A 8 -6.04 -5.05 7.78
N ASN A 9 -6.54 -3.86 8.08
CA ASN A 9 -7.54 -3.68 9.12
C ASN A 9 -8.92 -3.90 8.53
N GLY A 10 -9.20 -3.16 7.47
CA GLY A 10 -10.52 -3.16 6.88
C GLY A 10 -11.01 -1.76 6.61
N ALA A 11 -10.12 -0.78 6.74
CA ALA A 11 -10.45 0.60 6.44
C ALA A 11 -10.40 0.84 4.95
N LEU A 12 -11.42 1.47 4.42
CA LEU A 12 -11.51 1.71 2.98
C LEU A 12 -10.52 2.75 2.51
N LEU A 13 -9.85 2.45 1.41
CA LEU A 13 -8.89 3.34 0.79
C LEU A 13 -9.52 4.01 -0.41
N ALA A 14 -8.92 5.07 -0.88
CA ALA A 14 -9.41 5.78 -2.05
C ALA A 14 -8.28 6.42 -2.81
N ASP A 15 -8.61 7.05 -3.93
CA ASP A 15 -7.62 7.75 -4.74
C ASP A 15 -7.05 8.94 -3.98
N GLY A 16 -5.76 8.91 -3.73
CA GLY A 16 -5.12 9.98 -2.97
C GLY A 16 -5.09 9.66 -1.50
N ASP A 17 -5.03 8.37 -1.17
CA ASP A 17 -5.02 7.93 0.21
C ASP A 17 -3.59 7.60 0.64
N ASN A 18 -3.41 7.28 1.92
CA ASN A 18 -2.09 6.97 2.46
C ASN A 18 -2.10 5.70 3.28
N VAL A 19 -1.04 4.93 3.15
CA VAL A 19 -0.86 3.68 3.87
C VAL A 19 0.57 3.58 4.39
N SER A 20 0.82 2.54 5.17
CA SER A 20 2.16 2.29 5.69
C SER A 20 2.37 0.80 5.98
N LEU A 21 3.62 0.36 5.87
CA LEU A 21 3.97 -1.05 6.08
C LEU A 21 3.71 -1.50 7.51
N ILE A 22 3.00 -2.62 7.67
CA ILE A 22 2.72 -3.16 8.99
C ILE A 22 3.81 -4.15 9.41
N LYS A 23 4.73 -4.41 8.49
CA LYS A 23 5.85 -5.32 8.71
C LYS A 23 6.88 -5.10 7.62
N ASP A 24 7.96 -5.86 7.66
CA ASP A 24 9.00 -5.75 6.63
C ASP A 24 8.71 -6.73 5.51
N LEU A 25 8.45 -6.23 4.32
CA LEU A 25 8.13 -7.07 3.18
C LEU A 25 9.25 -7.07 2.16
N LYS A 26 9.84 -8.22 1.93
CA LYS A 26 10.87 -8.35 0.92
C LYS A 26 10.27 -8.93 -0.35
N LEU A 27 10.55 -8.28 -1.45
CA LEU A 27 9.93 -8.60 -2.73
C LEU A 27 10.87 -9.37 -3.64
N LYS A 28 10.28 -10.14 -4.54
CA LYS A 28 11.04 -10.92 -5.52
C LYS A 28 11.41 -10.05 -6.72
N GLY A 29 12.59 -10.30 -7.26
CA GLY A 29 13.05 -9.54 -8.42
C GLY A 29 14.53 -9.26 -8.32
N SER A 30 14.91 -8.54 -7.29
CA SER A 30 16.31 -8.26 -7.02
C SER A 30 16.62 -8.62 -5.58
N SER A 31 16.21 -7.75 -4.67
CA SER A 31 16.39 -7.96 -3.24
C SER A 31 15.72 -6.81 -2.49
N THR A 32 14.52 -6.45 -2.95
CA THR A 32 13.82 -5.29 -2.42
C THR A 32 13.23 -5.61 -1.04
N VAL A 33 13.87 -5.11 0.01
CA VAL A 33 13.41 -5.36 1.36
C VAL A 33 12.75 -4.11 1.92
N LEU A 34 11.43 -4.08 1.93
CA LEU A 34 10.70 -2.98 2.53
C LEU A 34 10.63 -3.17 4.02
N LYS A 35 10.63 -2.09 4.77
CA LYS A 35 10.66 -2.17 6.22
C LYS A 35 9.35 -1.72 6.85
N ARG A 36 9.12 -2.15 8.07
CA ARG A 36 7.94 -1.76 8.82
C ARG A 36 7.93 -0.26 9.08
N GLY A 37 6.76 0.35 8.98
CA GLY A 37 6.65 1.77 9.22
C GLY A 37 6.89 2.60 7.98
N THR A 38 7.26 1.96 6.88
CA THR A 38 7.46 2.65 5.62
C THR A 38 6.13 3.24 5.14
N MET A 39 6.06 4.57 5.11
CA MET A 39 4.85 5.24 4.68
C MET A 39 4.75 5.29 3.17
N ILE A 40 3.70 4.68 2.67
CA ILE A 40 3.36 4.77 1.26
C ILE A 40 2.15 5.68 1.11
N ARG A 41 2.40 6.95 0.93
CA ARG A 41 1.34 7.93 0.84
C ARG A 41 1.08 8.30 -0.61
N GLY A 42 -0.08 8.89 -0.87
CA GLY A 42 -0.44 9.24 -2.22
C GLY A 42 -0.66 8.02 -3.09
N ILE A 43 -1.45 7.09 -2.58
CA ILE A 43 -1.76 5.87 -3.31
C ILE A 43 -3.05 6.06 -4.10
N ARG A 44 -3.28 5.18 -5.05
CA ARG A 44 -4.51 5.20 -5.82
C ARG A 44 -5.04 3.78 -5.96
N LEU A 45 -6.33 3.67 -6.24
CA LEU A 45 -6.96 2.38 -6.34
C LEU A 45 -6.72 1.78 -7.71
N THR A 46 -6.28 0.53 -7.74
CA THR A 46 -5.97 -0.13 -8.99
C THR A 46 -7.22 -0.81 -9.54
N ASP A 47 -7.02 -1.80 -10.41
CA ASP A 47 -8.13 -2.58 -10.94
C ASP A 47 -8.44 -3.71 -9.97
N SER A 48 -7.55 -3.85 -8.98
CA SER A 48 -7.68 -4.85 -7.93
C SER A 48 -8.32 -4.23 -6.68
N GLU A 49 -9.03 -5.05 -5.92
CA GLU A 49 -9.63 -4.60 -4.67
C GLU A 49 -8.66 -4.83 -3.52
N ASP A 50 -7.74 -5.76 -3.73
CA ASP A 50 -6.81 -6.16 -2.69
C ASP A 50 -5.46 -5.52 -2.91
N GLU A 51 -5.36 -4.71 -3.95
CA GLU A 51 -4.11 -4.08 -4.31
C GLU A 51 -4.29 -2.60 -4.59
N ILE A 52 -3.28 -1.84 -4.21
CA ILE A 52 -3.23 -0.42 -4.50
C ILE A 52 -1.88 -0.07 -5.09
N GLU A 53 -1.81 1.01 -5.82
CA GLU A 53 -0.55 1.47 -6.35
C GLU A 53 -0.19 2.78 -5.70
N GLY A 54 0.99 2.85 -5.13
CA GLY A 54 1.37 4.03 -4.40
C GLY A 54 2.79 4.45 -4.68
N ARG A 55 3.32 5.25 -3.79
CA ARG A 55 4.66 5.77 -3.92
C ARG A 55 5.28 5.99 -2.55
N THR A 56 6.56 5.76 -2.48
CA THR A 56 7.30 5.94 -1.25
C THR A 56 8.25 7.11 -1.41
N ASP A 57 9.15 7.30 -0.46
CA ASP A 57 10.14 8.37 -0.54
C ASP A 57 11.27 7.98 -1.49
N LYS A 58 11.06 6.90 -2.23
CA LYS A 58 12.02 6.46 -3.24
C LYS A 58 11.29 5.80 -4.40
N ILE A 59 10.50 4.78 -4.11
CA ILE A 59 9.82 3.99 -5.13
C ILE A 59 8.45 4.56 -5.43
N LYS A 60 8.33 5.24 -6.55
CA LYS A 60 7.05 5.81 -6.96
C LYS A 60 6.39 4.92 -7.99
N GLY A 61 5.12 4.59 -7.76
CA GLY A 61 4.36 3.84 -8.74
C GLY A 61 4.56 2.35 -8.62
N LEU A 62 4.48 1.84 -7.40
CA LEU A 62 4.59 0.41 -7.18
C LEU A 62 3.24 -0.15 -6.72
N VAL A 63 2.83 -1.24 -7.34
CA VAL A 63 1.53 -1.84 -7.05
C VAL A 63 1.67 -2.90 -5.98
N LEU A 64 1.06 -2.65 -4.84
CA LEU A 64 1.16 -3.57 -3.73
C LEU A 64 -0.19 -3.94 -3.17
N ARG A 65 -0.35 -5.21 -2.91
CA ARG A 65 -1.46 -5.71 -2.14
C ARG A 65 -1.49 -5.04 -0.78
N THR A 66 -2.64 -4.54 -0.41
CA THR A 66 -2.79 -3.76 0.80
C THR A 66 -3.09 -4.68 1.99
N GLU A 67 -2.62 -5.93 1.92
CA GLU A 67 -2.91 -6.91 2.96
C GLU A 67 -1.89 -6.80 4.06
N PHE A 68 -0.82 -6.12 3.73
CA PHE A 68 0.25 -5.86 4.68
C PHE A 68 0.44 -4.37 4.87
N LEU A 69 -0.57 -3.61 4.49
CA LEU A 69 -0.50 -2.17 4.58
C LEU A 69 -1.55 -1.67 5.56
N LYS A 70 -1.23 -0.58 6.21
CA LYS A 70 -2.11 0.04 7.17
C LYS A 70 -2.51 1.41 6.68
N LYS A 71 -3.80 1.68 6.62
CA LYS A 71 -4.28 3.02 6.28
C LYS A 71 -3.83 3.98 7.37
N ALA A 72 -3.10 5.01 6.97
CA ALA A 72 -2.53 5.94 7.92
C ALA A 72 -3.59 6.89 8.47
N GLY A 73 -3.77 6.86 9.79
CA GLY A 73 -4.75 7.71 10.43
C GLY A 73 -5.82 6.91 11.14
N SER A 74 -6.22 5.79 10.54
CA SER A 74 -7.26 4.94 11.10
C SER A 74 -6.78 3.50 11.13
N MET A 1 -20.42 -2.16 -10.15
CA MET A 1 -18.95 -2.21 -9.98
C MET A 1 -18.56 -1.82 -8.57
N SER A 2 -18.23 -2.81 -7.76
CA SER A 2 -17.84 -2.58 -6.39
C SER A 2 -16.55 -3.32 -6.07
N ILE A 3 -15.43 -2.68 -6.39
CA ILE A 3 -14.12 -3.25 -6.11
C ILE A 3 -13.47 -2.49 -4.97
N GLU A 4 -14.22 -2.35 -3.89
CA GLU A 4 -13.79 -1.60 -2.72
C GLU A 4 -12.46 -2.13 -2.19
N VAL A 5 -11.52 -1.23 -2.03
CA VAL A 5 -10.19 -1.59 -1.56
C VAL A 5 -9.99 -1.08 -0.14
N ARG A 6 -9.52 -1.95 0.76
CA ARG A 6 -9.30 -1.56 2.15
C ARG A 6 -7.93 -2.00 2.61
N ASP A 7 -7.48 -1.46 3.74
CA ASP A 7 -6.19 -1.80 4.32
C ASP A 7 -6.26 -3.13 5.07
N CYS A 8 -5.23 -3.41 5.87
CA CYS A 8 -5.17 -4.63 6.66
C CYS A 8 -6.33 -4.70 7.66
N ASN A 9 -6.74 -3.55 8.19
CA ASN A 9 -7.79 -3.50 9.17
C ASN A 9 -9.15 -3.58 8.52
N GLY A 10 -9.30 -2.90 7.40
CA GLY A 10 -10.57 -2.93 6.69
C GLY A 10 -11.10 -1.53 6.42
N ALA A 11 -10.21 -0.55 6.47
CA ALA A 11 -10.59 0.82 6.17
C ALA A 11 -10.38 1.10 4.70
N LEU A 12 -11.39 1.69 4.07
CA LEU A 12 -11.39 1.88 2.62
C LEU A 12 -10.37 2.92 2.18
N LEU A 13 -9.76 2.65 1.04
CA LEU A 13 -8.74 3.52 0.48
C LEU A 13 -9.28 4.24 -0.76
N ALA A 14 -8.47 5.16 -1.29
CA ALA A 14 -8.82 5.90 -2.49
C ALA A 14 -7.58 6.59 -3.05
N ASP A 15 -7.71 7.24 -4.21
CA ASP A 15 -6.61 8.01 -4.78
C ASP A 15 -6.21 9.15 -3.85
N GLY A 16 -4.93 9.19 -3.51
CA GLY A 16 -4.43 10.22 -2.63
C GLY A 16 -4.54 9.83 -1.17
N ASP A 17 -4.75 8.55 -0.92
CA ASP A 17 -4.85 8.04 0.44
C ASP A 17 -3.47 7.64 0.93
N ASN A 18 -3.35 7.32 2.21
CA ASN A 18 -2.05 6.99 2.79
C ASN A 18 -2.10 5.62 3.44
N VAL A 19 -0.98 4.93 3.35
CA VAL A 19 -0.81 3.63 3.98
C VAL A 19 0.63 3.48 4.46
N SER A 20 0.89 2.41 5.20
CA SER A 20 2.24 2.16 5.71
C SER A 20 2.44 0.67 5.96
N LEU A 21 3.70 0.25 5.96
CA LEU A 21 4.06 -1.15 6.17
C LEU A 21 3.82 -1.59 7.61
N ILE A 22 3.10 -2.70 7.78
CA ILE A 22 2.82 -3.23 9.12
C ILE A 22 3.89 -4.24 9.54
N LYS A 23 4.72 -4.61 8.59
CA LYS A 23 5.80 -5.56 8.82
C LYS A 23 6.86 -5.38 7.76
N ASP A 24 7.95 -6.13 7.87
CA ASP A 24 9.01 -6.06 6.87
C ASP A 24 8.68 -7.00 5.72
N LEU A 25 8.53 -6.43 4.52
CA LEU A 25 8.25 -7.22 3.32
C LEU A 25 9.42 -7.13 2.37
N LYS A 26 10.14 -8.22 2.21
CA LYS A 26 11.31 -8.25 1.34
C LYS A 26 10.91 -8.66 -0.06
N LEU A 27 11.57 -8.08 -1.05
CA LEU A 27 11.30 -8.36 -2.44
C LEU A 27 12.29 -9.39 -2.98
N LYS A 28 11.81 -10.29 -3.83
CA LYS A 28 12.67 -11.30 -4.41
C LYS A 28 13.43 -10.74 -5.62
N GLY A 29 14.50 -11.42 -6.00
CA GLY A 29 15.29 -10.99 -7.14
C GLY A 29 16.53 -10.25 -6.73
N SER A 30 16.36 -9.28 -5.85
CA SER A 30 17.48 -8.50 -5.33
C SER A 30 17.33 -8.31 -3.83
N SER A 31 18.30 -7.63 -3.22
CA SER A 31 18.34 -7.49 -1.77
C SER A 31 17.47 -6.33 -1.28
N THR A 32 16.29 -6.17 -1.86
CA THR A 32 15.39 -5.10 -1.47
C THR A 32 14.47 -5.55 -0.34
N VAL A 33 14.76 -5.09 0.86
CA VAL A 33 13.99 -5.46 2.04
C VAL A 33 13.22 -4.26 2.58
N LEU A 34 11.93 -4.20 2.32
CA LEU A 34 11.10 -3.13 2.87
C LEU A 34 10.83 -3.41 4.34
N LYS A 35 10.83 -2.37 5.14
CA LYS A 35 10.71 -2.51 6.58
C LYS A 35 9.38 -1.99 7.10
N ARG A 36 9.04 -2.46 8.28
CA ARG A 36 7.87 -2.00 9.01
C ARG A 36 7.98 -0.50 9.28
N GLY A 37 6.88 0.20 9.08
CA GLY A 37 6.88 1.64 9.31
C GLY A 37 7.08 2.44 8.04
N THR A 38 7.44 1.77 6.96
CA THR A 38 7.59 2.44 5.67
C THR A 38 6.28 3.10 5.25
N MET A 39 6.30 4.42 5.16
CA MET A 39 5.12 5.17 4.82
C MET A 39 4.96 5.31 3.31
N ILE A 40 3.81 4.86 2.83
CA ILE A 40 3.45 5.03 1.43
C ILE A 40 2.24 5.95 1.35
N ARG A 41 2.49 7.23 1.12
CA ARG A 41 1.41 8.21 1.07
C ARG A 41 1.17 8.66 -0.36
N GLY A 42 -0.11 8.75 -0.72
CA GLY A 42 -0.46 9.12 -2.07
C GLY A 42 -0.75 7.90 -2.93
N ILE A 43 -1.43 6.92 -2.34
CA ILE A 43 -1.74 5.68 -3.02
C ILE A 43 -3.01 5.85 -3.84
N ARG A 44 -3.27 4.89 -4.70
CA ARG A 44 -4.45 4.93 -5.55
C ARG A 44 -5.01 3.52 -5.74
N LEU A 45 -6.28 3.44 -6.11
CA LEU A 45 -6.94 2.16 -6.27
C LEU A 45 -6.66 1.58 -7.65
N THR A 46 -6.89 0.28 -7.79
CA THR A 46 -6.71 -0.39 -9.06
C THR A 46 -7.98 -1.15 -9.44
N ASP A 47 -7.90 -2.01 -10.44
CA ASP A 47 -9.03 -2.86 -10.80
C ASP A 47 -9.11 -4.03 -9.83
N SER A 48 -8.10 -4.12 -8.96
CA SER A 48 -8.04 -5.14 -7.94
C SER A 48 -8.56 -4.59 -6.61
N GLU A 49 -9.20 -5.45 -5.83
CA GLU A 49 -9.78 -5.04 -4.55
C GLU A 49 -8.77 -5.19 -3.43
N ASP A 50 -7.81 -6.06 -3.64
CA ASP A 50 -6.83 -6.39 -2.60
C ASP A 50 -5.48 -5.75 -2.93
N GLU A 51 -5.39 -5.11 -4.07
CA GLU A 51 -4.14 -4.50 -4.51
C GLU A 51 -4.33 -3.01 -4.76
N ILE A 52 -3.29 -2.25 -4.49
CA ILE A 52 -3.27 -0.82 -4.75
C ILE A 52 -1.97 -0.44 -5.43
N GLU A 53 -1.84 0.82 -5.76
CA GLU A 53 -0.62 1.34 -6.32
C GLU A 53 -0.27 2.61 -5.57
N GLY A 54 0.95 2.71 -5.07
CA GLY A 54 1.29 3.85 -4.26
C GLY A 54 2.66 4.40 -4.54
N ARG A 55 3.04 5.46 -3.85
CA ARG A 55 4.34 6.07 -4.03
C ARG A 55 4.97 6.42 -2.70
N THR A 56 6.26 6.21 -2.63
CA THR A 56 7.06 6.53 -1.45
C THR A 56 7.91 7.75 -1.77
N ASP A 57 8.84 8.08 -0.89
CA ASP A 57 9.78 9.16 -1.14
C ASP A 57 10.85 8.71 -2.14
N LYS A 58 10.95 7.39 -2.30
CA LYS A 58 11.93 6.79 -3.18
C LYS A 58 11.26 6.09 -4.35
N ILE A 59 10.65 4.94 -4.08
CA ILE A 59 9.90 4.19 -5.09
C ILE A 59 8.53 4.83 -5.28
N LYS A 60 8.31 5.47 -6.40
CA LYS A 60 7.02 6.10 -6.64
C LYS A 60 6.29 5.38 -7.78
N GLY A 61 5.10 4.90 -7.48
CA GLY A 61 4.31 4.24 -8.50
C GLY A 61 4.53 2.74 -8.53
N LEU A 62 4.43 2.10 -7.38
CA LEU A 62 4.58 0.66 -7.30
C LEU A 62 3.27 0.02 -6.86
N VAL A 63 2.88 -1.06 -7.54
CA VAL A 63 1.63 -1.73 -7.25
C VAL A 63 1.85 -2.81 -6.21
N LEU A 64 1.17 -2.68 -5.08
CA LEU A 64 1.32 -3.61 -3.98
C LEU A 64 -0.02 -4.04 -3.43
N ARG A 65 -0.09 -5.31 -3.05
CA ARG A 65 -1.25 -5.82 -2.34
C ARG A 65 -1.36 -5.13 -0.99
N THR A 66 -2.55 -4.67 -0.69
CA THR A 66 -2.78 -3.89 0.51
C THR A 66 -3.11 -4.79 1.71
N GLU A 67 -2.60 -6.03 1.68
CA GLU A 67 -2.88 -6.99 2.74
C GLU A 67 -1.99 -6.68 3.93
N PHE A 68 -0.85 -6.11 3.61
CA PHE A 68 0.17 -5.82 4.61
C PHE A 68 0.34 -4.33 4.78
N LEU A 69 -0.63 -3.56 4.31
CA LEU A 69 -0.56 -2.12 4.40
C LEU A 69 -1.61 -1.60 5.36
N LYS A 70 -1.21 -0.61 6.10
CA LYS A 70 -2.06 -0.02 7.12
C LYS A 70 -2.46 1.38 6.68
N LYS A 71 -3.76 1.62 6.58
CA LYS A 71 -4.25 2.96 6.26
C LYS A 71 -3.77 3.93 7.32
N ALA A 72 -3.03 4.95 6.89
CA ALA A 72 -2.44 5.91 7.83
C ALA A 72 -3.48 6.90 8.33
N GLY A 73 -4.44 6.39 9.11
CA GLY A 73 -5.47 7.21 9.68
C GLY A 73 -5.96 6.63 10.99
N SER A 74 -5.95 7.44 12.03
CA SER A 74 -6.37 7.00 13.34
C SER A 74 -7.02 8.15 14.09
N MET A 1 -20.30 -1.96 -10.10
CA MET A 1 -19.04 -1.33 -9.66
C MET A 1 -18.78 -1.62 -8.18
N SER A 2 -17.90 -2.57 -7.92
CA SER A 2 -17.54 -2.91 -6.56
C SER A 2 -16.09 -3.41 -6.51
N ILE A 3 -15.18 -2.50 -6.18
CA ILE A 3 -13.77 -2.83 -6.06
C ILE A 3 -13.19 -2.19 -4.81
N GLU A 4 -14.04 -1.98 -3.80
CA GLU A 4 -13.64 -1.31 -2.56
C GLU A 4 -12.36 -1.91 -1.99
N VAL A 5 -11.30 -1.12 -2.01
CA VAL A 5 -10.02 -1.55 -1.47
C VAL A 5 -9.88 -1.07 -0.03
N ARG A 6 -9.44 -1.97 0.84
CA ARG A 6 -9.26 -1.63 2.26
C ARG A 6 -7.88 -2.08 2.72
N ASP A 7 -7.46 -1.61 3.88
CA ASP A 7 -6.17 -2.01 4.44
C ASP A 7 -6.29 -3.36 5.15
N CYS A 8 -5.21 -3.79 5.79
CA CYS A 8 -5.18 -5.04 6.52
C CYS A 8 -6.26 -5.09 7.61
N ASN A 9 -6.56 -3.94 8.21
CA ASN A 9 -7.54 -3.85 9.26
C ASN A 9 -8.95 -3.83 8.70
N GLY A 10 -9.14 -3.07 7.64
CA GLY A 10 -10.43 -3.00 6.99
C GLY A 10 -10.90 -1.57 6.76
N ALA A 11 -9.96 -0.64 6.79
CA ALA A 11 -10.27 0.74 6.52
C ALA A 11 -10.19 1.01 5.02
N LEU A 12 -11.24 1.59 4.47
CA LEU A 12 -11.34 1.83 3.04
C LEU A 12 -10.28 2.84 2.57
N LEU A 13 -9.76 2.59 1.38
CA LEU A 13 -8.77 3.46 0.77
C LEU A 13 -9.39 4.16 -0.43
N ALA A 14 -8.67 5.11 -0.99
CA ALA A 14 -9.15 5.84 -2.15
C ALA A 14 -7.98 6.37 -2.97
N ASP A 15 -8.30 7.04 -4.07
CA ASP A 15 -7.27 7.63 -4.92
C ASP A 15 -6.71 8.89 -4.27
N GLY A 16 -5.45 8.82 -3.84
CA GLY A 16 -4.84 9.92 -3.12
C GLY A 16 -4.80 9.65 -1.63
N ASP A 17 -4.85 8.38 -1.27
CA ASP A 17 -4.86 7.97 0.14
C ASP A 17 -3.45 7.62 0.60
N ASN A 18 -3.30 7.29 1.86
CA ASN A 18 -1.99 6.97 2.40
C ASN A 18 -2.03 5.74 3.28
N VAL A 19 -1.00 4.91 3.15
CA VAL A 19 -0.88 3.70 3.94
C VAL A 19 0.55 3.56 4.47
N SER A 20 0.79 2.53 5.27
CA SER A 20 2.12 2.27 5.79
C SER A 20 2.33 0.77 6.02
N LEU A 21 3.59 0.36 6.03
CA LEU A 21 3.97 -1.04 6.19
C LEU A 21 3.68 -1.55 7.59
N ILE A 22 2.96 -2.66 7.68
CA ILE A 22 2.68 -3.30 8.97
C ILE A 22 3.74 -4.36 9.27
N LYS A 23 4.57 -4.65 8.27
CA LYS A 23 5.60 -5.66 8.39
C LYS A 23 6.85 -5.21 7.65
N ASP A 24 7.87 -6.04 7.67
CA ASP A 24 9.06 -5.80 6.88
C ASP A 24 8.98 -6.63 5.61
N LEU A 25 8.50 -6.03 4.54
CA LEU A 25 8.35 -6.72 3.27
C LEU A 25 9.55 -6.44 2.39
N LYS A 26 10.39 -7.44 2.20
CA LYS A 26 11.59 -7.27 1.41
C LYS A 26 11.29 -7.59 -0.05
N LEU A 27 11.67 -6.66 -0.93
CA LEU A 27 11.37 -6.78 -2.35
C LEU A 27 12.06 -8.00 -2.94
N LYS A 28 11.32 -8.73 -3.76
CA LYS A 28 11.84 -9.96 -4.36
C LYS A 28 12.65 -9.64 -5.61
N GLY A 29 13.94 -9.91 -5.54
CA GLY A 29 14.82 -9.65 -6.66
C GLY A 29 15.59 -8.36 -6.49
N SER A 30 15.46 -7.76 -5.31
CA SER A 30 16.20 -6.55 -4.98
C SER A 30 16.46 -6.48 -3.48
N SER A 31 17.51 -5.78 -3.09
CA SER A 31 17.91 -5.68 -1.69
C SER A 31 17.11 -4.60 -0.95
N THR A 32 16.00 -4.16 -1.53
CA THR A 32 15.15 -3.17 -0.89
C THR A 32 14.27 -3.82 0.16
N VAL A 33 14.62 -3.63 1.41
CA VAL A 33 13.83 -4.15 2.51
C VAL A 33 12.85 -3.08 2.98
N LEU A 34 11.59 -3.22 2.62
CA LEU A 34 10.58 -2.27 3.05
C LEU A 34 10.15 -2.61 4.47
N LYS A 35 10.84 -1.99 5.41
CA LYS A 35 10.69 -2.29 6.82
C LYS A 35 9.36 -1.79 7.38
N ARG A 36 8.98 -2.35 8.50
CA ARG A 36 7.78 -1.96 9.20
C ARG A 36 7.81 -0.47 9.53
N GLY A 37 6.72 0.23 9.27
CA GLY A 37 6.67 1.65 9.52
C GLY A 37 6.90 2.48 8.28
N THR A 38 7.29 1.83 7.18
CA THR A 38 7.48 2.53 5.91
C THR A 38 6.18 3.17 5.46
N MET A 39 6.18 4.48 5.31
CA MET A 39 4.99 5.20 4.89
C MET A 39 4.90 5.27 3.39
N ILE A 40 3.80 4.76 2.86
CA ILE A 40 3.49 4.88 1.45
C ILE A 40 2.26 5.76 1.30
N ARG A 41 2.47 7.05 1.13
CA ARG A 41 1.36 7.98 1.03
C ARG A 41 1.24 8.53 -0.38
N GLY A 42 0.02 8.58 -0.86
CA GLY A 42 -0.21 8.92 -2.25
C GLY A 42 -0.55 7.68 -3.05
N ILE A 43 -1.39 6.83 -2.49
CA ILE A 43 -1.78 5.59 -3.13
C ILE A 43 -3.11 5.76 -3.82
N ARG A 44 -3.39 4.92 -4.79
CA ARG A 44 -4.66 4.95 -5.48
C ARG A 44 -5.22 3.56 -5.65
N LEU A 45 -6.54 3.48 -5.81
CA LEU A 45 -7.21 2.23 -6.05
C LEU A 45 -6.99 1.81 -7.49
N THR A 46 -6.95 0.52 -7.72
CA THR A 46 -6.74 0.00 -9.07
C THR A 46 -7.96 -0.83 -9.47
N ASP A 47 -7.83 -1.57 -10.56
CA ASP A 47 -8.88 -2.51 -10.96
C ASP A 47 -8.84 -3.75 -10.07
N SER A 48 -7.86 -3.78 -9.18
CA SER A 48 -7.77 -4.81 -8.17
C SER A 48 -8.29 -4.28 -6.85
N GLU A 49 -9.05 -5.11 -6.14
CA GLU A 49 -9.63 -4.71 -4.87
C GLU A 49 -8.71 -5.11 -3.73
N ASP A 50 -7.76 -5.99 -4.03
CA ASP A 50 -6.81 -6.46 -3.02
C ASP A 50 -5.44 -5.82 -3.26
N GLU A 51 -5.33 -5.06 -4.34
CA GLU A 51 -4.08 -4.39 -4.69
C GLU A 51 -4.31 -2.90 -4.89
N ILE A 52 -3.31 -2.13 -4.52
CA ILE A 52 -3.29 -0.70 -4.78
C ILE A 52 -1.97 -0.30 -5.40
N GLU A 53 -1.87 0.92 -5.83
CA GLU A 53 -0.62 1.45 -6.33
C GLU A 53 -0.28 2.72 -5.58
N GLY A 54 0.94 2.81 -5.08
CA GLY A 54 1.33 3.95 -4.29
C GLY A 54 2.70 4.46 -4.63
N ARG A 55 3.22 5.34 -3.78
CA ARG A 55 4.53 5.92 -3.99
C ARG A 55 5.19 6.21 -2.66
N THR A 56 6.50 6.04 -2.63
CA THR A 56 7.28 6.25 -1.42
C THR A 56 8.25 7.41 -1.65
N ASP A 57 9.16 7.61 -0.69
CA ASP A 57 10.21 8.60 -0.80
C ASP A 57 11.12 8.28 -1.99
N LYS A 58 11.18 7.00 -2.35
CA LYS A 58 12.07 6.53 -3.40
C LYS A 58 11.27 5.89 -4.54
N ILE A 59 10.73 4.71 -4.25
CA ILE A 59 9.95 3.97 -5.25
C ILE A 59 8.58 4.62 -5.42
N LYS A 60 8.37 5.25 -6.56
CA LYS A 60 7.09 5.86 -6.85
C LYS A 60 6.37 5.06 -7.92
N GLY A 61 5.07 4.88 -7.75
CA GLY A 61 4.29 4.13 -8.71
C GLY A 61 4.55 2.64 -8.63
N LEU A 62 4.45 2.09 -7.42
CA LEU A 62 4.60 0.66 -7.24
C LEU A 62 3.27 0.05 -6.80
N VAL A 63 2.93 -1.06 -7.41
CA VAL A 63 1.64 -1.70 -7.15
C VAL A 63 1.80 -2.80 -6.11
N LEU A 64 1.10 -2.65 -5.01
CA LEU A 64 1.22 -3.60 -3.91
C LEU A 64 -0.13 -4.04 -3.37
N ARG A 65 -0.21 -5.33 -3.09
CA ARG A 65 -1.32 -5.90 -2.35
C ARG A 65 -1.47 -5.20 -1.01
N THR A 66 -2.69 -4.84 -0.68
CA THR A 66 -2.98 -4.07 0.50
C THR A 66 -3.22 -5.00 1.71
N GLU A 67 -2.54 -6.15 1.72
CA GLU A 67 -2.70 -7.11 2.80
C GLU A 67 -1.85 -6.71 3.98
N PHE A 68 -0.74 -6.11 3.65
CA PHE A 68 0.27 -5.78 4.64
C PHE A 68 0.44 -4.27 4.75
N LEU A 69 -0.58 -3.54 4.31
CA LEU A 69 -0.55 -2.10 4.39
C LEU A 69 -1.64 -1.60 5.32
N LYS A 70 -1.33 -0.55 6.03
CA LYS A 70 -2.23 0.00 7.02
C LYS A 70 -2.55 1.44 6.67
N LYS A 71 -3.84 1.78 6.63
CA LYS A 71 -4.25 3.15 6.32
C LYS A 71 -3.66 4.11 7.34
N ALA A 72 -2.97 5.12 6.88
CA ALA A 72 -2.22 6.01 7.75
C ALA A 72 -2.99 7.32 7.99
N GLY A 73 -2.25 8.41 8.13
CA GLY A 73 -2.86 9.71 8.27
C GLY A 73 -2.03 10.79 7.60
N SER A 74 -2.72 11.78 7.04
CA SER A 74 -2.09 12.95 6.38
C SER A 74 -1.05 12.53 5.32
N MET A 1 -19.76 0.26 -8.62
CA MET A 1 -18.59 -0.62 -8.83
C MET A 1 -18.01 -1.07 -7.49
N SER A 2 -18.39 -2.26 -7.06
CA SER A 2 -17.91 -2.79 -5.80
C SER A 2 -16.50 -3.32 -5.94
N ILE A 3 -15.54 -2.43 -5.77
CA ILE A 3 -14.12 -2.80 -5.73
C ILE A 3 -13.48 -2.18 -4.51
N GLU A 4 -14.18 -2.29 -3.38
CA GLU A 4 -13.75 -1.67 -2.15
C GLU A 4 -12.41 -2.21 -1.69
N VAL A 5 -11.41 -1.37 -1.85
CA VAL A 5 -10.07 -1.71 -1.40
C VAL A 5 -9.87 -1.17 0.01
N ARG A 6 -9.51 -2.05 0.92
CA ARG A 6 -9.27 -1.65 2.30
C ARG A 6 -7.90 -2.12 2.75
N ASP A 7 -7.45 -1.66 3.90
CA ASP A 7 -6.15 -2.05 4.44
C ASP A 7 -6.27 -3.38 5.18
N CYS A 8 -5.28 -3.68 6.02
CA CYS A 8 -5.29 -4.92 6.78
C CYS A 8 -6.23 -4.80 7.99
N ASN A 9 -7.03 -3.75 8.00
CA ASN A 9 -7.94 -3.48 9.09
C ASN A 9 -9.37 -3.50 8.59
N GLY A 10 -9.59 -2.80 7.50
CA GLY A 10 -10.92 -2.63 6.98
C GLY A 10 -11.20 -1.18 6.64
N ALA A 11 -10.16 -0.35 6.76
CA ALA A 11 -10.26 1.05 6.41
C ALA A 11 -10.17 1.20 4.90
N LEU A 12 -11.16 1.86 4.33
CA LEU A 12 -11.25 2.00 2.88
C LEU A 12 -10.21 2.94 2.33
N LEU A 13 -9.57 2.54 1.25
CA LEU A 13 -8.56 3.33 0.59
C LEU A 13 -9.11 3.94 -0.69
N ALA A 14 -8.43 4.95 -1.19
CA ALA A 14 -8.82 5.62 -2.41
C ALA A 14 -7.64 6.37 -2.99
N ASP A 15 -7.85 7.02 -4.14
CA ASP A 15 -6.81 7.84 -4.74
C ASP A 15 -6.47 9.02 -3.83
N GLY A 16 -5.20 9.16 -3.50
CA GLY A 16 -4.76 10.25 -2.65
C GLY A 16 -4.77 9.88 -1.19
N ASP A 17 -4.82 8.58 -0.91
CA ASP A 17 -4.84 8.09 0.46
C ASP A 17 -3.43 7.71 0.89
N ASN A 18 -3.28 7.32 2.15
CA ASN A 18 -1.98 6.98 2.68
C ASN A 18 -2.01 5.65 3.43
N VAL A 19 -0.96 4.88 3.21
CA VAL A 19 -0.81 3.59 3.86
C VAL A 19 0.58 3.47 4.47
N SER A 20 0.82 2.41 5.20
CA SER A 20 2.14 2.15 5.78
C SER A 20 2.35 0.66 5.99
N LEU A 21 3.61 0.23 5.95
CA LEU A 21 3.99 -1.16 6.10
C LEU A 21 3.64 -1.70 7.49
N ILE A 22 2.94 -2.83 7.55
CA ILE A 22 2.61 -3.45 8.83
C ILE A 22 3.66 -4.47 9.22
N LYS A 23 4.55 -4.75 8.28
CA LYS A 23 5.62 -5.71 8.47
C LYS A 23 6.84 -5.24 7.70
N ASP A 24 7.88 -6.04 7.70
CA ASP A 24 9.03 -5.78 6.87
C ASP A 24 8.93 -6.65 5.62
N LEU A 25 8.67 -6.02 4.48
CA LEU A 25 8.49 -6.73 3.23
C LEU A 25 9.67 -6.44 2.30
N LYS A 26 10.47 -7.45 2.06
CA LYS A 26 11.65 -7.30 1.21
C LYS A 26 11.32 -7.71 -0.22
N LEU A 27 11.91 -6.98 -1.17
CA LEU A 27 11.62 -7.19 -2.58
C LEU A 27 12.55 -8.24 -3.17
N LYS A 28 11.98 -9.09 -3.99
CA LYS A 28 12.73 -10.16 -4.62
C LYS A 28 13.37 -9.67 -5.91
N GLY A 29 14.67 -9.90 -6.06
CA GLY A 29 15.36 -9.46 -7.24
C GLY A 29 16.05 -8.13 -7.03
N SER A 30 16.15 -7.73 -5.78
CA SER A 30 16.81 -6.48 -5.41
C SER A 30 17.11 -6.49 -3.92
N SER A 31 17.83 -5.49 -3.45
CA SER A 31 18.21 -5.39 -2.06
C SER A 31 17.21 -4.53 -1.28
N THR A 32 16.11 -4.18 -1.94
CA THR A 32 15.10 -3.33 -1.34
C THR A 32 14.37 -4.06 -0.22
N VAL A 33 14.69 -3.72 1.02
CA VAL A 33 14.03 -4.32 2.17
C VAL A 33 13.17 -3.27 2.86
N LEU A 34 11.88 -3.31 2.60
CA LEU A 34 10.97 -2.36 3.25
C LEU A 34 10.73 -2.80 4.67
N LYS A 35 10.68 -1.83 5.57
CA LYS A 35 10.56 -2.11 6.98
C LYS A 35 9.19 -1.71 7.51
N ARG A 36 8.84 -2.28 8.64
CA ARG A 36 7.59 -1.97 9.31
C ARG A 36 7.53 -0.48 9.66
N GLY A 37 6.42 0.15 9.33
CA GLY A 37 6.28 1.56 9.59
C GLY A 37 6.60 2.44 8.39
N THR A 38 7.02 1.82 7.29
CA THR A 38 7.30 2.56 6.07
C THR A 38 6.02 3.17 5.51
N MET A 39 5.94 4.49 5.54
CA MET A 39 4.75 5.18 5.07
C MET A 39 4.75 5.35 3.55
N ILE A 40 3.72 4.82 2.94
CA ILE A 40 3.49 5.00 1.53
C ILE A 40 2.24 5.86 1.34
N ARG A 41 2.44 7.16 1.22
CA ARG A 41 1.32 8.08 1.05
C ARG A 41 1.18 8.50 -0.40
N GLY A 42 -0.05 8.79 -0.81
CA GLY A 42 -0.30 9.12 -2.19
C GLY A 42 -0.59 7.88 -3.01
N ILE A 43 -1.39 6.99 -2.44
CA ILE A 43 -1.73 5.74 -3.12
C ILE A 43 -3.00 5.92 -3.93
N ARG A 44 -3.28 4.97 -4.79
CA ARG A 44 -4.45 5.00 -5.64
C ARG A 44 -4.94 3.57 -5.87
N LEU A 45 -6.21 3.44 -6.20
CA LEU A 45 -6.81 2.12 -6.37
C LEU A 45 -6.57 1.61 -7.79
N THR A 46 -6.65 0.30 -7.95
CA THR A 46 -6.50 -0.30 -9.26
C THR A 46 -7.79 -1.02 -9.63
N ASP A 47 -7.72 -1.92 -10.61
CA ASP A 47 -8.88 -2.75 -10.95
C ASP A 47 -9.06 -3.82 -9.89
N SER A 48 -8.00 -4.02 -9.12
CA SER A 48 -7.98 -5.02 -8.07
C SER A 48 -8.53 -4.46 -6.77
N GLU A 49 -9.21 -5.30 -6.01
CA GLU A 49 -9.74 -4.90 -4.71
C GLU A 49 -8.73 -5.21 -3.62
N ASP A 50 -7.74 -6.01 -3.98
CA ASP A 50 -6.74 -6.46 -3.03
C ASP A 50 -5.39 -5.82 -3.32
N GLU A 51 -5.32 -5.08 -4.41
CA GLU A 51 -4.09 -4.43 -4.82
C GLU A 51 -4.29 -2.94 -4.98
N ILE A 52 -3.26 -2.19 -4.63
CA ILE A 52 -3.24 -0.76 -4.85
C ILE A 52 -1.89 -0.35 -5.42
N GLU A 53 -1.76 0.91 -5.76
CA GLU A 53 -0.51 1.44 -6.22
C GLU A 53 -0.18 2.72 -5.45
N GLY A 54 1.07 2.89 -5.03
CA GLY A 54 1.41 4.05 -4.26
C GLY A 54 2.76 4.63 -4.64
N ARG A 55 3.26 5.53 -3.82
CA ARG A 55 4.54 6.17 -4.07
C ARG A 55 5.27 6.44 -2.76
N THR A 56 6.57 6.25 -2.79
CA THR A 56 7.40 6.44 -1.62
C THR A 56 8.36 7.60 -1.84
N ASP A 57 9.31 7.76 -0.93
CA ASP A 57 10.39 8.73 -1.09
C ASP A 57 11.16 8.48 -2.39
N LYS A 58 11.25 7.21 -2.78
CA LYS A 58 12.04 6.82 -3.95
C LYS A 58 11.20 6.08 -4.97
N ILE A 59 10.72 4.89 -4.58
CA ILE A 59 9.89 4.08 -5.45
C ILE A 59 8.52 4.74 -5.64
N LYS A 60 8.29 5.29 -6.82
CA LYS A 60 6.99 5.88 -7.13
C LYS A 60 6.22 4.99 -8.08
N GLY A 61 4.92 4.95 -7.91
CA GLY A 61 4.07 4.16 -8.77
C GLY A 61 4.35 2.67 -8.68
N LEU A 62 4.42 2.15 -7.46
CA LEU A 62 4.61 0.72 -7.27
C LEU A 62 3.29 0.09 -6.83
N VAL A 63 2.96 -1.03 -7.46
CA VAL A 63 1.70 -1.70 -7.19
C VAL A 63 1.89 -2.79 -6.14
N LEU A 64 1.18 -2.67 -5.05
CA LEU A 64 1.33 -3.59 -3.94
C LEU A 64 -0.02 -4.08 -3.44
N ARG A 65 -0.05 -5.34 -3.02
CA ARG A 65 -1.21 -5.89 -2.35
C ARG A 65 -1.42 -5.19 -1.02
N THR A 66 -2.65 -4.81 -0.76
CA THR A 66 -2.98 -4.04 0.43
C THR A 66 -3.22 -4.98 1.63
N GLU A 67 -2.60 -6.15 1.58
CA GLU A 67 -2.82 -7.16 2.61
C GLU A 67 -1.86 -6.95 3.76
N PHE A 68 -0.78 -6.25 3.47
CA PHE A 68 0.25 -5.99 4.46
C PHE A 68 0.43 -4.49 4.65
N LEU A 69 -0.59 -3.73 4.28
CA LEU A 69 -0.52 -2.28 4.41
C LEU A 69 -1.58 -1.79 5.38
N LYS A 70 -1.27 -0.71 6.04
CA LYS A 70 -2.16 -0.13 7.03
C LYS A 70 -2.50 1.29 6.62
N LYS A 71 -3.78 1.64 6.65
CA LYS A 71 -4.20 3.00 6.37
C LYS A 71 -3.65 3.91 7.45
N ALA A 72 -2.88 4.91 7.03
CA ALA A 72 -2.14 5.75 7.96
C ALA A 72 -3.08 6.73 8.65
N GLY A 73 -3.74 7.58 7.87
CA GLY A 73 -4.67 8.53 8.42
C GLY A 73 -4.70 9.81 7.63
N SER A 74 -5.88 10.29 7.33
CA SER A 74 -6.04 11.53 6.60
C SER A 74 -7.11 12.40 7.26
N MET A 1 -17.83 -1.76 -11.16
CA MET A 1 -16.55 -1.65 -10.42
C MET A 1 -16.70 -2.21 -9.01
N SER A 2 -17.09 -1.35 -8.06
CA SER A 2 -17.22 -1.73 -6.66
C SER A 2 -15.90 -2.29 -6.14
N ILE A 3 -14.81 -1.62 -6.50
CA ILE A 3 -13.48 -2.07 -6.14
C ILE A 3 -13.06 -1.47 -4.82
N GLU A 4 -13.89 -1.67 -3.82
CA GLU A 4 -13.62 -1.20 -2.47
C GLU A 4 -12.41 -1.92 -1.88
N VAL A 5 -11.27 -1.27 -2.00
CA VAL A 5 -10.02 -1.79 -1.48
C VAL A 5 -9.86 -1.35 -0.02
N ARG A 6 -9.53 -2.29 0.86
CA ARG A 6 -9.35 -1.98 2.27
C ARG A 6 -7.95 -2.38 2.72
N ASP A 7 -7.56 -1.92 3.90
CA ASP A 7 -6.23 -2.21 4.43
C ASP A 7 -6.25 -3.50 5.25
N CYS A 8 -5.23 -3.70 6.08
CA CYS A 8 -5.15 -4.89 6.92
C CYS A 8 -6.10 -4.78 8.11
N ASN A 9 -6.88 -3.71 8.12
CA ASN A 9 -7.86 -3.47 9.16
C ASN A 9 -9.25 -3.71 8.62
N GLY A 10 -9.48 -3.11 7.47
CA GLY A 10 -10.79 -3.12 6.87
C GLY A 10 -11.25 -1.71 6.55
N ALA A 11 -10.33 -0.76 6.69
CA ALA A 11 -10.60 0.63 6.36
C ALA A 11 -10.44 0.83 4.87
N LEU A 12 -11.36 1.56 4.27
CA LEU A 12 -11.39 1.71 2.83
C LEU A 12 -10.41 2.75 2.33
N LEU A 13 -9.71 2.38 1.26
CA LEU A 13 -8.72 3.24 0.64
C LEU A 13 -9.29 3.91 -0.60
N ALA A 14 -8.59 4.92 -1.10
CA ALA A 14 -9.00 5.61 -2.31
C ALA A 14 -7.84 6.39 -2.89
N ASP A 15 -8.04 6.98 -4.06
CA ASP A 15 -7.03 7.79 -4.72
C ASP A 15 -6.68 9.02 -3.87
N GLY A 16 -5.43 9.11 -3.45
CA GLY A 16 -4.98 10.21 -2.65
C GLY A 16 -4.78 9.83 -1.20
N ASP A 17 -5.05 8.56 -0.88
CA ASP A 17 -4.96 8.08 0.49
C ASP A 17 -3.52 7.71 0.83
N ASN A 18 -3.29 7.35 2.08
CA ASN A 18 -1.96 7.02 2.56
C ASN A 18 -1.98 5.77 3.42
N VAL A 19 -0.99 4.92 3.20
CA VAL A 19 -0.86 3.67 3.94
C VAL A 19 0.54 3.54 4.54
N SER A 20 0.70 2.59 5.44
CA SER A 20 2.00 2.36 6.06
C SER A 20 2.26 0.86 6.21
N LEU A 21 3.53 0.49 6.21
CA LEU A 21 3.96 -0.90 6.35
C LEU A 21 3.74 -1.40 7.77
N ILE A 22 2.98 -2.48 7.91
CA ILE A 22 2.69 -3.05 9.23
C ILE A 22 3.74 -4.07 9.63
N LYS A 23 4.63 -4.37 8.69
CA LYS A 23 5.73 -5.30 8.91
C LYS A 23 6.80 -5.07 7.87
N ASP A 24 7.85 -5.88 7.89
CA ASP A 24 8.93 -5.73 6.95
C ASP A 24 8.68 -6.65 5.75
N LEU A 25 8.53 -6.06 4.57
CA LEU A 25 8.27 -6.83 3.36
C LEU A 25 9.43 -6.70 2.40
N LYS A 26 10.05 -7.83 2.11
CA LYS A 26 11.19 -7.85 1.21
C LYS A 26 10.74 -8.22 -0.20
N LEU A 27 11.37 -7.62 -1.18
CA LEU A 27 11.03 -7.83 -2.58
C LEU A 27 12.21 -8.44 -3.34
N LYS A 28 11.91 -9.10 -4.45
CA LYS A 28 12.91 -9.70 -5.35
C LYS A 28 13.53 -10.95 -4.73
N GLY A 29 14.21 -10.78 -3.60
CA GLY A 29 14.86 -11.89 -2.95
C GLY A 29 16.00 -11.43 -2.07
N SER A 30 16.95 -10.73 -2.67
CA SER A 30 18.09 -10.21 -1.94
C SER A 30 18.52 -8.84 -2.50
N SER A 31 17.57 -7.91 -2.53
CA SER A 31 17.85 -6.57 -3.03
C SER A 31 17.07 -5.53 -2.22
N THR A 32 15.77 -5.44 -2.47
CA THR A 32 14.95 -4.44 -1.84
C THR A 32 14.19 -5.03 -0.65
N VAL A 33 14.65 -4.71 0.55
CA VAL A 33 13.99 -5.16 1.77
C VAL A 33 13.31 -3.97 2.43
N LEU A 34 11.99 -3.93 2.41
CA LEU A 34 11.26 -2.85 3.07
C LEU A 34 11.01 -3.20 4.52
N LYS A 35 11.01 -2.19 5.36
CA LYS A 35 10.89 -2.41 6.79
C LYS A 35 9.55 -1.90 7.32
N ARG A 36 9.20 -2.34 8.51
CA ARG A 36 8.00 -1.89 9.18
C ARG A 36 8.06 -0.39 9.42
N GLY A 37 6.98 0.30 9.16
CA GLY A 37 6.94 1.74 9.34
C GLY A 37 7.18 2.50 8.05
N THR A 38 7.39 1.76 6.95
CA THR A 38 7.54 2.39 5.65
C THR A 38 6.25 3.11 5.26
N MET A 39 6.35 4.41 5.05
CA MET A 39 5.19 5.22 4.79
C MET A 39 4.95 5.35 3.29
N ILE A 40 3.85 4.81 2.81
CA ILE A 40 3.48 4.92 1.42
C ILE A 40 2.24 5.81 1.29
N ARG A 41 2.48 7.09 1.11
CA ARG A 41 1.40 8.05 1.06
C ARG A 41 1.18 8.54 -0.37
N GLY A 42 -0.07 8.64 -0.77
CA GLY A 42 -0.40 9.00 -2.12
C GLY A 42 -0.72 7.79 -2.96
N ILE A 43 -1.53 6.90 -2.41
CA ILE A 43 -1.91 5.67 -3.08
C ILE A 43 -3.20 5.87 -3.85
N ARG A 44 -3.53 4.91 -4.70
CA ARG A 44 -4.78 4.94 -5.44
C ARG A 44 -5.24 3.53 -5.77
N LEU A 45 -6.53 3.38 -6.00
CA LEU A 45 -7.12 2.09 -6.34
C LEU A 45 -6.85 1.81 -7.81
N THR A 46 -6.28 0.64 -8.09
CA THR A 46 -5.84 0.30 -9.43
C THR A 46 -6.97 -0.20 -10.29
N ASP A 47 -7.42 -1.37 -9.92
CA ASP A 47 -8.41 -2.16 -10.65
C ASP A 47 -8.68 -3.40 -9.81
N SER A 48 -7.60 -3.85 -9.17
CA SER A 48 -7.64 -4.92 -8.22
C SER A 48 -8.24 -4.43 -6.90
N GLU A 49 -8.97 -5.31 -6.22
CA GLU A 49 -9.59 -4.98 -4.94
C GLU A 49 -8.65 -5.33 -3.80
N ASP A 50 -7.68 -6.18 -4.11
CA ASP A 50 -6.73 -6.63 -3.11
C ASP A 50 -5.39 -5.93 -3.29
N GLU A 51 -5.29 -5.13 -4.33
CA GLU A 51 -4.06 -4.43 -4.64
C GLU A 51 -4.29 -2.97 -4.92
N ILE A 52 -3.34 -2.16 -4.53
CA ILE A 52 -3.37 -0.74 -4.78
C ILE A 52 -2.03 -0.30 -5.33
N GLU A 53 -1.94 0.95 -5.73
CA GLU A 53 -0.68 1.49 -6.19
C GLU A 53 -0.37 2.73 -5.39
N GLY A 54 0.88 2.87 -4.98
CA GLY A 54 1.25 4.02 -4.20
C GLY A 54 2.63 4.54 -4.55
N ARG A 55 3.22 5.31 -3.67
CA ARG A 55 4.51 5.92 -3.94
C ARG A 55 5.28 6.12 -2.66
N THR A 56 6.60 6.05 -2.76
CA THR A 56 7.47 6.25 -1.63
C THR A 56 8.44 7.39 -1.94
N ASP A 57 9.41 7.60 -1.07
CA ASP A 57 10.50 8.54 -1.33
C ASP A 57 11.27 8.16 -2.59
N LYS A 58 11.33 6.86 -2.86
CA LYS A 58 12.09 6.34 -3.99
C LYS A 58 11.18 5.70 -5.03
N ILE A 59 10.61 4.55 -4.68
CA ILE A 59 9.72 3.83 -5.55
C ILE A 59 8.37 4.53 -5.62
N LYS A 60 8.11 5.23 -6.71
CA LYS A 60 6.83 5.88 -6.90
C LYS A 60 6.06 5.20 -8.01
N GLY A 61 4.81 4.89 -7.74
CA GLY A 61 3.98 4.22 -8.73
C GLY A 61 4.21 2.72 -8.72
N LEU A 62 4.19 2.11 -7.54
CA LEU A 62 4.33 0.68 -7.42
C LEU A 62 3.02 0.08 -6.93
N VAL A 63 2.62 -1.03 -7.54
CA VAL A 63 1.37 -1.68 -7.18
C VAL A 63 1.64 -2.77 -6.15
N LEU A 64 1.04 -2.63 -5.00
CA LEU A 64 1.24 -3.58 -3.91
C LEU A 64 -0.08 -4.09 -3.36
N ARG A 65 -0.06 -5.35 -2.95
CA ARG A 65 -1.18 -5.93 -2.25
C ARG A 65 -1.37 -5.26 -0.90
N THR A 66 -2.61 -4.95 -0.60
CA THR A 66 -2.93 -4.22 0.61
C THR A 66 -3.15 -5.17 1.78
N GLU A 67 -2.42 -6.28 1.80
CA GLU A 67 -2.55 -7.25 2.88
C GLU A 67 -1.73 -6.80 4.07
N PHE A 68 -0.65 -6.11 3.74
CA PHE A 68 0.33 -5.72 4.74
C PHE A 68 0.42 -4.21 4.89
N LEU A 69 -0.63 -3.52 4.44
CA LEU A 69 -0.66 -2.07 4.52
C LEU A 69 -1.73 -1.61 5.49
N LYS A 70 -1.45 -0.51 6.15
CA LYS A 70 -2.39 0.06 7.10
C LYS A 70 -2.81 1.44 6.63
N LYS A 71 -4.11 1.70 6.62
CA LYS A 71 -4.62 3.00 6.27
C LYS A 71 -4.21 3.98 7.36
N ALA A 72 -3.48 5.01 6.96
CA ALA A 72 -2.89 5.92 7.93
C ALA A 72 -3.88 6.99 8.37
N GLY A 73 -3.92 7.24 9.67
CA GLY A 73 -4.80 8.25 10.21
C GLY A 73 -6.19 7.71 10.47
N SER A 74 -6.29 6.39 10.59
CA SER A 74 -7.56 5.72 10.83
C SER A 74 -7.33 4.37 11.48
N MET A 1 -18.46 -2.57 -10.38
CA MET A 1 -18.23 -1.31 -9.63
C MET A 1 -17.74 -1.59 -8.22
N SER A 2 -18.22 -2.67 -7.61
CA SER A 2 -17.86 -3.00 -6.24
C SER A 2 -16.44 -3.56 -6.14
N ILE A 3 -15.48 -2.66 -6.07
CA ILE A 3 -14.09 -3.04 -5.86
C ILE A 3 -13.50 -2.29 -4.68
N GLU A 4 -14.27 -2.20 -3.60
CA GLU A 4 -13.84 -1.50 -2.40
C GLU A 4 -12.50 -2.03 -1.92
N VAL A 5 -11.51 -1.16 -1.93
CA VAL A 5 -10.18 -1.53 -1.49
C VAL A 5 -9.99 -1.13 -0.03
N ARG A 6 -9.68 -2.12 0.81
CA ARG A 6 -9.41 -1.86 2.22
C ARG A 6 -8.06 -2.45 2.58
N ASP A 7 -7.42 -1.87 3.59
CA ASP A 7 -6.09 -2.31 4.01
C ASP A 7 -6.20 -3.57 4.86
N CYS A 8 -5.10 -3.98 5.47
CA CYS A 8 -5.09 -5.17 6.32
C CYS A 8 -5.99 -4.99 7.52
N ASN A 9 -6.20 -3.74 7.92
CA ASN A 9 -7.03 -3.43 9.07
C ASN A 9 -8.49 -3.56 8.70
N GLY A 10 -8.81 -3.12 7.50
CA GLY A 10 -10.17 -3.14 7.03
C GLY A 10 -10.68 -1.76 6.74
N ALA A 11 -9.78 -0.80 6.71
CA ALA A 11 -10.14 0.58 6.46
C ALA A 11 -10.16 0.85 4.96
N LEU A 12 -11.23 1.48 4.50
CA LEU A 12 -11.40 1.78 3.09
C LEU A 12 -10.41 2.83 2.62
N LEU A 13 -9.75 2.52 1.51
CA LEU A 13 -8.77 3.42 0.93
C LEU A 13 -9.42 4.22 -0.18
N ALA A 14 -8.64 5.12 -0.77
CA ALA A 14 -9.16 5.95 -1.85
C ALA A 14 -8.03 6.41 -2.75
N ASP A 15 -8.38 7.14 -3.78
CA ASP A 15 -7.40 7.64 -4.73
C ASP A 15 -6.71 8.87 -4.16
N GLY A 16 -5.43 8.73 -3.85
CA GLY A 16 -4.69 9.81 -3.23
C GLY A 16 -4.58 9.63 -1.73
N ASP A 17 -4.63 8.38 -1.30
CA ASP A 17 -4.61 8.05 0.13
C ASP A 17 -3.19 7.66 0.56
N ASN A 18 -3.00 7.40 1.84
CA ASN A 18 -1.70 7.00 2.36
C ASN A 18 -1.81 5.75 3.20
N VAL A 19 -0.88 4.84 2.99
CA VAL A 19 -0.80 3.61 3.76
C VAL A 19 0.58 3.47 4.39
N SER A 20 0.80 2.38 5.12
CA SER A 20 2.09 2.13 5.74
C SER A 20 2.31 0.63 5.98
N LEU A 21 3.57 0.22 5.97
CA LEU A 21 3.94 -1.19 6.18
C LEU A 21 3.62 -1.64 7.59
N ILE A 22 2.94 -2.78 7.74
CA ILE A 22 2.60 -3.30 9.06
C ILE A 22 3.68 -4.25 9.56
N LYS A 23 4.60 -4.58 8.67
CA LYS A 23 5.71 -5.47 8.98
C LYS A 23 6.82 -5.17 7.97
N ASP A 24 7.93 -5.90 8.08
CA ASP A 24 9.04 -5.68 7.17
C ASP A 24 8.90 -6.58 5.94
N LEU A 25 8.57 -5.98 4.82
CA LEU A 25 8.41 -6.72 3.58
C LEU A 25 9.49 -6.36 2.59
N LYS A 26 10.39 -7.27 2.32
CA LYS A 26 11.30 -7.11 1.21
C LYS A 26 10.47 -7.22 -0.07
N LEU A 27 10.81 -6.42 -1.07
CA LEU A 27 10.04 -6.35 -2.32
C LEU A 27 9.70 -7.76 -2.83
N LYS A 28 10.71 -8.46 -3.34
CA LYS A 28 10.60 -9.87 -3.75
C LYS A 28 11.99 -10.45 -3.88
N GLY A 29 12.49 -10.47 -5.11
CA GLY A 29 13.90 -10.81 -5.34
C GLY A 29 14.71 -9.55 -5.51
N SER A 30 14.67 -8.70 -4.51
CA SER A 30 15.26 -7.38 -4.59
C SER A 30 15.97 -7.03 -3.30
N SER A 31 16.92 -6.11 -3.37
CA SER A 31 17.66 -5.67 -2.21
C SER A 31 16.92 -4.53 -1.50
N THR A 32 15.67 -4.32 -1.88
CA THR A 32 14.83 -3.33 -1.23
C THR A 32 13.94 -4.00 -0.18
N VAL A 33 14.28 -3.79 1.09
CA VAL A 33 13.50 -4.30 2.19
C VAL A 33 12.65 -3.18 2.78
N LEU A 34 11.34 -3.26 2.59
CA LEU A 34 10.44 -2.24 3.08
C LEU A 34 10.05 -2.51 4.52
N LYS A 35 10.74 -1.82 5.43
CA LYS A 35 10.59 -2.03 6.85
C LYS A 35 9.22 -1.62 7.37
N ARG A 36 8.89 -2.11 8.55
CA ARG A 36 7.66 -1.76 9.23
C ARG A 36 7.60 -0.26 9.49
N GLY A 37 6.43 0.32 9.25
CA GLY A 37 6.25 1.75 9.48
C GLY A 37 6.57 2.59 8.27
N THR A 38 7.02 1.95 7.19
CA THR A 38 7.28 2.65 5.94
C THR A 38 5.97 3.22 5.40
N MET A 39 5.86 4.54 5.38
CA MET A 39 4.65 5.19 4.93
C MET A 39 4.64 5.31 3.41
N ILE A 40 3.69 4.65 2.80
CA ILE A 40 3.45 4.78 1.39
C ILE A 40 2.29 5.73 1.16
N ARG A 41 2.60 7.01 1.05
CA ARG A 41 1.56 8.02 0.86
C ARG A 41 1.43 8.43 -0.59
N GLY A 42 0.21 8.53 -1.06
CA GLY A 42 -0.04 8.80 -2.46
C GLY A 42 -0.39 7.53 -3.20
N ILE A 43 -1.30 6.75 -2.62
CA ILE A 43 -1.73 5.51 -3.23
C ILE A 43 -3.03 5.74 -3.99
N ARG A 44 -3.21 4.99 -5.05
CA ARG A 44 -4.40 5.10 -5.86
C ARG A 44 -5.07 3.75 -6.01
N LEU A 45 -6.39 3.75 -6.00
CA LEU A 45 -7.15 2.52 -6.14
C LEU A 45 -7.05 2.01 -7.56
N THR A 46 -6.76 0.73 -7.71
CA THR A 46 -6.65 0.12 -9.01
C THR A 46 -7.95 -0.56 -9.38
N ASP A 47 -7.94 -1.36 -10.45
CA ASP A 47 -9.10 -2.16 -10.82
C ASP A 47 -9.09 -3.45 -10.00
N SER A 48 -8.17 -3.52 -9.05
CA SER A 48 -8.09 -4.61 -8.10
C SER A 48 -8.50 -4.11 -6.71
N GLU A 49 -9.07 -5.00 -5.91
CA GLU A 49 -9.59 -4.61 -4.60
C GLU A 49 -8.66 -5.04 -3.46
N ASP A 50 -7.73 -5.93 -3.76
CA ASP A 50 -6.74 -6.34 -2.78
C ASP A 50 -5.42 -5.65 -3.04
N GLU A 51 -5.34 -4.96 -4.16
CA GLU A 51 -4.10 -4.32 -4.58
C GLU A 51 -4.31 -2.82 -4.78
N ILE A 52 -3.26 -2.08 -4.53
CA ILE A 52 -3.23 -0.66 -4.79
C ILE A 52 -1.91 -0.29 -5.44
N GLU A 53 -1.80 0.94 -5.87
CA GLU A 53 -0.56 1.45 -6.39
C GLU A 53 -0.18 2.70 -5.64
N GLY A 54 0.98 2.72 -5.02
CA GLY A 54 1.36 3.85 -4.22
C GLY A 54 2.71 4.39 -4.57
N ARG A 55 3.21 5.29 -3.74
CA ARG A 55 4.50 5.89 -3.96
C ARG A 55 5.17 6.19 -2.62
N THR A 56 6.48 6.05 -2.60
CA THR A 56 7.25 6.25 -1.40
C THR A 56 8.26 7.37 -1.62
N ASP A 57 9.16 7.56 -0.66
CA ASP A 57 10.22 8.55 -0.79
C ASP A 57 11.16 8.18 -1.94
N LYS A 58 11.25 6.89 -2.22
CA LYS A 58 12.12 6.39 -3.27
C LYS A 58 11.31 5.80 -4.42
N ILE A 59 10.58 4.72 -4.13
CA ILE A 59 9.85 3.99 -5.14
C ILE A 59 8.48 4.61 -5.35
N LYS A 60 8.30 5.26 -6.49
CA LYS A 60 6.99 5.83 -6.81
C LYS A 60 6.30 4.98 -7.88
N GLY A 61 5.00 4.82 -7.72
CA GLY A 61 4.22 4.11 -8.71
C GLY A 61 4.44 2.61 -8.65
N LEU A 62 4.48 2.06 -7.45
CA LEU A 62 4.62 0.63 -7.29
C LEU A 62 3.30 0.02 -6.85
N VAL A 63 2.90 -1.04 -7.54
CA VAL A 63 1.64 -1.70 -7.25
C VAL A 63 1.85 -2.79 -6.21
N LEU A 64 1.14 -2.66 -5.10
CA LEU A 64 1.30 -3.60 -4.00
C LEU A 64 -0.04 -4.04 -3.45
N ARG A 65 -0.12 -5.31 -3.10
CA ARG A 65 -1.24 -5.82 -2.34
C ARG A 65 -1.34 -5.09 -1.01
N THR A 66 -2.51 -4.61 -0.69
CA THR A 66 -2.71 -3.82 0.50
C THR A 66 -3.02 -4.73 1.69
N GLU A 67 -2.54 -5.96 1.61
CA GLU A 67 -2.86 -6.97 2.61
C GLU A 67 -1.85 -6.93 3.72
N PHE A 68 -0.80 -6.17 3.48
CA PHE A 68 0.23 -5.94 4.50
C PHE A 68 0.42 -4.44 4.72
N LEU A 69 -0.54 -3.66 4.24
CA LEU A 69 -0.47 -2.22 4.38
C LEU A 69 -1.56 -1.75 5.33
N LYS A 70 -1.27 -0.67 6.02
CA LYS A 70 -2.20 -0.10 6.99
C LYS A 70 -2.54 1.33 6.59
N LYS A 71 -3.83 1.63 6.55
CA LYS A 71 -4.29 2.97 6.19
C LYS A 71 -3.74 3.99 7.18
N ALA A 72 -2.98 4.94 6.68
CA ALA A 72 -2.26 5.87 7.52
C ALA A 72 -3.05 7.14 7.79
N GLY A 73 -2.42 8.08 8.48
CA GLY A 73 -3.09 9.32 8.84
C GLY A 73 -3.94 9.14 10.08
N SER A 74 -5.16 8.66 9.88
CA SER A 74 -6.06 8.36 10.97
C SER A 74 -7.01 7.26 10.54
N MET A 1 -18.48 -6.87 -6.33
CA MET A 1 -19.00 -6.16 -7.51
C MET A 1 -18.30 -4.81 -7.66
N SER A 2 -18.08 -4.13 -6.54
CA SER A 2 -17.35 -2.87 -6.55
C SER A 2 -15.86 -3.15 -6.42
N ILE A 3 -15.07 -2.14 -6.07
CA ILE A 3 -13.66 -2.35 -5.80
C ILE A 3 -13.31 -1.77 -4.44
N GLU A 4 -13.90 -2.36 -3.41
CA GLU A 4 -13.69 -1.90 -2.07
C GLU A 4 -12.34 -2.33 -1.55
N VAL A 5 -11.35 -1.52 -1.82
CA VAL A 5 -10.00 -1.77 -1.35
C VAL A 5 -9.87 -1.33 0.10
N ARG A 6 -9.57 -2.29 0.96
CA ARG A 6 -9.44 -2.00 2.38
C ARG A 6 -8.07 -2.46 2.88
N ASP A 7 -7.59 -1.85 3.96
CA ASP A 7 -6.27 -2.14 4.49
C ASP A 7 -6.30 -3.43 5.31
N CYS A 8 -5.30 -3.63 6.15
CA CYS A 8 -5.21 -4.82 6.97
C CYS A 8 -6.21 -4.76 8.12
N ASN A 9 -6.94 -3.65 8.20
CA ASN A 9 -7.94 -3.45 9.24
C ASN A 9 -9.33 -3.64 8.68
N GLY A 10 -9.54 -3.05 7.52
CA GLY A 10 -10.85 -3.03 6.90
C GLY A 10 -11.28 -1.62 6.57
N ALA A 11 -10.34 -0.69 6.67
CA ALA A 11 -10.59 0.70 6.33
C ALA A 11 -10.46 0.90 4.84
N LEU A 12 -11.41 1.60 4.24
CA LEU A 12 -11.45 1.76 2.80
C LEU A 12 -10.45 2.79 2.31
N LEU A 13 -9.74 2.44 1.26
CA LEU A 13 -8.75 3.31 0.64
C LEU A 13 -9.33 3.96 -0.59
N ALA A 14 -8.69 5.03 -1.05
CA ALA A 14 -9.14 5.73 -2.23
C ALA A 14 -7.97 6.47 -2.88
N ASP A 15 -8.23 7.10 -4.01
CA ASP A 15 -7.22 7.88 -4.73
C ASP A 15 -6.69 9.02 -3.86
N GLY A 16 -5.38 9.04 -3.65
CA GLY A 16 -4.76 10.12 -2.91
C GLY A 16 -4.63 9.81 -1.43
N ASP A 17 -4.75 8.55 -1.08
CA ASP A 17 -4.68 8.14 0.32
C ASP A 17 -3.26 7.73 0.69
N ASN A 18 -3.03 7.41 1.95
CA ASN A 18 -1.72 7.01 2.44
C ASN A 18 -1.81 5.74 3.24
N VAL A 19 -0.88 4.84 2.99
CA VAL A 19 -0.79 3.59 3.74
C VAL A 19 0.59 3.46 4.35
N SER A 20 0.81 2.41 5.11
CA SER A 20 2.12 2.15 5.70
C SER A 20 2.35 0.66 5.91
N LEU A 21 3.62 0.26 5.86
CA LEU A 21 4.03 -1.13 6.04
C LEU A 21 3.71 -1.63 7.45
N ILE A 22 3.01 -2.76 7.55
CA ILE A 22 2.70 -3.33 8.85
C ILE A 22 3.71 -4.39 9.23
N LYS A 23 4.58 -4.73 8.29
CA LYS A 23 5.63 -5.72 8.50
C LYS A 23 6.87 -5.25 7.78
N ASP A 24 7.95 -6.02 7.86
CA ASP A 24 9.12 -5.77 7.05
C ASP A 24 9.08 -6.68 5.82
N LEU A 25 8.67 -6.11 4.70
CA LEU A 25 8.46 -6.90 3.48
C LEU A 25 9.61 -6.72 2.51
N LYS A 26 10.33 -7.80 2.25
CA LYS A 26 11.40 -7.77 1.26
C LYS A 26 10.82 -8.18 -0.10
N LEU A 27 11.14 -7.42 -1.12
CA LEU A 27 10.51 -7.58 -2.44
C LEU A 27 10.97 -8.85 -3.16
N LYS A 28 10.22 -9.20 -4.18
CA LYS A 28 10.45 -10.41 -4.96
C LYS A 28 11.54 -10.19 -6.01
N GLY A 29 12.59 -11.01 -5.95
CA GLY A 29 13.63 -10.94 -6.95
C GLY A 29 14.69 -9.93 -6.60
N SER A 30 14.29 -8.68 -6.46
CA SER A 30 15.21 -7.60 -6.13
C SER A 30 15.50 -7.61 -4.64
N SER A 31 16.68 -7.15 -4.25
CA SER A 31 17.10 -7.16 -2.86
C SER A 31 16.56 -5.92 -2.13
N THR A 32 15.38 -5.49 -2.54
CA THR A 32 14.73 -4.35 -1.93
C THR A 32 13.98 -4.77 -0.68
N VAL A 33 14.54 -4.46 0.48
CA VAL A 33 13.93 -4.83 1.74
C VAL A 33 13.17 -3.65 2.33
N LEU A 34 11.85 -3.73 2.37
CA LEU A 34 11.05 -2.70 3.01
C LEU A 34 10.84 -3.04 4.47
N LYS A 35 10.81 -2.01 5.31
CA LYS A 35 10.71 -2.21 6.75
C LYS A 35 9.36 -1.77 7.27
N ARG A 36 9.04 -2.25 8.45
CA ARG A 36 7.81 -1.89 9.11
C ARG A 36 7.77 -0.40 9.41
N GLY A 37 6.62 0.21 9.18
CA GLY A 37 6.47 1.63 9.43
C GLY A 37 6.85 2.49 8.24
N THR A 38 7.10 1.85 7.11
CA THR A 38 7.35 2.59 5.87
C THR A 38 6.04 3.19 5.37
N MET A 39 5.96 4.51 5.33
CA MET A 39 4.74 5.17 4.92
C MET A 39 4.68 5.36 3.42
N ILE A 40 3.77 4.64 2.79
CA ILE A 40 3.52 4.80 1.37
C ILE A 40 2.35 5.77 1.19
N ARG A 41 2.67 7.05 1.07
CA ARG A 41 1.66 8.08 0.96
C ARG A 41 1.47 8.52 -0.48
N GLY A 42 0.21 8.64 -0.89
CA GLY A 42 -0.10 8.95 -2.27
C GLY A 42 -0.43 7.71 -3.06
N ILE A 43 -1.36 6.92 -2.54
CA ILE A 43 -1.77 5.69 -3.20
C ILE A 43 -3.10 5.89 -3.91
N ARG A 44 -3.42 4.98 -4.82
CA ARG A 44 -4.68 5.03 -5.53
C ARG A 44 -5.19 3.61 -5.77
N LEU A 45 -6.46 3.51 -6.12
CA LEU A 45 -7.09 2.22 -6.32
C LEU A 45 -6.77 1.69 -7.72
N THR A 46 -6.56 0.39 -7.82
CA THR A 46 -6.23 -0.23 -9.09
C THR A 46 -7.44 -0.97 -9.65
N ASP A 47 -7.19 -1.98 -10.48
CA ASP A 47 -8.26 -2.84 -10.98
C ASP A 47 -8.58 -3.92 -9.96
N SER A 48 -7.81 -3.93 -8.87
CA SER A 48 -7.96 -4.92 -7.83
C SER A 48 -8.59 -4.33 -6.58
N GLU A 49 -9.17 -5.19 -5.76
CA GLU A 49 -9.67 -4.79 -4.45
C GLU A 49 -8.63 -5.10 -3.39
N ASP A 50 -7.64 -5.89 -3.76
CA ASP A 50 -6.62 -6.33 -2.82
C ASP A 50 -5.29 -5.65 -3.10
N GLU A 51 -5.22 -4.97 -4.24
CA GLU A 51 -4.01 -4.26 -4.63
C GLU A 51 -4.27 -2.77 -4.83
N ILE A 52 -3.27 -1.98 -4.50
CA ILE A 52 -3.28 -0.55 -4.76
C ILE A 52 -1.94 -0.14 -5.34
N GLU A 53 -1.87 1.06 -5.88
CA GLU A 53 -0.62 1.58 -6.38
C GLU A 53 -0.28 2.85 -5.63
N GLY A 54 0.94 2.95 -5.12
CA GLY A 54 1.31 4.09 -4.32
C GLY A 54 2.70 4.59 -4.62
N ARG A 55 3.14 5.57 -3.86
CA ARG A 55 4.48 6.11 -4.02
C ARG A 55 5.14 6.29 -2.66
N THR A 56 6.41 5.96 -2.62
CA THR A 56 7.23 6.11 -1.45
C THR A 56 8.18 7.28 -1.66
N ASP A 57 9.13 7.46 -0.76
CA ASP A 57 10.14 8.50 -0.92
C ASP A 57 11.17 8.08 -1.97
N LYS A 58 11.20 6.79 -2.28
CA LYS A 58 12.11 6.24 -3.27
C LYS A 58 11.33 5.73 -4.49
N ILE A 59 10.66 4.60 -4.30
CA ILE A 59 9.87 3.97 -5.36
C ILE A 59 8.56 4.71 -5.52
N LYS A 60 8.34 5.31 -6.67
CA LYS A 60 7.08 5.99 -6.93
C LYS A 60 6.28 5.23 -7.97
N GLY A 61 5.00 5.04 -7.69
CA GLY A 61 4.13 4.38 -8.64
C GLY A 61 4.36 2.88 -8.71
N LEU A 62 4.31 2.21 -7.55
CA LEU A 62 4.44 0.78 -7.52
C LEU A 62 3.14 0.15 -7.04
N VAL A 63 2.75 -0.94 -7.66
CA VAL A 63 1.50 -1.60 -7.34
C VAL A 63 1.74 -2.69 -6.29
N LEU A 64 1.16 -2.50 -5.13
CA LEU A 64 1.32 -3.45 -4.04
C LEU A 64 -0.02 -3.85 -3.46
N ARG A 65 -0.08 -5.10 -3.03
CA ARG A 65 -1.24 -5.60 -2.31
C ARG A 65 -1.38 -4.88 -0.99
N THR A 66 -2.60 -4.55 -0.64
CA THR A 66 -2.87 -3.76 0.54
C THR A 66 -3.16 -4.66 1.74
N GLU A 67 -2.66 -5.89 1.69
CA GLU A 67 -2.94 -6.86 2.74
C GLU A 67 -1.85 -6.83 3.80
N PHE A 68 -0.80 -6.09 3.49
CA PHE A 68 0.27 -5.85 4.44
C PHE A 68 0.45 -4.36 4.66
N LEU A 69 -0.59 -3.60 4.31
CA LEU A 69 -0.53 -2.16 4.42
C LEU A 69 -1.61 -1.67 5.36
N LYS A 70 -1.30 -0.63 6.07
CA LYS A 70 -2.21 -0.02 7.00
C LYS A 70 -2.61 1.36 6.52
N LYS A 71 -3.90 1.63 6.50
CA LYS A 71 -4.38 2.96 6.16
C LYS A 71 -3.90 3.95 7.21
N ALA A 72 -3.18 4.98 6.78
CA ALA A 72 -2.57 5.92 7.70
C ALA A 72 -3.56 6.99 8.15
N GLY A 73 -3.56 7.28 9.44
CA GLY A 73 -4.45 8.27 9.99
C GLY A 73 -5.87 7.74 10.14
N SER A 74 -6.80 8.62 10.42
CA SER A 74 -8.18 8.23 10.59
C SER A 74 -8.94 8.42 9.27
N MET A 1 -19.69 -2.17 -10.96
CA MET A 1 -18.93 -3.21 -10.24
C MET A 1 -18.31 -2.62 -8.98
N SER A 2 -18.49 -3.32 -7.88
CA SER A 2 -17.96 -2.86 -6.60
C SER A 2 -16.59 -3.48 -6.34
N ILE A 3 -15.59 -2.61 -6.19
CA ILE A 3 -14.22 -3.05 -5.92
C ILE A 3 -13.68 -2.31 -4.70
N GLU A 4 -14.31 -2.56 -3.57
CA GLU A 4 -13.94 -1.92 -2.32
C GLU A 4 -12.57 -2.36 -1.85
N VAL A 5 -11.62 -1.45 -1.98
CA VAL A 5 -10.26 -1.71 -1.57
C VAL A 5 -10.06 -1.29 -0.12
N ARG A 6 -9.73 -2.26 0.73
CA ARG A 6 -9.50 -1.99 2.14
C ARG A 6 -8.16 -2.57 2.57
N ASP A 7 -7.53 -1.91 3.55
CA ASP A 7 -6.21 -2.29 4.01
C ASP A 7 -6.32 -3.47 4.99
N CYS A 8 -5.21 -3.79 5.66
CA CYS A 8 -5.19 -4.90 6.62
C CYS A 8 -6.10 -4.61 7.81
N ASN A 9 -6.36 -3.33 8.04
CA ASN A 9 -7.25 -2.88 9.12
C ASN A 9 -8.69 -3.11 8.70
N GLY A 10 -8.93 -3.00 7.41
CA GLY A 10 -10.26 -3.14 6.87
C GLY A 10 -10.85 -1.80 6.53
N ALA A 11 -10.01 -0.78 6.49
CA ALA A 11 -10.44 0.57 6.20
C ALA A 11 -10.37 0.83 4.71
N LEU A 12 -11.38 1.50 4.19
CA LEU A 12 -11.49 1.76 2.77
C LEU A 12 -10.47 2.80 2.31
N LEU A 13 -9.91 2.56 1.13
CA LEU A 13 -8.93 3.45 0.55
C LEU A 13 -9.51 4.20 -0.64
N ALA A 14 -8.72 5.10 -1.21
CA ALA A 14 -9.13 5.88 -2.36
C ALA A 14 -7.90 6.55 -3.00
N ASP A 15 -8.10 7.18 -4.14
CA ASP A 15 -7.02 7.93 -4.79
C ASP A 15 -6.61 9.12 -3.92
N GLY A 16 -5.35 9.15 -3.52
CA GLY A 16 -4.86 10.23 -2.70
C GLY A 16 -4.82 9.85 -1.24
N ASP A 17 -5.01 8.56 -0.95
CA ASP A 17 -4.99 8.07 0.42
C ASP A 17 -3.58 7.70 0.82
N ASN A 18 -3.40 7.34 2.08
CA ASN A 18 -2.06 7.02 2.58
C ASN A 18 -2.10 5.81 3.50
N VAL A 19 -1.14 4.93 3.30
CA VAL A 19 -1.01 3.73 4.11
C VAL A 19 0.41 3.61 4.64
N SER A 20 0.66 2.59 5.44
CA SER A 20 1.99 2.36 5.98
C SER A 20 2.22 0.87 6.24
N LEU A 21 3.47 0.44 6.10
CA LEU A 21 3.86 -0.96 6.23
C LEU A 21 3.55 -1.53 7.62
N ILE A 22 2.95 -2.72 7.65
CA ILE A 22 2.64 -3.38 8.91
C ILE A 22 3.75 -4.36 9.29
N LYS A 23 4.63 -4.60 8.33
CA LYS A 23 5.72 -5.56 8.50
C LYS A 23 6.81 -5.24 7.50
N ASP A 24 7.92 -5.96 7.57
CA ASP A 24 9.01 -5.76 6.61
C ASP A 24 8.72 -6.56 5.33
N LEU A 25 8.79 -5.89 4.19
CA LEU A 25 8.59 -6.55 2.89
C LEU A 25 9.81 -6.29 2.01
N LYS A 26 10.10 -7.20 1.10
CA LYS A 26 11.26 -7.03 0.24
C LYS A 26 10.86 -7.04 -1.24
N LEU A 27 11.65 -6.32 -2.02
CA LEU A 27 11.44 -6.20 -3.45
C LEU A 27 12.66 -6.75 -4.19
N LYS A 28 12.42 -7.28 -5.38
CA LYS A 28 13.47 -7.86 -6.23
C LYS A 28 14.06 -9.13 -5.59
N GLY A 29 13.51 -9.53 -4.44
CA GLY A 29 14.07 -10.64 -3.70
C GLY A 29 14.60 -10.20 -2.36
N SER A 30 15.82 -9.66 -2.36
CA SER A 30 16.41 -9.13 -1.14
C SER A 30 17.17 -7.84 -1.44
N SER A 31 17.00 -7.31 -2.64
CA SER A 31 17.66 -6.07 -3.03
C SER A 31 17.04 -4.88 -2.31
N THR A 32 15.81 -4.53 -2.69
CA THR A 32 15.13 -3.41 -2.06
C THR A 32 14.34 -3.90 -0.86
N VAL A 33 14.84 -3.64 0.33
CA VAL A 33 14.19 -4.12 1.54
C VAL A 33 13.47 -2.99 2.25
N LEU A 34 12.18 -3.13 2.42
CA LEU A 34 11.39 -2.16 3.16
C LEU A 34 11.09 -2.71 4.54
N LYS A 35 11.04 -1.81 5.50
CA LYS A 35 10.83 -2.21 6.87
C LYS A 35 9.45 -1.78 7.35
N ARG A 36 8.99 -2.41 8.40
CA ARG A 36 7.75 -2.06 9.04
C ARG A 36 7.73 -0.60 9.45
N GLY A 37 6.65 0.09 9.13
CA GLY A 37 6.55 1.49 9.47
C GLY A 37 6.77 2.40 8.28
N THR A 38 7.25 1.84 7.18
CA THR A 38 7.45 2.61 5.96
C THR A 38 6.12 3.20 5.50
N MET A 39 6.10 4.51 5.30
CA MET A 39 4.87 5.17 4.92
C MET A 39 4.74 5.24 3.42
N ILE A 40 3.65 4.69 2.92
CA ILE A 40 3.32 4.79 1.51
C ILE A 40 2.08 5.66 1.36
N ARG A 41 2.30 6.95 1.19
CA ARG A 41 1.21 7.90 1.05
C ARG A 41 1.03 8.28 -0.41
N GLY A 42 -0.17 8.67 -0.77
CA GLY A 42 -0.45 9.00 -2.15
C GLY A 42 -0.73 7.77 -2.97
N ILE A 43 -1.57 6.89 -2.42
CA ILE A 43 -1.94 5.67 -3.10
C ILE A 43 -3.24 5.88 -3.86
N ARG A 44 -3.48 5.01 -4.82
CA ARG A 44 -4.72 5.06 -5.57
C ARG A 44 -5.24 3.66 -5.81
N LEU A 45 -6.53 3.55 -6.10
CA LEU A 45 -7.16 2.25 -6.28
C LEU A 45 -6.85 1.71 -7.67
N THR A 46 -6.50 0.44 -7.72
CA THR A 46 -6.18 -0.19 -8.99
C THR A 46 -7.43 -0.89 -9.53
N ASP A 47 -7.22 -1.87 -10.40
CA ASP A 47 -8.32 -2.69 -10.90
C ASP A 47 -8.59 -3.81 -9.91
N SER A 48 -7.72 -3.90 -8.92
CA SER A 48 -7.79 -4.93 -7.91
C SER A 48 -8.36 -4.39 -6.61
N GLU A 49 -9.02 -5.25 -5.85
CA GLU A 49 -9.61 -4.86 -4.56
C GLU A 49 -8.58 -5.02 -3.46
N ASP A 50 -7.65 -5.94 -3.68
CA ASP A 50 -6.66 -6.29 -2.69
C ASP A 50 -5.36 -5.55 -2.94
N GLU A 51 -5.29 -4.85 -4.07
CA GLU A 51 -4.07 -4.16 -4.47
C GLU A 51 -4.31 -2.69 -4.70
N ILE A 52 -3.31 -1.89 -4.37
CA ILE A 52 -3.31 -0.47 -4.65
C ILE A 52 -1.98 -0.07 -5.26
N GLU A 53 -1.90 1.13 -5.80
CA GLU A 53 -0.66 1.63 -6.31
C GLU A 53 -0.29 2.91 -5.56
N GLY A 54 0.92 2.97 -5.05
CA GLY A 54 1.33 4.10 -4.27
C GLY A 54 2.75 4.52 -4.58
N ARG A 55 3.37 5.25 -3.66
CA ARG A 55 4.71 5.77 -3.87
C ARG A 55 5.49 5.73 -2.57
N THR A 56 6.80 5.57 -2.69
CA THR A 56 7.69 5.64 -1.55
C THR A 56 8.61 6.84 -1.73
N ASP A 57 9.61 6.98 -0.88
CA ASP A 57 10.58 8.05 -1.03
C ASP A 57 11.48 7.79 -2.23
N LYS A 58 11.61 6.53 -2.62
CA LYS A 58 12.43 6.14 -3.76
C LYS A 58 11.57 5.61 -4.89
N ILE A 59 10.96 4.45 -4.67
CA ILE A 59 10.10 3.82 -5.66
C ILE A 59 8.76 4.50 -5.70
N LYS A 60 8.49 5.26 -6.75
CA LYS A 60 7.21 5.92 -6.88
C LYS A 60 6.38 5.23 -7.96
N GLY A 61 5.11 4.98 -7.66
CA GLY A 61 4.24 4.35 -8.60
C GLY A 61 4.42 2.85 -8.66
N LEU A 62 4.37 2.20 -7.50
CA LEU A 62 4.48 0.76 -7.43
C LEU A 62 3.17 0.16 -6.95
N VAL A 63 2.75 -0.92 -7.59
CA VAL A 63 1.49 -1.57 -7.25
C VAL A 63 1.72 -2.65 -6.22
N LEU A 64 1.06 -2.52 -5.08
CA LEU A 64 1.22 -3.48 -4.01
C LEU A 64 -0.11 -3.87 -3.40
N ARG A 65 -0.20 -5.14 -3.02
CA ARG A 65 -1.33 -5.63 -2.26
C ARG A 65 -1.41 -4.88 -0.93
N THR A 66 -2.58 -4.38 -0.62
CA THR A 66 -2.77 -3.54 0.55
C THR A 66 -3.09 -4.39 1.78
N GLU A 67 -2.70 -5.66 1.73
CA GLU A 67 -3.02 -6.58 2.81
C GLU A 67 -1.90 -6.59 3.83
N PHE A 68 -0.80 -5.95 3.47
CA PHE A 68 0.29 -5.75 4.41
C PHE A 68 0.49 -4.27 4.64
N LEU A 69 -0.53 -3.50 4.28
CA LEU A 69 -0.49 -2.06 4.43
C LEU A 69 -1.57 -1.62 5.39
N LYS A 70 -1.28 -0.59 6.14
CA LYS A 70 -2.20 -0.08 7.13
C LYS A 70 -2.59 1.35 6.80
N LYS A 71 -3.88 1.60 6.68
CA LYS A 71 -4.38 2.93 6.34
C LYS A 71 -3.98 3.93 7.41
N ALA A 72 -3.24 4.96 7.01
CA ALA A 72 -2.79 5.97 7.95
C ALA A 72 -3.92 6.93 8.26
N GLY A 73 -4.03 7.30 9.51
CA GLY A 73 -5.13 8.16 9.94
C GLY A 73 -6.17 7.38 10.71
N SER A 74 -5.71 6.36 11.43
CA SER A 74 -6.57 5.52 12.24
C SER A 74 -5.74 4.70 13.23
N MET A 1 -18.85 -0.12 -10.32
CA MET A 1 -17.52 -0.77 -10.28
C MET A 1 -17.23 -1.25 -8.86
N SER A 2 -17.42 -2.54 -8.64
CA SER A 2 -17.25 -3.11 -7.31
C SER A 2 -15.78 -3.42 -7.03
N ILE A 3 -15.11 -2.47 -6.38
CA ILE A 3 -13.72 -2.63 -5.97
C ILE A 3 -13.47 -1.90 -4.67
N GLU A 4 -13.95 -2.48 -3.59
CA GLU A 4 -13.74 -1.91 -2.26
C GLU A 4 -12.38 -2.30 -1.75
N VAL A 5 -11.44 -1.37 -1.88
CA VAL A 5 -10.08 -1.61 -1.45
C VAL A 5 -9.90 -1.12 -0.01
N ARG A 6 -9.49 -2.01 0.87
CA ARG A 6 -9.27 -1.65 2.27
C ARG A 6 -7.90 -2.14 2.71
N ASP A 7 -7.40 -1.59 3.81
CA ASP A 7 -6.07 -1.95 4.30
C ASP A 7 -6.15 -3.24 5.11
N CYS A 8 -5.10 -3.54 5.87
CA CYS A 8 -5.06 -4.74 6.70
C CYS A 8 -6.14 -4.68 7.78
N ASN A 9 -6.53 -3.46 8.16
CA ASN A 9 -7.58 -3.25 9.14
C ASN A 9 -8.93 -3.55 8.53
N GLY A 10 -9.17 -2.92 7.40
CA GLY A 10 -10.48 -2.98 6.77
C GLY A 10 -11.00 -1.59 6.50
N ALA A 11 -10.12 -0.60 6.60
CA ALA A 11 -10.50 0.78 6.32
C ALA A 11 -10.32 1.05 4.83
N LEU A 12 -11.34 1.66 4.23
CA LEU A 12 -11.36 1.87 2.79
C LEU A 12 -10.31 2.89 2.34
N LEU A 13 -9.76 2.64 1.16
CA LEU A 13 -8.75 3.50 0.56
C LEU A 13 -9.27 4.15 -0.71
N ALA A 14 -8.53 5.11 -1.23
CA ALA A 14 -8.89 5.80 -2.46
C ALA A 14 -7.67 6.46 -3.08
N ASP A 15 -7.82 7.04 -4.26
CA ASP A 15 -6.73 7.78 -4.89
C ASP A 15 -6.42 9.05 -4.09
N GLY A 16 -5.21 9.12 -3.56
CA GLY A 16 -4.82 10.24 -2.74
C GLY A 16 -4.78 9.87 -1.27
N ASP A 17 -4.87 8.57 -1.00
CA ASP A 17 -4.87 8.08 0.37
C ASP A 17 -3.44 7.74 0.81
N ASN A 18 -3.28 7.38 2.06
CA ASN A 18 -1.96 7.05 2.58
C ASN A 18 -1.99 5.76 3.40
N VAL A 19 -0.91 5.01 3.31
CA VAL A 19 -0.78 3.75 4.04
C VAL A 19 0.64 3.59 4.55
N SER A 20 0.88 2.53 5.31
CA SER A 20 2.21 2.23 5.82
C SER A 20 2.38 0.73 6.04
N LEU A 21 3.63 0.27 6.04
CA LEU A 21 3.94 -1.15 6.20
C LEU A 21 3.64 -1.64 7.62
N ILE A 22 2.93 -2.77 7.73
CA ILE A 22 2.64 -3.36 9.04
C ILE A 22 3.71 -4.37 9.42
N LYS A 23 4.55 -4.69 8.45
CA LYS A 23 5.66 -5.62 8.63
C LYS A 23 6.73 -5.29 7.61
N ASP A 24 7.82 -6.04 7.60
CA ASP A 24 8.90 -5.80 6.65
C ASP A 24 8.69 -6.66 5.41
N LEU A 25 8.42 -6.01 4.28
CA LEU A 25 8.17 -6.71 3.03
C LEU A 25 9.22 -6.34 1.99
N LYS A 26 9.89 -7.36 1.46
CA LYS A 26 10.88 -7.15 0.42
C LYS A 26 10.22 -7.28 -0.94
N LEU A 27 10.61 -6.43 -1.87
CA LEU A 27 10.01 -6.39 -3.19
C LEU A 27 10.43 -7.58 -4.05
N LYS A 28 9.57 -7.98 -4.96
CA LYS A 28 9.85 -9.11 -5.85
C LYS A 28 10.81 -8.70 -6.97
N GLY A 29 11.27 -7.45 -6.90
CA GLY A 29 12.25 -6.96 -7.83
C GLY A 29 13.44 -6.41 -7.09
N SER A 30 14.62 -7.01 -7.32
CA SER A 30 15.84 -6.61 -6.64
C SER A 30 15.75 -6.93 -5.15
N SER A 31 16.71 -6.47 -4.37
CA SER A 31 16.75 -6.74 -2.95
C SER A 31 16.21 -5.54 -2.16
N THR A 32 15.22 -4.87 -2.72
CA THR A 32 14.60 -3.74 -2.07
C THR A 32 13.67 -4.20 -0.94
N VAL A 33 14.12 -4.04 0.30
CA VAL A 33 13.36 -4.51 1.44
C VAL A 33 12.70 -3.34 2.16
N LEU A 34 11.38 -3.27 2.10
CA LEU A 34 10.66 -2.27 2.87
C LEU A 34 10.49 -2.74 4.29
N LYS A 35 10.49 -1.82 5.22
CA LYS A 35 10.46 -2.17 6.63
C LYS A 35 9.13 -1.78 7.27
N ARG A 36 8.86 -2.37 8.41
CA ARG A 36 7.69 -2.05 9.18
C ARG A 36 7.68 -0.56 9.54
N GLY A 37 6.58 0.09 9.27
CA GLY A 37 6.48 1.51 9.56
C GLY A 37 6.78 2.39 8.37
N THR A 38 7.20 1.80 7.26
CA THR A 38 7.44 2.57 6.03
C THR A 38 6.14 3.19 5.54
N MET A 39 6.10 4.51 5.48
CA MET A 39 4.91 5.22 5.06
C MET A 39 4.85 5.39 3.55
N ILE A 40 3.82 4.82 2.97
CA ILE A 40 3.56 4.99 1.55
C ILE A 40 2.34 5.89 1.38
N ARG A 41 2.59 7.18 1.18
CA ARG A 41 1.52 8.15 1.08
C ARG A 41 1.31 8.59 -0.36
N GLY A 42 0.06 8.67 -0.77
CA GLY A 42 -0.26 9.00 -2.13
C GLY A 42 -0.54 7.76 -2.94
N ILE A 43 -1.43 6.91 -2.41
CA ILE A 43 -1.78 5.67 -3.06
C ILE A 43 -3.09 5.83 -3.82
N ARG A 44 -3.36 4.89 -4.72
CA ARG A 44 -4.57 4.90 -5.50
C ARG A 44 -5.09 3.48 -5.68
N LEU A 45 -6.32 3.37 -6.14
CA LEU A 45 -6.95 2.08 -6.32
C LEU A 45 -6.64 1.51 -7.70
N THR A 46 -6.54 0.20 -7.79
CA THR A 46 -6.25 -0.45 -9.06
C THR A 46 -7.52 -1.07 -9.61
N ASP A 47 -7.37 -2.04 -10.52
CA ASP A 47 -8.50 -2.80 -11.01
C ASP A 47 -8.79 -3.95 -10.05
N SER A 48 -8.00 -4.00 -8.98
CA SER A 48 -8.12 -5.02 -7.96
C SER A 48 -8.58 -4.42 -6.64
N GLU A 49 -9.17 -5.25 -5.79
CA GLU A 49 -9.64 -4.81 -4.48
C GLU A 49 -8.57 -5.07 -3.44
N ASP A 50 -7.75 -6.08 -3.71
CA ASP A 50 -6.70 -6.50 -2.78
C ASP A 50 -5.40 -5.77 -3.06
N GLU A 51 -5.33 -5.09 -4.18
CA GLU A 51 -4.11 -4.42 -4.59
C GLU A 51 -4.32 -2.93 -4.77
N ILE A 52 -3.27 -2.18 -4.50
CA ILE A 52 -3.26 -0.76 -4.73
C ILE A 52 -1.99 -0.35 -5.44
N GLU A 53 -1.89 0.91 -5.78
CA GLU A 53 -0.69 1.46 -6.36
C GLU A 53 -0.32 2.72 -5.61
N GLY A 54 0.89 2.77 -5.08
CA GLY A 54 1.26 3.89 -4.25
C GLY A 54 2.64 4.41 -4.54
N ARG A 55 3.08 5.39 -3.78
CA ARG A 55 4.38 5.98 -3.95
C ARG A 55 5.02 6.26 -2.61
N THR A 56 6.32 6.07 -2.54
CA THR A 56 7.06 6.29 -1.33
C THR A 56 8.25 7.22 -1.62
N ASP A 57 9.13 7.38 -0.64
CA ASP A 57 10.25 8.33 -0.75
C ASP A 57 11.33 7.81 -1.69
N LYS A 58 11.07 6.70 -2.34
CA LYS A 58 12.03 6.11 -3.27
C LYS A 58 11.31 5.67 -4.54
N ILE A 59 10.50 4.64 -4.42
CA ILE A 59 9.78 4.10 -5.55
C ILE A 59 8.41 4.74 -5.64
N LYS A 60 8.11 5.34 -6.78
CA LYS A 60 6.82 5.95 -7.00
C LYS A 60 5.96 5.06 -7.89
N GLY A 61 4.65 5.10 -7.68
CA GLY A 61 3.72 4.40 -8.54
C GLY A 61 3.99 2.91 -8.61
N LEU A 62 4.19 2.27 -7.47
CA LEU A 62 4.38 0.83 -7.44
C LEU A 62 3.11 0.14 -6.97
N VAL A 63 2.73 -0.91 -7.67
CA VAL A 63 1.50 -1.62 -7.35
C VAL A 63 1.77 -2.70 -6.32
N LEU A 64 1.16 -2.56 -5.16
CA LEU A 64 1.36 -3.49 -4.07
C LEU A 64 0.04 -3.98 -3.51
N ARG A 65 0.01 -5.24 -3.13
CA ARG A 65 -1.10 -5.80 -2.40
C ARG A 65 -1.25 -5.07 -1.06
N THR A 66 -2.45 -4.63 -0.77
CA THR A 66 -2.70 -3.85 0.42
C THR A 66 -3.02 -4.76 1.61
N GLU A 67 -2.48 -5.98 1.57
CA GLU A 67 -2.78 -6.97 2.59
C GLU A 67 -1.89 -6.72 3.78
N PHE A 68 -0.76 -6.13 3.49
CA PHE A 68 0.25 -5.87 4.50
C PHE A 68 0.44 -4.37 4.71
N LEU A 69 -0.54 -3.58 4.27
CA LEU A 69 -0.48 -2.15 4.42
C LEU A 69 -1.54 -1.67 5.38
N LYS A 70 -1.20 -0.65 6.13
CA LYS A 70 -2.10 -0.08 7.11
C LYS A 70 -2.46 1.33 6.69
N LYS A 71 -3.75 1.64 6.68
CA LYS A 71 -4.20 2.98 6.34
C LYS A 71 -3.62 3.98 7.34
N ALA A 72 -3.01 5.03 6.82
CA ALA A 72 -2.31 6.01 7.65
C ALA A 72 -3.25 7.11 8.12
N GLY A 73 -2.66 8.24 8.48
CA GLY A 73 -3.41 9.34 9.05
C GLY A 73 -2.98 9.60 10.48
N SER A 74 -2.58 8.54 11.15
CA SER A 74 -2.08 8.62 12.51
C SER A 74 -0.64 9.13 12.51
N MET A 1 -20.09 -1.84 -9.97
CA MET A 1 -18.63 -2.00 -9.82
C MET A 1 -18.29 -2.40 -8.39
N SER A 2 -17.86 -3.63 -8.20
CA SER A 2 -17.53 -4.14 -6.88
C SER A 2 -16.01 -4.29 -6.74
N ILE A 3 -15.34 -3.20 -6.38
CA ILE A 3 -13.91 -3.24 -6.10
C ILE A 3 -13.57 -2.43 -4.86
N GLU A 4 -14.14 -2.81 -3.74
CA GLU A 4 -13.87 -2.13 -2.49
C GLU A 4 -12.48 -2.49 -1.98
N VAL A 5 -11.59 -1.52 -2.00
CA VAL A 5 -10.22 -1.74 -1.59
C VAL A 5 -10.05 -1.27 -0.14
N ARG A 6 -9.63 -2.17 0.72
CA ARG A 6 -9.41 -1.83 2.13
C ARG A 6 -8.03 -2.32 2.55
N ASP A 7 -7.49 -1.71 3.60
CA ASP A 7 -6.18 -2.10 4.09
C ASP A 7 -6.31 -3.31 5.02
N CYS A 8 -5.24 -3.65 5.74
CA CYS A 8 -5.25 -4.79 6.64
C CYS A 8 -6.17 -4.54 7.83
N ASN A 9 -6.58 -3.29 8.01
CA ASN A 9 -7.48 -2.91 9.09
C ASN A 9 -8.92 -3.09 8.67
N GLY A 10 -9.18 -2.76 7.42
CA GLY A 10 -10.53 -2.79 6.91
C GLY A 10 -10.99 -1.41 6.50
N ALA A 11 -10.05 -0.47 6.48
CA ALA A 11 -10.37 0.90 6.09
C ALA A 11 -10.35 1.02 4.58
N LEU A 12 -11.46 1.49 4.04
CA LEU A 12 -11.58 1.68 2.60
C LEU A 12 -10.64 2.77 2.10
N LEU A 13 -9.89 2.43 1.07
CA LEU A 13 -8.89 3.32 0.52
C LEU A 13 -9.40 3.99 -0.74
N ALA A 14 -8.69 5.01 -1.18
CA ALA A 14 -9.04 5.72 -2.41
C ALA A 14 -7.81 6.43 -2.96
N ASP A 15 -7.97 7.10 -4.10
CA ASP A 15 -6.88 7.87 -4.68
C ASP A 15 -6.50 9.03 -3.78
N GLY A 16 -5.22 9.16 -3.50
CA GLY A 16 -4.74 10.22 -2.64
C GLY A 16 -4.73 9.82 -1.17
N ASP A 17 -4.87 8.51 -0.94
CA ASP A 17 -4.92 7.99 0.42
C ASP A 17 -3.51 7.69 0.92
N ASN A 18 -3.40 7.32 2.19
CA ASN A 18 -2.11 7.06 2.80
C ASN A 18 -2.11 5.77 3.58
N VAL A 19 -1.13 4.92 3.30
CA VAL A 19 -0.96 3.66 3.99
C VAL A 19 0.45 3.56 4.58
N SER A 20 0.72 2.49 5.29
CA SER A 20 2.04 2.25 5.86
C SER A 20 2.31 0.76 6.05
N LEU A 21 3.58 0.40 5.94
CA LEU A 21 4.01 -0.99 6.09
C LEU A 21 3.77 -1.52 7.51
N ILE A 22 3.06 -2.63 7.63
CA ILE A 22 2.82 -3.24 8.94
C ILE A 22 3.87 -4.30 9.22
N LYS A 23 4.68 -4.58 8.22
CA LYS A 23 5.75 -5.56 8.31
C LYS A 23 6.94 -5.08 7.50
N ASP A 24 8.00 -5.86 7.53
CA ASP A 24 9.14 -5.63 6.65
C ASP A 24 8.94 -6.50 5.41
N LEU A 25 8.51 -5.90 4.31
CA LEU A 25 8.14 -6.67 3.14
C LEU A 25 9.21 -6.63 2.07
N LYS A 26 9.85 -7.75 1.90
CA LYS A 26 10.80 -7.92 0.84
C LYS A 26 10.08 -8.47 -0.40
N LEU A 27 10.43 -7.92 -1.54
CA LEU A 27 9.71 -8.21 -2.77
C LEU A 27 10.13 -9.57 -3.34
N LYS A 28 11.31 -9.61 -3.91
CA LYS A 28 11.80 -10.81 -4.57
C LYS A 28 13.30 -10.95 -4.33
N GLY A 29 13.76 -12.19 -4.15
CA GLY A 29 15.16 -12.44 -3.89
C GLY A 29 15.66 -11.66 -2.69
N SER A 30 16.61 -10.77 -2.94
CA SER A 30 17.10 -9.87 -1.91
C SER A 30 17.30 -8.48 -2.48
N SER A 31 16.66 -8.23 -3.62
CA SER A 31 16.83 -6.98 -4.34
C SER A 31 16.05 -5.85 -3.65
N THR A 32 14.73 -5.98 -3.63
CA THR A 32 13.88 -4.96 -3.03
C THR A 32 13.38 -5.41 -1.67
N VAL A 33 13.91 -4.79 -0.62
CA VAL A 33 13.47 -5.10 0.74
C VAL A 33 12.86 -3.86 1.38
N LEU A 34 11.55 -3.89 1.60
CA LEU A 34 10.87 -2.80 2.29
C LEU A 34 10.82 -3.10 3.77
N LYS A 35 10.81 -2.06 4.58
CA LYS A 35 10.84 -2.21 6.03
C LYS A 35 9.53 -1.79 6.65
N ARG A 36 9.34 -2.23 7.88
CA ARG A 36 8.17 -1.90 8.65
C ARG A 36 8.17 -0.42 9.01
N GLY A 37 7.00 0.19 9.05
CA GLY A 37 6.90 1.60 9.39
C GLY A 37 7.18 2.52 8.23
N THR A 38 7.17 1.97 7.02
CA THR A 38 7.33 2.76 5.82
C THR A 38 5.99 3.35 5.40
N MET A 39 5.90 4.68 5.39
CA MET A 39 4.66 5.33 5.03
C MET A 39 4.57 5.52 3.53
N ILE A 40 3.50 4.99 2.96
CA ILE A 40 3.22 5.16 1.55
C ILE A 40 1.97 6.03 1.38
N ARG A 41 2.18 7.31 1.17
CA ARG A 41 1.06 8.24 1.03
C ARG A 41 0.92 8.71 -0.42
N GLY A 42 -0.31 8.86 -0.86
CA GLY A 42 -0.57 9.19 -2.24
C GLY A 42 -0.81 7.94 -3.06
N ILE A 43 -1.57 7.01 -2.49
CA ILE A 43 -1.88 5.76 -3.16
C ILE A 43 -3.17 5.88 -3.95
N ARG A 44 -3.40 4.94 -4.82
CA ARG A 44 -4.59 4.94 -5.67
C ARG A 44 -5.16 3.53 -5.79
N LEU A 45 -6.38 3.44 -6.25
CA LEU A 45 -7.05 2.15 -6.41
C LEU A 45 -6.81 1.59 -7.81
N THR A 46 -7.03 0.31 -7.98
CA THR A 46 -6.86 -0.35 -9.27
C THR A 46 -8.10 -1.18 -9.59
N ASP A 47 -7.99 -2.05 -10.60
CA ASP A 47 -9.06 -2.99 -10.90
C ASP A 47 -9.04 -4.12 -9.87
N SER A 48 -7.99 -4.14 -9.06
CA SER A 48 -7.85 -5.09 -7.99
C SER A 48 -8.41 -4.50 -6.69
N GLU A 49 -8.99 -5.35 -5.87
CA GLU A 49 -9.60 -4.91 -4.61
C GLU A 49 -8.62 -5.09 -3.48
N ASP A 50 -7.64 -5.95 -3.71
CA ASP A 50 -6.67 -6.31 -2.68
C ASP A 50 -5.35 -5.60 -2.94
N GLU A 51 -5.28 -4.91 -4.08
CA GLU A 51 -4.06 -4.26 -4.51
C GLU A 51 -4.28 -2.78 -4.75
N ILE A 52 -3.25 -2.01 -4.49
CA ILE A 52 -3.25 -0.59 -4.75
C ILE A 52 -1.92 -0.19 -5.36
N GLU A 53 -1.81 1.05 -5.79
CA GLU A 53 -0.56 1.58 -6.29
C GLU A 53 -0.22 2.84 -5.52
N GLY A 54 1.03 2.97 -5.11
CA GLY A 54 1.40 4.13 -4.32
C GLY A 54 2.81 4.60 -4.59
N ARG A 55 3.22 5.62 -3.87
CA ARG A 55 4.56 6.19 -4.01
C ARG A 55 5.20 6.37 -2.66
N THR A 56 6.49 6.12 -2.60
CA THR A 56 7.24 6.20 -1.36
C THR A 56 8.39 7.19 -1.52
N ASP A 57 9.27 7.25 -0.53
CA ASP A 57 10.45 8.10 -0.59
C ASP A 57 11.52 7.46 -1.48
N LYS A 58 11.36 6.17 -1.76
CA LYS A 58 12.31 5.43 -2.59
C LYS A 58 11.64 4.99 -3.89
N ILE A 59 10.58 4.22 -3.75
CA ILE A 59 9.86 3.65 -4.89
C ILE A 59 8.61 4.47 -5.16
N LYS A 60 8.57 5.15 -6.29
CA LYS A 60 7.38 5.92 -6.65
C LYS A 60 6.59 5.22 -7.75
N GLY A 61 5.34 4.91 -7.45
CA GLY A 61 4.48 4.30 -8.43
C GLY A 61 4.63 2.80 -8.49
N LEU A 62 4.50 2.15 -7.34
CA LEU A 62 4.58 0.70 -7.29
C LEU A 62 3.23 0.13 -6.86
N VAL A 63 2.83 -0.96 -7.50
CA VAL A 63 1.56 -1.60 -7.20
C VAL A 63 1.76 -2.70 -6.18
N LEU A 64 1.14 -2.52 -5.02
CA LEU A 64 1.30 -3.47 -3.92
C LEU A 64 -0.04 -3.90 -3.37
N ARG A 65 -0.12 -5.17 -2.99
CA ARG A 65 -1.25 -5.67 -2.24
C ARG A 65 -1.34 -4.93 -0.92
N THR A 66 -2.52 -4.45 -0.61
CA THR A 66 -2.73 -3.64 0.57
C THR A 66 -3.06 -4.53 1.77
N GLU A 67 -2.62 -5.79 1.70
CA GLU A 67 -2.95 -6.77 2.73
C GLU A 67 -1.99 -6.61 3.90
N PHE A 68 -0.87 -5.99 3.60
CA PHE A 68 0.16 -5.75 4.58
C PHE A 68 0.36 -4.25 4.80
N LEU A 69 -0.62 -3.47 4.37
CA LEU A 69 -0.55 -2.02 4.52
C LEU A 69 -1.61 -1.55 5.48
N LYS A 70 -1.28 -0.54 6.25
CA LYS A 70 -2.19 0.03 7.22
C LYS A 70 -2.52 1.45 6.82
N LYS A 71 -3.80 1.76 6.73
CA LYS A 71 -4.22 3.12 6.44
C LYS A 71 -3.67 4.03 7.55
N ALA A 72 -2.93 5.06 7.15
CA ALA A 72 -2.19 5.88 8.09
C ALA A 72 -3.11 6.74 8.95
N GLY A 73 -2.95 6.62 10.26
CA GLY A 73 -3.72 7.42 11.19
C GLY A 73 -5.20 7.13 11.12
N SER A 74 -5.97 8.17 10.86
CA SER A 74 -7.42 8.04 10.71
C SER A 74 -7.81 8.40 9.29
N MET A 1 -19.99 -0.90 -9.72
CA MET A 1 -18.66 -1.49 -10.00
C MET A 1 -17.86 -1.58 -8.73
N SER A 2 -17.96 -2.70 -8.04
CA SER A 2 -17.37 -2.85 -6.72
C SER A 2 -15.88 -3.18 -6.79
N ILE A 3 -15.08 -2.28 -6.24
CA ILE A 3 -13.66 -2.52 -6.06
C ILE A 3 -13.24 -1.98 -4.69
N GLU A 4 -13.75 -2.62 -3.67
CA GLU A 4 -13.55 -2.17 -2.31
C GLU A 4 -12.19 -2.59 -1.78
N VAL A 5 -11.22 -1.72 -1.95
CA VAL A 5 -9.90 -1.94 -1.44
C VAL A 5 -9.81 -1.45 -0.01
N ARG A 6 -9.32 -2.29 0.89
CA ARG A 6 -9.24 -1.93 2.30
C ARG A 6 -7.86 -2.27 2.85
N ASP A 7 -7.48 -1.63 3.95
CA ASP A 7 -6.19 -1.87 4.58
C ASP A 7 -6.21 -3.17 5.39
N CYS A 8 -5.15 -3.41 6.14
CA CYS A 8 -5.03 -4.61 6.98
C CYS A 8 -6.17 -4.70 7.99
N ASN A 9 -6.69 -3.56 8.43
CA ASN A 9 -7.80 -3.54 9.36
C ASN A 9 -9.12 -3.69 8.62
N GLY A 10 -9.23 -2.98 7.51
CA GLY A 10 -10.45 -3.05 6.72
C GLY A 10 -10.99 -1.67 6.38
N ALA A 11 -10.14 -0.66 6.52
CA ALA A 11 -10.51 0.69 6.16
C ALA A 11 -10.40 0.88 4.66
N LEU A 12 -11.48 1.33 4.05
CA LEU A 12 -11.52 1.52 2.61
C LEU A 12 -10.54 2.59 2.15
N LEU A 13 -9.77 2.26 1.12
CA LEU A 13 -8.80 3.17 0.55
C LEU A 13 -9.37 3.82 -0.69
N ALA A 14 -8.74 4.89 -1.12
CA ALA A 14 -9.18 5.62 -2.30
C ALA A 14 -8.03 6.38 -2.92
N ASP A 15 -8.29 7.06 -4.02
CA ASP A 15 -7.28 7.87 -4.68
C ASP A 15 -6.89 9.07 -3.81
N GLY A 16 -5.66 9.09 -3.38
CA GLY A 16 -5.18 10.18 -2.54
C GLY A 16 -5.07 9.79 -1.08
N ASP A 17 -5.13 8.49 -0.82
CA ASP A 17 -5.02 7.98 0.55
C ASP A 17 -3.56 7.67 0.87
N ASN A 18 -3.29 7.33 2.12
CA ASN A 18 -1.94 6.98 2.54
C ASN A 18 -1.92 5.72 3.37
N VAL A 19 -0.94 4.87 3.09
CA VAL A 19 -0.78 3.62 3.81
C VAL A 19 0.64 3.51 4.36
N SER A 20 0.90 2.45 5.10
CA SER A 20 2.23 2.20 5.63
C SER A 20 2.44 0.71 5.86
N LEU A 21 3.71 0.30 5.87
CA LEU A 21 4.10 -1.09 6.10
C LEU A 21 3.77 -1.53 7.52
N ILE A 22 3.06 -2.65 7.65
CA ILE A 22 2.74 -3.19 8.98
C ILE A 22 3.78 -4.20 9.40
N LYS A 23 4.64 -4.57 8.47
CA LYS A 23 5.71 -5.51 8.73
C LYS A 23 6.94 -5.06 7.97
N ASP A 24 7.96 -5.87 8.01
CA ASP A 24 9.14 -5.65 7.20
C ASP A 24 9.06 -6.53 5.96
N LEU A 25 8.53 -5.96 4.88
CA LEU A 25 8.30 -6.71 3.65
C LEU A 25 9.37 -6.39 2.63
N LYS A 26 10.21 -7.37 2.35
CA LYS A 26 11.25 -7.20 1.37
C LYS A 26 10.75 -7.56 -0.02
N LEU A 27 11.07 -6.72 -0.96
CA LEU A 27 10.72 -6.90 -2.35
C LEU A 27 11.93 -7.37 -3.14
N LYS A 28 11.72 -8.24 -4.10
CA LYS A 28 12.80 -8.78 -4.90
C LYS A 28 13.31 -7.71 -5.86
N GLY A 29 12.40 -6.86 -6.33
CA GLY A 29 12.76 -5.78 -7.21
C GLY A 29 13.64 -4.75 -6.53
N SER A 30 14.89 -4.66 -7.00
CA SER A 30 15.86 -3.72 -6.45
C SER A 30 16.22 -4.08 -5.00
N SER A 31 15.85 -5.29 -4.58
CA SER A 31 16.09 -5.76 -3.22
C SER A 31 15.51 -4.77 -2.21
N THR A 32 14.38 -4.19 -2.56
CA THR A 32 13.75 -3.17 -1.73
C THR A 32 13.16 -3.78 -0.46
N VAL A 33 13.84 -3.58 0.67
CA VAL A 33 13.34 -4.10 1.92
C VAL A 33 12.50 -3.04 2.61
N LEU A 34 11.19 -3.20 2.54
CA LEU A 34 10.27 -2.24 3.13
C LEU A 34 10.05 -2.54 4.59
N LYS A 35 10.86 -1.92 5.44
CA LYS A 35 10.79 -2.12 6.88
C LYS A 35 9.47 -1.63 7.45
N ARG A 36 9.13 -2.15 8.62
CA ARG A 36 7.92 -1.78 9.30
C ARG A 36 7.89 -0.28 9.60
N GLY A 37 6.81 0.37 9.23
CA GLY A 37 6.69 1.79 9.45
C GLY A 37 6.92 2.59 8.18
N THR A 38 7.32 1.92 7.10
CA THR A 38 7.49 2.59 5.80
C THR A 38 6.17 3.21 5.35
N MET A 39 6.11 4.52 5.31
CA MET A 39 4.88 5.21 4.95
C MET A 39 4.81 5.44 3.45
N ILE A 40 3.81 4.84 2.84
CA ILE A 40 3.53 5.05 1.43
C ILE A 40 2.30 5.93 1.29
N ARG A 41 2.52 7.22 1.18
CA ARG A 41 1.41 8.17 1.14
C ARG A 41 1.16 8.67 -0.28
N GLY A 42 -0.11 8.81 -0.62
CA GLY A 42 -0.46 9.21 -1.96
C GLY A 42 -0.71 8.03 -2.86
N ILE A 43 -1.54 7.09 -2.38
CA ILE A 43 -1.85 5.88 -3.12
C ILE A 43 -3.14 6.08 -3.90
N ARG A 44 -3.45 5.14 -4.77
CA ARG A 44 -4.66 5.20 -5.56
C ARG A 44 -5.16 3.79 -5.87
N LEU A 45 -6.45 3.66 -6.13
CA LEU A 45 -7.03 2.37 -6.45
C LEU A 45 -6.68 2.01 -7.89
N THR A 46 -6.29 0.77 -8.10
CA THR A 46 -5.87 0.31 -9.41
C THR A 46 -7.05 -0.18 -10.23
N ASP A 47 -7.54 -1.32 -9.80
CA ASP A 47 -8.63 -2.03 -10.46
C ASP A 47 -8.88 -3.29 -9.66
N SER A 48 -7.80 -3.79 -9.08
CA SER A 48 -7.85 -4.87 -8.13
C SER A 48 -8.42 -4.38 -6.80
N GLU A 49 -9.15 -5.22 -6.11
CA GLU A 49 -9.64 -4.90 -4.77
C GLU A 49 -8.61 -5.33 -3.76
N ASP A 50 -7.73 -6.22 -4.21
CA ASP A 50 -6.71 -6.83 -3.37
C ASP A 50 -5.43 -6.00 -3.39
N GLU A 51 -5.30 -5.17 -4.43
CA GLU A 51 -4.09 -4.41 -4.66
C GLU A 51 -4.37 -2.94 -4.84
N ILE A 52 -3.38 -2.14 -4.53
CA ILE A 52 -3.41 -0.71 -4.82
C ILE A 52 -2.10 -0.30 -5.43
N GLU A 53 -1.98 0.95 -5.81
CA GLU A 53 -0.73 1.49 -6.26
C GLU A 53 -0.41 2.72 -5.43
N GLY A 54 0.85 2.88 -5.06
CA GLY A 54 1.24 4.03 -4.30
C GLY A 54 2.61 4.50 -4.65
N ARG A 55 3.17 5.37 -3.82
CA ARG A 55 4.47 5.93 -4.05
C ARG A 55 5.19 6.19 -2.75
N THR A 56 6.47 5.89 -2.74
CA THR A 56 7.28 6.06 -1.56
C THR A 56 8.56 6.81 -1.93
N ASP A 57 9.45 6.99 -0.97
CA ASP A 57 10.65 7.79 -1.17
C ASP A 57 11.60 7.15 -2.18
N LYS A 58 11.65 5.83 -2.20
CA LYS A 58 12.51 5.13 -3.15
C LYS A 58 11.82 4.98 -4.50
N ILE A 59 10.59 4.49 -4.48
CA ILE A 59 9.89 4.12 -5.70
C ILE A 59 8.50 4.73 -5.73
N LYS A 60 8.16 5.40 -6.81
CA LYS A 60 6.83 5.95 -6.98
C LYS A 60 6.09 5.17 -8.06
N GLY A 61 4.78 5.03 -7.89
CA GLY A 61 3.99 4.33 -8.86
C GLY A 61 4.24 2.83 -8.83
N LEU A 62 4.21 2.24 -7.64
CA LEU A 62 4.38 0.81 -7.51
C LEU A 62 3.10 0.18 -6.99
N VAL A 63 2.71 -0.92 -7.59
CA VAL A 63 1.46 -1.59 -7.24
C VAL A 63 1.73 -2.66 -6.18
N LEU A 64 1.03 -2.55 -5.07
CA LEU A 64 1.23 -3.47 -3.96
C LEU A 64 -0.09 -3.96 -3.37
N ARG A 65 -0.09 -5.23 -2.97
CA ARG A 65 -1.22 -5.80 -2.25
C ARG A 65 -1.46 -5.04 -0.95
N THR A 66 -2.71 -4.73 -0.69
CA THR A 66 -3.09 -3.95 0.49
C THR A 66 -3.32 -4.88 1.68
N GLU A 67 -2.67 -6.03 1.67
CA GLU A 67 -2.87 -7.04 2.71
C GLU A 67 -1.98 -6.73 3.89
N PHE A 68 -0.84 -6.15 3.59
CA PHE A 68 0.16 -5.87 4.59
C PHE A 68 0.35 -4.36 4.78
N LEU A 69 -0.64 -3.60 4.36
CA LEU A 69 -0.55 -2.15 4.46
C LEU A 69 -1.58 -1.62 5.43
N LYS A 70 -1.20 -0.57 6.13
CA LYS A 70 -2.05 0.05 7.12
C LYS A 70 -2.45 1.44 6.66
N LYS A 71 -3.73 1.71 6.63
CA LYS A 71 -4.21 3.05 6.30
C LYS A 71 -3.74 4.02 7.38
N ALA A 72 -3.00 5.03 6.97
CA ALA A 72 -2.40 5.97 7.90
C ALA A 72 -3.36 7.10 8.26
N GLY A 73 -3.40 7.47 9.52
CA GLY A 73 -4.27 8.53 9.96
C GLY A 73 -5.59 8.00 10.49
N SER A 74 -6.49 8.90 10.84
CA SER A 74 -7.79 8.53 11.36
C SER A 74 -8.89 9.30 10.65
N MET A 1 -20.71 -6.85 -6.76
CA MET A 1 -20.40 -5.50 -7.29
C MET A 1 -19.62 -4.72 -6.24
N SER A 2 -18.33 -4.99 -6.14
CA SER A 2 -17.49 -4.38 -5.12
C SER A 2 -16.02 -4.53 -5.47
N ILE A 3 -15.33 -3.40 -5.60
CA ILE A 3 -13.87 -3.41 -5.71
C ILE A 3 -13.29 -2.70 -4.51
N GLU A 4 -14.06 -2.71 -3.43
CA GLU A 4 -13.69 -2.06 -2.18
C GLU A 4 -12.30 -2.45 -1.72
N VAL A 5 -11.38 -1.52 -1.83
CA VAL A 5 -10.02 -1.73 -1.38
C VAL A 5 -9.87 -1.25 0.04
N ARG A 6 -9.52 -2.15 0.93
CA ARG A 6 -9.35 -1.82 2.34
C ARG A 6 -7.95 -2.21 2.80
N ASP A 7 -7.50 -1.64 3.91
CA ASP A 7 -6.18 -1.95 4.45
C ASP A 7 -6.24 -3.24 5.28
N CYS A 8 -5.21 -3.50 6.05
CA CYS A 8 -5.15 -4.72 6.85
C CYS A 8 -6.14 -4.66 8.02
N ASN A 9 -6.73 -3.49 8.21
CA ASN A 9 -7.68 -3.27 9.30
C ASN A 9 -9.10 -3.42 8.77
N GLY A 10 -9.30 -2.95 7.56
CA GLY A 10 -10.61 -2.98 6.96
C GLY A 10 -11.09 -1.60 6.59
N ALA A 11 -10.19 -0.64 6.71
CA ALA A 11 -10.50 0.75 6.37
C ALA A 11 -10.37 0.95 4.86
N LEU A 12 -11.40 1.51 4.27
CA LEU A 12 -11.45 1.69 2.82
C LEU A 12 -10.47 2.77 2.36
N LEU A 13 -9.83 2.50 1.24
CA LEU A 13 -8.88 3.41 0.64
C LEU A 13 -9.50 4.10 -0.56
N ALA A 14 -8.80 5.06 -1.13
CA ALA A 14 -9.27 5.77 -2.30
C ALA A 14 -8.09 6.46 -2.99
N ASP A 15 -8.38 7.15 -4.09
CA ASP A 15 -7.38 7.95 -4.78
C ASP A 15 -6.94 9.12 -3.91
N GLY A 16 -5.66 9.19 -3.62
CA GLY A 16 -5.14 10.26 -2.78
C GLY A 16 -5.15 9.87 -1.31
N ASP A 17 -5.06 8.57 -1.06
CA ASP A 17 -5.07 8.05 0.31
C ASP A 17 -3.64 7.79 0.77
N ASN A 18 -3.47 7.44 2.04
CA ASN A 18 -2.15 7.15 2.58
C ASN A 18 -2.16 5.88 3.43
N VAL A 19 -1.09 5.11 3.30
CA VAL A 19 -0.93 3.87 4.04
C VAL A 19 0.51 3.72 4.52
N SER A 20 0.78 2.64 5.24
CA SER A 20 2.11 2.37 5.73
C SER A 20 2.34 0.87 5.93
N LEU A 21 3.61 0.46 5.88
CA LEU A 21 3.99 -0.95 6.01
C LEU A 21 3.76 -1.47 7.42
N ILE A 22 3.05 -2.59 7.55
CA ILE A 22 2.79 -3.18 8.86
C ILE A 22 3.84 -4.24 9.19
N LYS A 23 4.69 -4.53 8.22
CA LYS A 23 5.77 -5.50 8.41
C LYS A 23 6.83 -5.27 7.33
N ASP A 24 7.90 -6.03 7.36
CA ASP A 24 8.94 -5.92 6.33
C ASP A 24 8.57 -6.79 5.14
N LEU A 25 8.48 -6.19 3.96
CA LEU A 25 8.15 -6.92 2.74
C LEU A 25 9.30 -6.82 1.75
N LYS A 26 9.81 -7.96 1.32
CA LYS A 26 10.86 -7.97 0.33
C LYS A 26 10.30 -8.27 -1.05
N LEU A 27 10.82 -7.57 -2.04
CA LEU A 27 10.38 -7.70 -3.41
C LEU A 27 11.41 -8.44 -4.24
N LYS A 28 10.94 -9.07 -5.32
CA LYS A 28 11.79 -9.82 -6.25
C LYS A 28 12.38 -11.03 -5.53
N GLY A 29 13.40 -11.63 -6.13
CA GLY A 29 14.08 -12.73 -5.47
C GLY A 29 14.85 -12.26 -4.27
N SER A 30 15.78 -11.34 -4.51
CA SER A 30 16.55 -10.72 -3.45
C SER A 30 17.08 -9.37 -3.94
N SER A 31 16.26 -8.34 -3.82
CA SER A 31 16.68 -7.00 -4.23
C SER A 31 16.10 -5.93 -3.32
N THR A 32 14.84 -5.57 -3.52
CA THR A 32 14.25 -4.49 -2.76
C THR A 32 13.58 -5.02 -1.50
N VAL A 33 14.22 -4.82 -0.37
CA VAL A 33 13.69 -5.25 0.91
C VAL A 33 13.08 -4.06 1.64
N LEU A 34 11.77 -3.98 1.69
CA LEU A 34 11.09 -2.91 2.41
C LEU A 34 10.95 -3.28 3.87
N LYS A 35 11.03 -2.28 4.72
CA LYS A 35 10.95 -2.50 6.16
C LYS A 35 9.67 -1.93 6.72
N ARG A 36 9.30 -2.40 7.90
CA ARG A 36 8.15 -1.88 8.60
C ARG A 36 8.35 -0.40 8.93
N GLY A 37 7.29 0.38 8.82
CA GLY A 37 7.39 1.79 9.12
C GLY A 37 7.46 2.65 7.87
N THR A 38 7.58 2.00 6.72
CA THR A 38 7.60 2.70 5.45
C THR A 38 6.22 3.26 5.13
N MET A 39 6.13 4.57 4.96
CA MET A 39 4.86 5.20 4.63
C MET A 39 4.69 5.28 3.12
N ILE A 40 3.54 4.82 2.68
CA ILE A 40 3.15 4.93 1.28
C ILE A 40 1.95 5.87 1.16
N ARG A 41 2.22 7.13 0.91
CA ARG A 41 1.16 8.14 0.84
C ARG A 41 0.96 8.62 -0.59
N GLY A 42 -0.29 8.87 -0.94
CA GLY A 42 -0.61 9.26 -2.29
C GLY A 42 -0.85 8.05 -3.16
N ILE A 43 -1.65 7.11 -2.67
CA ILE A 43 -1.94 5.89 -3.40
C ILE A 43 -3.24 6.05 -4.17
N ARG A 44 -3.46 5.15 -5.12
CA ARG A 44 -4.68 5.16 -5.90
C ARG A 44 -5.20 3.75 -6.08
N LEU A 45 -6.51 3.61 -6.17
CA LEU A 45 -7.13 2.30 -6.35
C LEU A 45 -6.87 1.80 -7.76
N THR A 46 -6.81 0.49 -7.91
CA THR A 46 -6.50 -0.10 -9.20
C THR A 46 -7.67 -0.95 -9.69
N ASP A 47 -7.39 -1.85 -10.63
CA ASP A 47 -8.39 -2.79 -11.11
C ASP A 47 -8.57 -3.90 -10.09
N SER A 48 -7.71 -3.90 -9.08
CA SER A 48 -7.71 -4.91 -8.06
C SER A 48 -8.23 -4.35 -6.75
N GLU A 49 -8.98 -5.17 -6.03
CA GLU A 49 -9.52 -4.80 -4.73
C GLU A 49 -8.51 -5.14 -3.65
N ASP A 50 -7.58 -6.01 -4.00
CA ASP A 50 -6.54 -6.45 -3.08
C ASP A 50 -5.28 -5.62 -3.26
N GLU A 51 -5.23 -4.86 -4.35
CA GLU A 51 -4.02 -4.15 -4.73
C GLU A 51 -4.28 -2.68 -4.96
N ILE A 52 -3.28 -1.90 -4.61
CA ILE A 52 -3.27 -0.48 -4.88
C ILE A 52 -1.90 -0.08 -5.42
N GLU A 53 -1.81 1.06 -6.04
CA GLU A 53 -0.54 1.57 -6.51
C GLU A 53 -0.24 2.88 -5.83
N GLY A 54 0.97 3.03 -5.33
CA GLY A 54 1.31 4.22 -4.61
C GLY A 54 2.77 4.59 -4.74
N ARG A 55 3.22 5.46 -3.87
CA ARG A 55 4.58 5.93 -3.88
C ARG A 55 5.10 6.07 -2.46
N THR A 56 6.38 5.82 -2.28
CA THR A 56 7.01 5.88 -0.97
C THR A 56 8.02 7.02 -0.98
N ASP A 57 8.82 7.09 0.08
CA ASP A 57 9.93 8.05 0.14
C ASP A 57 11.00 7.70 -0.90
N LYS A 58 11.09 6.41 -1.24
CA LYS A 58 12.10 5.93 -2.17
C LYS A 58 11.46 5.41 -3.45
N ILE A 59 10.77 4.28 -3.37
CA ILE A 59 10.11 3.69 -4.53
C ILE A 59 8.91 4.53 -4.91
N LYS A 60 8.64 4.65 -6.19
CA LYS A 60 7.46 5.38 -6.64
C LYS A 60 6.71 4.58 -7.69
N GLY A 61 5.39 4.69 -7.66
CA GLY A 61 4.56 4.04 -8.65
C GLY A 61 4.68 2.53 -8.60
N LEU A 62 4.60 1.98 -7.39
CA LEU A 62 4.67 0.53 -7.22
C LEU A 62 3.31 -0.01 -6.82
N VAL A 63 2.92 -1.11 -7.45
CA VAL A 63 1.63 -1.73 -7.17
C VAL A 63 1.79 -2.79 -6.10
N LEU A 64 1.07 -2.61 -5.01
CA LEU A 64 1.18 -3.54 -3.89
C LEU A 64 -0.16 -3.99 -3.37
N ARG A 65 -0.19 -5.27 -3.02
CA ARG A 65 -1.27 -5.81 -2.21
C ARG A 65 -1.40 -4.99 -0.94
N THR A 66 -2.62 -4.57 -0.66
CA THR A 66 -2.87 -3.66 0.44
C THR A 66 -3.19 -4.42 1.72
N GLU A 67 -2.78 -5.68 1.77
CA GLU A 67 -3.14 -6.53 2.89
C GLU A 67 -2.03 -6.52 3.94
N PHE A 68 -0.90 -5.93 3.59
CA PHE A 68 0.16 -5.70 4.54
C PHE A 68 0.36 -4.21 4.78
N LEU A 69 -0.64 -3.44 4.37
CA LEU A 69 -0.59 -2.00 4.51
C LEU A 69 -1.61 -1.54 5.52
N LYS A 70 -1.27 -0.46 6.19
CA LYS A 70 -2.15 0.13 7.17
C LYS A 70 -2.49 1.56 6.76
N LYS A 71 -3.78 1.86 6.66
CA LYS A 71 -4.22 3.20 6.34
C LYS A 71 -3.75 4.16 7.44
N ALA A 72 -3.03 5.20 7.05
CA ALA A 72 -2.44 6.11 8.02
C ALA A 72 -3.48 7.06 8.59
N GLY A 73 -3.24 7.51 9.82
CA GLY A 73 -4.18 8.40 10.47
C GLY A 73 -5.00 7.67 11.52
N SER A 74 -5.42 6.46 11.18
CA SER A 74 -6.21 5.64 12.10
C SER A 74 -5.82 4.17 11.94
N MET A 1 -21.06 -6.26 -6.47
CA MET A 1 -19.96 -6.05 -7.43
C MET A 1 -19.28 -4.72 -7.15
N SER A 2 -18.30 -4.74 -6.27
CA SER A 2 -17.59 -3.53 -5.88
C SER A 2 -16.11 -3.86 -5.66
N ILE A 3 -15.24 -2.89 -5.96
CA ILE A 3 -13.82 -3.07 -5.73
C ILE A 3 -13.38 -2.22 -4.54
N GLU A 4 -14.10 -2.34 -3.44
CA GLU A 4 -13.77 -1.60 -2.23
C GLU A 4 -12.47 -2.07 -1.63
N VAL A 5 -11.43 -1.32 -1.91
CA VAL A 5 -10.10 -1.64 -1.43
C VAL A 5 -9.94 -1.16 0.01
N ARG A 6 -9.51 -2.06 0.88
CA ARG A 6 -9.31 -1.73 2.28
C ARG A 6 -7.93 -2.18 2.74
N ASP A 7 -7.46 -1.61 3.83
CA ASP A 7 -6.15 -1.97 4.38
C ASP A 7 -6.22 -3.33 5.07
N CYS A 8 -5.13 -3.70 5.74
CA CYS A 8 -5.06 -4.95 6.48
C CYS A 8 -6.20 -5.08 7.49
N ASN A 9 -6.61 -3.95 8.06
CA ASN A 9 -7.69 -3.93 9.03
C ASN A 9 -9.04 -3.95 8.34
N GLY A 10 -9.28 -2.96 7.51
CA GLY A 10 -10.54 -2.83 6.84
C GLY A 10 -10.96 -1.39 6.63
N ALA A 11 -9.99 -0.49 6.59
CA ALA A 11 -10.26 0.90 6.30
C ALA A 11 -10.22 1.12 4.79
N LEU A 12 -11.27 1.74 4.27
CA LEU A 12 -11.40 1.94 2.84
C LEU A 12 -10.43 3.00 2.33
N LEU A 13 -9.82 2.71 1.18
CA LEU A 13 -8.83 3.60 0.58
C LEU A 13 -9.41 4.29 -0.64
N ALA A 14 -8.66 5.24 -1.19
CA ALA A 14 -9.05 5.96 -2.39
C ALA A 14 -7.84 6.65 -3.01
N ASP A 15 -8.03 7.26 -4.17
CA ASP A 15 -6.97 8.00 -4.84
C ASP A 15 -6.56 9.22 -4.02
N GLY A 16 -5.31 9.23 -3.57
CA GLY A 16 -4.81 10.34 -2.77
C GLY A 16 -4.74 9.97 -1.29
N ASP A 17 -4.94 8.69 -1.00
CA ASP A 17 -4.91 8.22 0.39
C ASP A 17 -3.49 7.80 0.78
N ASN A 18 -3.30 7.45 2.04
CA ASN A 18 -1.98 7.06 2.52
C ASN A 18 -2.03 5.80 3.37
N VAL A 19 -0.99 4.99 3.23
CA VAL A 19 -0.87 3.74 3.96
C VAL A 19 0.54 3.60 4.52
N SER A 20 0.78 2.55 5.28
CA SER A 20 2.10 2.29 5.85
C SER A 20 2.31 0.78 6.09
N LEU A 21 3.57 0.37 6.15
CA LEU A 21 3.96 -1.03 6.35
C LEU A 21 3.63 -1.52 7.77
N ILE A 22 2.94 -2.65 7.86
CA ILE A 22 2.61 -3.23 9.17
C ILE A 22 3.66 -4.26 9.59
N LYS A 23 4.60 -4.50 8.70
CA LYS A 23 5.67 -5.47 8.94
C LYS A 23 6.78 -5.24 7.93
N ASP A 24 7.84 -6.04 8.02
CA ASP A 24 8.95 -5.93 7.08
C ASP A 24 8.68 -6.76 5.83
N LEU A 25 8.45 -6.09 4.72
CA LEU A 25 8.22 -6.78 3.45
C LEU A 25 9.40 -6.56 2.51
N LYS A 26 10.05 -7.64 2.13
CA LYS A 26 11.16 -7.55 1.21
C LYS A 26 10.69 -7.91 -0.20
N LEU A 27 11.14 -7.14 -1.17
CA LEU A 27 10.73 -7.32 -2.55
C LEU A 27 11.50 -8.48 -3.18
N LYS A 28 10.83 -9.21 -4.07
CA LYS A 28 11.36 -10.47 -4.60
C LYS A 28 12.30 -10.25 -5.79
N GLY A 29 11.84 -9.49 -6.78
CA GLY A 29 12.64 -9.24 -7.98
C GLY A 29 14.03 -8.73 -7.65
N SER A 30 14.10 -7.72 -6.80
CA SER A 30 15.35 -7.20 -6.31
C SER A 30 15.28 -7.07 -4.80
N SER A 31 16.38 -7.30 -4.11
CA SER A 31 16.40 -7.33 -2.66
C SER A 31 16.20 -5.93 -2.05
N THR A 32 14.97 -5.46 -2.11
CA THR A 32 14.58 -4.22 -1.45
C THR A 32 13.75 -4.54 -0.21
N VAL A 33 14.35 -4.36 0.96
CA VAL A 33 13.67 -4.70 2.20
C VAL A 33 12.91 -3.50 2.76
N LEU A 34 11.59 -3.54 2.64
CA LEU A 34 10.76 -2.47 3.15
C LEU A 34 10.32 -2.79 4.58
N LYS A 35 11.03 -2.19 5.53
CA LYS A 35 10.82 -2.46 6.95
C LYS A 35 9.48 -1.93 7.44
N ARG A 36 9.06 -2.44 8.59
CA ARG A 36 7.86 -1.96 9.25
C ARG A 36 7.99 -0.48 9.56
N GLY A 37 6.95 0.28 9.24
CA GLY A 37 6.99 1.71 9.46
C GLY A 37 7.14 2.50 8.18
N THR A 38 7.55 1.83 7.11
CA THR A 38 7.66 2.46 5.79
C THR A 38 6.32 3.08 5.41
N MET A 39 6.32 4.38 5.15
CA MET A 39 5.08 5.08 4.90
C MET A 39 4.88 5.30 3.40
N ILE A 40 3.77 4.76 2.91
CA ILE A 40 3.43 4.91 1.50
C ILE A 40 2.23 5.84 1.36
N ARG A 41 2.50 7.12 1.20
CA ARG A 41 1.46 8.11 1.06
C ARG A 41 1.28 8.53 -0.38
N GLY A 42 0.04 8.63 -0.82
CA GLY A 42 -0.25 8.93 -2.20
C GLY A 42 -0.58 7.69 -2.99
N ILE A 43 -1.52 6.91 -2.47
CA ILE A 43 -1.93 5.67 -3.13
C ILE A 43 -3.23 5.89 -3.89
N ARG A 44 -3.55 4.95 -4.76
CA ARG A 44 -4.77 5.00 -5.55
C ARG A 44 -5.36 3.62 -5.71
N LEU A 45 -6.66 3.55 -6.01
CA LEU A 45 -7.32 2.28 -6.21
C LEU A 45 -6.99 1.73 -7.59
N THR A 46 -6.74 0.44 -7.66
CA THR A 46 -6.24 -0.18 -8.87
C THR A 46 -7.33 -1.02 -9.54
N ASP A 47 -6.96 -1.77 -10.58
CA ASP A 47 -7.87 -2.74 -11.18
C ASP A 47 -8.24 -3.79 -10.15
N SER A 48 -7.28 -4.11 -9.31
CA SER A 48 -7.48 -5.02 -8.21
C SER A 48 -7.96 -4.26 -6.99
N GLU A 49 -8.79 -4.91 -6.19
CA GLU A 49 -9.23 -4.34 -4.92
C GLU A 49 -8.51 -5.03 -3.77
N ASP A 50 -7.68 -5.97 -4.14
CA ASP A 50 -6.78 -6.62 -3.20
C ASP A 50 -5.42 -5.94 -3.28
N GLU A 51 -5.30 -5.02 -4.23
CA GLU A 51 -4.07 -4.31 -4.48
C GLU A 51 -4.32 -2.84 -4.62
N ILE A 52 -3.28 -2.09 -4.40
CA ILE A 52 -3.31 -0.65 -4.64
C ILE A 52 -2.00 -0.22 -5.26
N GLU A 53 -1.97 0.99 -5.75
CA GLU A 53 -0.77 1.54 -6.31
C GLU A 53 -0.43 2.82 -5.57
N GLY A 54 0.80 2.92 -5.08
CA GLY A 54 1.18 4.06 -4.31
C GLY A 54 2.56 4.55 -4.63
N ARG A 55 3.06 5.48 -3.84
CA ARG A 55 4.38 6.01 -4.06
C ARG A 55 5.12 6.11 -2.73
N THR A 56 6.40 5.85 -2.77
CA THR A 56 7.23 5.88 -1.58
C THR A 56 8.21 7.04 -1.68
N ASP A 57 9.15 7.09 -0.76
CA ASP A 57 10.20 8.11 -0.78
C ASP A 57 11.10 7.91 -2.00
N LYS A 58 11.17 6.68 -2.51
CA LYS A 58 12.01 6.37 -3.64
C LYS A 58 11.17 5.89 -4.83
N ILE A 59 10.50 4.77 -4.63
CA ILE A 59 9.75 4.12 -5.69
C ILE A 59 8.36 4.72 -5.79
N LYS A 60 8.07 5.39 -6.90
CA LYS A 60 6.76 5.94 -7.12
C LYS A 60 5.97 5.05 -8.07
N GLY A 61 4.67 4.98 -7.86
CA GLY A 61 3.82 4.23 -8.76
C GLY A 61 4.08 2.74 -8.73
N LEU A 62 4.17 2.18 -7.53
CA LEU A 62 4.34 0.75 -7.40
C LEU A 62 3.04 0.12 -6.91
N VAL A 63 2.64 -0.96 -7.55
CA VAL A 63 1.41 -1.64 -7.23
C VAL A 63 1.66 -2.72 -6.22
N LEU A 64 1.06 -2.58 -5.05
CA LEU A 64 1.27 -3.53 -3.97
C LEU A 64 -0.04 -4.06 -3.41
N ARG A 65 -0.01 -5.33 -3.04
CA ARG A 65 -1.11 -5.97 -2.34
C ARG A 65 -1.39 -5.24 -1.03
N THR A 66 -2.66 -4.96 -0.77
CA THR A 66 -3.04 -4.18 0.39
C THR A 66 -3.27 -5.09 1.60
N GLU A 67 -2.54 -6.20 1.66
CA GLU A 67 -2.70 -7.15 2.75
C GLU A 67 -1.85 -6.72 3.93
N PHE A 68 -0.72 -6.10 3.60
CA PHE A 68 0.27 -5.77 4.60
C PHE A 68 0.39 -4.26 4.78
N LEU A 69 -0.61 -3.53 4.29
CA LEU A 69 -0.58 -2.08 4.39
C LEU A 69 -1.67 -1.61 5.31
N LYS A 70 -1.34 -0.59 6.06
CA LYS A 70 -2.25 -0.02 7.04
C LYS A 70 -2.61 1.39 6.64
N LYS A 71 -3.89 1.70 6.69
CA LYS A 71 -4.36 3.04 6.33
C LYS A 71 -3.82 4.03 7.36
N ALA A 72 -3.05 4.99 6.90
CA ALA A 72 -2.26 5.85 7.79
C ALA A 72 -3.13 6.81 8.58
N GLY A 73 -3.64 7.83 7.90
CA GLY A 73 -4.46 8.82 8.57
C GLY A 73 -4.75 10.01 7.68
N SER A 74 -4.38 11.19 8.14
CA SER A 74 -4.64 12.40 7.37
C SER A 74 -3.37 12.84 6.63
N MET A 1 -20.70 -5.08 -9.66
CA MET A 1 -19.33 -5.46 -9.24
C MET A 1 -18.66 -4.31 -8.52
N SER A 2 -18.70 -4.33 -7.20
CA SER A 2 -18.03 -3.31 -6.40
C SER A 2 -16.70 -3.83 -5.88
N ILE A 3 -15.64 -3.07 -6.14
CA ILE A 3 -14.29 -3.51 -5.83
C ILE A 3 -13.71 -2.69 -4.68
N GLU A 4 -14.43 -2.68 -3.56
CA GLU A 4 -13.98 -1.99 -2.36
C GLU A 4 -12.59 -2.44 -1.94
N VAL A 5 -11.68 -1.49 -1.86
CA VAL A 5 -10.31 -1.79 -1.48
C VAL A 5 -10.06 -1.31 -0.05
N ARG A 6 -9.61 -2.23 0.80
CA ARG A 6 -9.33 -1.89 2.19
C ARG A 6 -7.95 -2.41 2.58
N ASP A 7 -7.38 -1.83 3.62
CA ASP A 7 -6.07 -2.23 4.10
C ASP A 7 -6.18 -3.50 4.97
N CYS A 8 -5.10 -3.85 5.64
CA CYS A 8 -5.09 -5.04 6.50
C CYS A 8 -6.00 -4.83 7.71
N ASN A 9 -6.30 -3.58 7.98
CA ASN A 9 -7.15 -3.21 9.12
C ASN A 9 -8.60 -3.39 8.74
N GLY A 10 -8.96 -2.87 7.58
CA GLY A 10 -10.32 -2.91 7.12
C GLY A 10 -10.86 -1.53 6.80
N ALA A 11 -9.93 -0.59 6.64
CA ALA A 11 -10.28 0.77 6.28
C ALA A 11 -10.27 0.93 4.77
N LEU A 12 -11.31 1.54 4.24
CA LEU A 12 -11.44 1.72 2.80
C LEU A 12 -10.48 2.77 2.28
N LEU A 13 -9.84 2.45 1.16
CA LEU A 13 -8.85 3.34 0.55
C LEU A 13 -9.44 4.03 -0.67
N ALA A 14 -8.72 5.02 -1.16
CA ALA A 14 -9.11 5.74 -2.36
C ALA A 14 -7.90 6.50 -2.92
N ASP A 15 -8.06 7.10 -4.10
CA ASP A 15 -6.98 7.90 -4.68
C ASP A 15 -6.70 9.12 -3.81
N GLY A 16 -5.47 9.21 -3.35
CA GLY A 16 -5.08 10.30 -2.48
C GLY A 16 -4.97 9.88 -1.03
N ASP A 17 -5.15 8.59 -0.80
CA ASP A 17 -5.06 8.03 0.55
C ASP A 17 -3.60 7.73 0.89
N ASN A 18 -3.37 7.32 2.13
CA ASN A 18 -2.01 7.02 2.59
C ASN A 18 -2.01 5.79 3.47
N VAL A 19 -1.07 4.92 3.19
CA VAL A 19 -0.91 3.70 3.96
C VAL A 19 0.51 3.60 4.49
N SER A 20 0.77 2.60 5.32
CA SER A 20 2.09 2.37 5.84
C SER A 20 2.32 0.90 6.13
N LEU A 21 3.58 0.49 6.06
CA LEU A 21 3.99 -0.91 6.21
C LEU A 21 3.72 -1.42 7.62
N ILE A 22 3.03 -2.54 7.72
CA ILE A 22 2.71 -3.16 9.01
C ILE A 22 3.80 -4.13 9.41
N LYS A 23 4.66 -4.45 8.47
CA LYS A 23 5.74 -5.40 8.66
C LYS A 23 6.85 -5.07 7.68
N ASP A 24 7.92 -5.85 7.69
CA ASP A 24 9.03 -5.60 6.80
C ASP A 24 8.94 -6.47 5.56
N LEU A 25 8.65 -5.84 4.42
CA LEU A 25 8.59 -6.57 3.15
C LEU A 25 9.85 -6.29 2.35
N LYS A 26 10.29 -7.28 1.58
CA LYS A 26 11.49 -7.11 0.77
C LYS A 26 11.20 -7.47 -0.67
N LEU A 27 11.46 -6.51 -1.54
CA LEU A 27 11.05 -6.60 -2.92
C LEU A 27 12.25 -6.78 -3.83
N LYS A 28 11.95 -7.00 -5.10
CA LYS A 28 12.97 -7.35 -6.08
C LYS A 28 13.63 -6.10 -6.65
N GLY A 29 14.47 -6.30 -7.66
CA GLY A 29 15.17 -5.20 -8.29
C GLY A 29 16.50 -4.94 -7.63
N SER A 30 16.59 -3.84 -6.91
CA SER A 30 17.80 -3.50 -6.18
C SER A 30 17.69 -3.99 -4.73
N SER A 31 16.89 -5.04 -4.54
CA SER A 31 16.57 -5.54 -3.20
C SER A 31 15.92 -4.42 -2.37
N THR A 32 14.68 -4.13 -2.70
CA THR A 32 13.99 -3.03 -2.07
C THR A 32 13.39 -3.48 -0.73
N VAL A 33 14.04 -3.11 0.35
CA VAL A 33 13.59 -3.48 1.67
C VAL A 33 12.70 -2.39 2.24
N LEU A 34 11.41 -2.69 2.32
CA LEU A 34 10.44 -1.78 2.90
C LEU A 34 10.13 -2.22 4.32
N LYS A 35 10.89 -1.67 5.26
CA LYS A 35 10.77 -2.05 6.66
C LYS A 35 9.46 -1.57 7.27
N ARG A 36 9.13 -2.13 8.41
CA ARG A 36 7.92 -1.75 9.12
C ARG A 36 7.90 -0.26 9.40
N GLY A 37 6.76 0.37 9.11
CA GLY A 37 6.63 1.80 9.32
C GLY A 37 6.84 2.61 8.06
N THR A 38 7.31 1.96 7.00
CA THR A 38 7.48 2.63 5.70
C THR A 38 6.16 3.22 5.25
N MET A 39 6.14 4.51 4.97
CA MET A 39 4.90 5.17 4.61
C MET A 39 4.73 5.24 3.11
N ILE A 40 3.64 4.68 2.64
CA ILE A 40 3.27 4.77 1.24
C ILE A 40 2.04 5.65 1.10
N ARG A 41 2.26 6.91 0.82
CA ARG A 41 1.17 7.87 0.69
C ARG A 41 0.98 8.27 -0.77
N GLY A 42 -0.20 8.78 -1.07
CA GLY A 42 -0.52 9.12 -2.44
C GLY A 42 -0.92 7.90 -3.23
N ILE A 43 -1.67 7.00 -2.58
CA ILE A 43 -2.06 5.75 -3.19
C ILE A 43 -3.38 5.90 -3.92
N ARG A 44 -3.66 4.99 -4.81
CA ARG A 44 -4.89 4.98 -5.57
C ARG A 44 -5.41 3.57 -5.76
N LEU A 45 -6.69 3.44 -6.01
CA LEU A 45 -7.30 2.14 -6.24
C LEU A 45 -7.03 1.69 -7.67
N THR A 46 -7.03 0.38 -7.89
CA THR A 46 -6.81 -0.16 -9.21
C THR A 46 -7.93 -1.13 -9.59
N ASP A 47 -7.71 -1.90 -10.66
CA ASP A 47 -8.66 -2.94 -11.05
C ASP A 47 -8.76 -4.01 -9.96
N SER A 48 -7.72 -4.08 -9.14
CA SER A 48 -7.67 -5.01 -8.04
C SER A 48 -8.37 -4.43 -6.81
N GLU A 49 -9.04 -5.29 -6.08
CA GLU A 49 -9.68 -4.92 -4.81
C GLU A 49 -8.69 -5.14 -3.69
N ASP A 50 -7.57 -5.75 -4.05
CA ASP A 50 -6.58 -6.16 -3.08
C ASP A 50 -5.27 -5.43 -3.31
N GLU A 51 -5.20 -4.64 -4.38
CA GLU A 51 -3.98 -3.92 -4.71
C GLU A 51 -4.26 -2.44 -4.87
N ILE A 52 -3.28 -1.66 -4.45
CA ILE A 52 -3.31 -0.22 -4.62
C ILE A 52 -1.95 0.24 -5.14
N GLU A 53 -1.92 1.38 -5.79
CA GLU A 53 -0.67 1.90 -6.32
C GLU A 53 -0.33 3.20 -5.62
N GLY A 54 0.90 3.31 -5.14
CA GLY A 54 1.31 4.49 -4.41
C GLY A 54 2.78 4.81 -4.61
N ARG A 55 3.33 5.61 -3.71
CA ARG A 55 4.73 6.01 -3.81
C ARG A 55 5.40 5.95 -2.44
N THR A 56 6.65 5.53 -2.44
CA THR A 56 7.44 5.46 -1.21
C THR A 56 8.59 6.46 -1.30
N ASP A 57 9.51 6.40 -0.34
CA ASP A 57 10.70 7.23 -0.39
C ASP A 57 11.67 6.68 -1.43
N LYS A 58 11.56 5.37 -1.68
CA LYS A 58 12.40 4.71 -2.66
C LYS A 58 11.67 4.58 -3.99
N ILE A 59 10.73 3.65 -4.04
CA ILE A 59 9.98 3.35 -5.26
C ILE A 59 8.74 4.22 -5.34
N LYS A 60 8.57 4.94 -6.43
CA LYS A 60 7.39 5.77 -6.62
C LYS A 60 6.55 5.24 -7.78
N GLY A 61 5.26 5.07 -7.54
CA GLY A 61 4.38 4.57 -8.57
C GLY A 61 4.41 3.05 -8.65
N LEU A 62 4.32 2.41 -7.50
CA LEU A 62 4.36 0.95 -7.47
C LEU A 62 3.04 0.39 -6.98
N VAL A 63 2.58 -0.64 -7.67
CA VAL A 63 1.34 -1.31 -7.31
C VAL A 63 1.62 -2.42 -6.31
N LEU A 64 1.03 -2.31 -5.14
CA LEU A 64 1.25 -3.29 -4.09
C LEU A 64 -0.05 -3.80 -3.50
N ARG A 65 -0.03 -5.06 -3.10
CA ARG A 65 -1.14 -5.63 -2.35
C ARG A 65 -1.28 -4.94 -1.01
N THR A 66 -2.49 -4.52 -0.70
CA THR A 66 -2.76 -3.78 0.51
C THR A 66 -3.00 -4.74 1.68
N GLU A 67 -2.37 -5.91 1.62
CA GLU A 67 -2.55 -6.94 2.64
C GLU A 67 -1.59 -6.71 3.78
N PHE A 68 -0.53 -5.99 3.47
CA PHE A 68 0.49 -5.68 4.43
C PHE A 68 0.59 -4.18 4.65
N LEU A 69 -0.45 -3.48 4.26
CA LEU A 69 -0.47 -2.02 4.38
C LEU A 69 -1.55 -1.60 5.36
N LYS A 70 -1.29 -0.51 6.04
CA LYS A 70 -2.22 0.02 7.02
C LYS A 70 -2.54 1.47 6.69
N LYS A 71 -3.82 1.80 6.63
CA LYS A 71 -4.24 3.15 6.30
C LYS A 71 -3.81 4.10 7.41
N ALA A 72 -2.98 5.06 7.05
CA ALA A 72 -2.35 5.94 8.03
C ALA A 72 -3.37 6.91 8.62
N GLY A 73 -3.91 7.78 7.79
CA GLY A 73 -4.89 8.73 8.25
C GLY A 73 -4.39 10.16 8.13
N SER A 74 -4.39 10.66 6.91
CA SER A 74 -3.97 12.02 6.65
C SER A 74 -4.72 12.55 5.44
N MET A 1 -18.16 -1.91 -11.32
CA MET A 1 -18.28 -2.89 -10.23
C MET A 1 -17.64 -2.36 -8.96
N SER A 2 -18.32 -2.53 -7.84
CA SER A 2 -17.78 -2.14 -6.55
C SER A 2 -16.56 -2.98 -6.21
N ILE A 3 -15.41 -2.33 -6.19
CA ILE A 3 -14.15 -3.00 -5.91
C ILE A 3 -13.54 -2.40 -4.65
N GLU A 4 -14.26 -2.57 -3.56
CA GLU A 4 -13.86 -2.05 -2.26
C GLU A 4 -12.47 -2.53 -1.87
N VAL A 5 -11.54 -1.60 -1.83
CA VAL A 5 -10.18 -1.89 -1.39
C VAL A 5 -9.98 -1.35 0.01
N ARG A 6 -9.55 -2.19 0.93
CA ARG A 6 -9.32 -1.76 2.30
C ARG A 6 -7.92 -2.20 2.75
N ASP A 7 -7.43 -1.61 3.82
CA ASP A 7 -6.12 -1.94 4.35
C ASP A 7 -6.18 -3.23 5.17
N CYS A 8 -5.15 -3.49 5.96
CA CYS A 8 -5.09 -4.71 6.76
C CYS A 8 -6.02 -4.61 7.96
N ASN A 9 -6.56 -3.42 8.16
CA ASN A 9 -7.46 -3.15 9.27
C ASN A 9 -8.89 -3.39 8.83
N GLY A 10 -9.20 -2.88 7.65
CA GLY A 10 -10.55 -2.95 7.15
C GLY A 10 -11.07 -1.57 6.78
N ALA A 11 -10.16 -0.60 6.72
CA ALA A 11 -10.52 0.76 6.35
C ALA A 11 -10.36 0.95 4.85
N LEU A 12 -11.38 1.51 4.22
CA LEU A 12 -11.39 1.69 2.77
C LEU A 12 -10.35 2.68 2.30
N LEU A 13 -9.77 2.40 1.15
CA LEU A 13 -8.78 3.27 0.53
C LEU A 13 -9.36 3.91 -0.72
N ALA A 14 -8.64 4.89 -1.25
CA ALA A 14 -9.05 5.58 -2.46
C ALA A 14 -7.85 6.27 -3.09
N ASP A 15 -8.05 6.92 -4.22
CA ASP A 15 -6.99 7.72 -4.84
C ASP A 15 -6.69 8.92 -3.97
N GLY A 16 -5.43 9.06 -3.55
CA GLY A 16 -5.04 10.15 -2.71
C GLY A 16 -5.01 9.76 -1.24
N ASP A 17 -5.04 8.45 -1.00
CA ASP A 17 -5.02 7.91 0.35
C ASP A 17 -3.58 7.65 0.78
N ASN A 18 -3.37 7.46 2.08
CA ASN A 18 -2.04 7.15 2.59
C ASN A 18 -2.06 5.78 3.25
N VAL A 19 -0.94 5.09 3.18
CA VAL A 19 -0.79 3.79 3.83
C VAL A 19 0.64 3.64 4.36
N SER A 20 0.88 2.61 5.13
CA SER A 20 2.21 2.33 5.65
C SER A 20 2.42 0.84 5.90
N LEU A 21 3.68 0.42 5.92
CA LEU A 21 4.05 -0.97 6.11
C LEU A 21 3.76 -1.44 7.53
N ILE A 22 2.98 -2.52 7.66
CA ILE A 22 2.63 -3.08 8.96
C ILE A 22 3.62 -4.16 9.36
N LYS A 23 4.42 -4.58 8.40
CA LYS A 23 5.38 -5.65 8.59
C LYS A 23 6.57 -5.43 7.66
N ASP A 24 7.60 -6.25 7.81
CA ASP A 24 8.75 -6.18 6.93
C ASP A 24 8.52 -7.07 5.72
N LEU A 25 8.59 -6.50 4.53
CA LEU A 25 8.35 -7.25 3.30
C LEU A 25 9.59 -7.26 2.43
N LYS A 26 10.14 -8.45 2.22
CA LYS A 26 11.29 -8.60 1.35
C LYS A 26 10.83 -9.03 -0.04
N LEU A 27 11.29 -8.32 -1.03
CA LEU A 27 10.86 -8.50 -2.40
C LEU A 27 11.84 -9.33 -3.20
N LYS A 28 11.33 -9.96 -4.25
CA LYS A 28 12.15 -10.80 -5.13
C LYS A 28 12.98 -9.94 -6.06
N GLY A 29 13.81 -10.59 -6.87
CA GLY A 29 14.62 -9.89 -7.85
C GLY A 29 15.78 -9.16 -7.24
N SER A 30 15.55 -7.93 -6.81
CA SER A 30 16.59 -7.09 -6.26
C SER A 30 16.89 -7.44 -4.80
N SER A 31 16.14 -8.42 -4.27
CA SER A 31 16.28 -8.83 -2.88
C SER A 31 15.98 -7.67 -1.95
N THR A 32 15.05 -6.81 -2.40
CA THR A 32 14.69 -5.59 -1.68
C THR A 32 14.00 -5.91 -0.37
N VAL A 33 14.69 -5.65 0.74
CA VAL A 33 14.11 -5.91 2.05
C VAL A 33 13.50 -4.65 2.63
N LEU A 34 12.19 -4.52 2.51
CA LEU A 34 11.49 -3.39 3.10
C LEU A 34 11.16 -3.70 4.55
N LYS A 35 11.20 -2.67 5.38
CA LYS A 35 10.94 -2.85 6.80
C LYS A 35 9.62 -2.21 7.21
N ARG A 36 9.15 -2.60 8.38
CA ARG A 36 7.94 -2.07 8.96
C ARG A 36 8.06 -0.56 9.20
N GLY A 37 6.95 0.15 9.11
CA GLY A 37 6.96 1.58 9.39
C GLY A 37 7.19 2.41 8.16
N THR A 38 7.42 1.76 7.02
CA THR A 38 7.62 2.45 5.76
C THR A 38 6.33 3.13 5.32
N MET A 39 6.37 4.44 5.13
CA MET A 39 5.21 5.19 4.73
C MET A 39 5.06 5.23 3.22
N ILE A 40 3.88 4.89 2.77
CA ILE A 40 3.52 5.01 1.36
C ILE A 40 2.29 5.91 1.24
N ARG A 41 2.52 7.19 1.05
CA ARG A 41 1.41 8.13 0.97
C ARG A 41 1.21 8.61 -0.46
N GLY A 42 -0.04 8.66 -0.87
CA GLY A 42 -0.37 9.00 -2.24
C GLY A 42 -0.66 7.76 -3.05
N ILE A 43 -1.57 6.93 -2.54
CA ILE A 43 -1.90 5.69 -3.19
C ILE A 43 -3.26 5.82 -3.88
N ARG A 44 -3.55 4.89 -4.77
CA ARG A 44 -4.82 4.87 -5.47
C ARG A 44 -5.29 3.43 -5.68
N LEU A 45 -6.55 3.27 -6.03
CA LEU A 45 -7.12 1.95 -6.27
C LEU A 45 -6.75 1.47 -7.66
N THR A 46 -6.65 0.16 -7.83
CA THR A 46 -6.31 -0.42 -9.12
C THR A 46 -7.51 -1.18 -9.67
N ASP A 47 -7.26 -2.15 -10.54
CA ASP A 47 -8.32 -3.03 -11.02
C ASP A 47 -8.61 -4.11 -9.99
N SER A 48 -7.75 -4.15 -8.97
CA SER A 48 -7.86 -5.13 -7.91
C SER A 48 -8.63 -4.56 -6.72
N GLU A 49 -9.12 -5.44 -5.86
CA GLU A 49 -9.82 -5.04 -4.65
C GLU A 49 -8.88 -5.15 -3.46
N ASP A 50 -7.70 -5.68 -3.70
CA ASP A 50 -6.74 -5.92 -2.64
C ASP A 50 -5.36 -5.39 -2.99
N GLU A 51 -5.25 -4.78 -4.17
CA GLU A 51 -4.01 -4.16 -4.60
C GLU A 51 -4.23 -2.69 -4.87
N ILE A 52 -3.23 -1.89 -4.53
CA ILE A 52 -3.27 -0.47 -4.77
C ILE A 52 -1.96 -0.01 -5.40
N GLU A 53 -1.95 1.19 -5.95
CA GLU A 53 -0.75 1.73 -6.55
C GLU A 53 -0.44 3.08 -5.92
N GLY A 54 0.76 3.23 -5.42
CA GLY A 54 1.11 4.45 -4.72
C GLY A 54 2.57 4.77 -4.80
N ARG A 55 3.02 5.71 -3.98
CA ARG A 55 4.40 6.13 -3.98
C ARG A 55 4.95 6.22 -2.57
N THR A 56 6.21 5.90 -2.42
CA THR A 56 6.88 6.03 -1.14
C THR A 56 8.09 6.93 -1.31
N ASP A 57 8.86 7.14 -0.25
CA ASP A 57 10.01 8.04 -0.30
C ASP A 57 11.09 7.52 -1.24
N LYS A 58 11.02 6.23 -1.56
CA LYS A 58 11.93 5.63 -2.52
C LYS A 58 11.26 5.46 -3.89
N ILE A 59 10.36 4.50 -3.97
CA ILE A 59 9.70 4.17 -5.24
C ILE A 59 8.38 4.89 -5.38
N LYS A 60 8.23 5.67 -6.44
CA LYS A 60 6.98 6.34 -6.72
C LYS A 60 6.24 5.63 -7.85
N GLY A 61 5.03 5.18 -7.58
CA GLY A 61 4.22 4.55 -8.60
C GLY A 61 4.45 3.06 -8.68
N LEU A 62 4.33 2.38 -7.55
CA LEU A 62 4.44 0.94 -7.53
C LEU A 62 3.11 0.32 -7.09
N VAL A 63 2.75 -0.79 -7.73
CA VAL A 63 1.51 -1.47 -7.43
C VAL A 63 1.74 -2.56 -6.40
N LEU A 64 1.13 -2.42 -5.23
CA LEU A 64 1.32 -3.37 -4.15
C LEU A 64 0.00 -3.84 -3.57
N ARG A 65 0.02 -5.05 -3.03
CA ARG A 65 -1.12 -5.58 -2.31
C ARG A 65 -1.26 -4.88 -0.98
N THR A 66 -2.45 -4.43 -0.68
CA THR A 66 -2.70 -3.66 0.52
C THR A 66 -2.98 -4.59 1.71
N GLU A 67 -2.45 -5.80 1.63
CA GLU A 67 -2.67 -6.79 2.67
C GLU A 67 -1.68 -6.57 3.81
N PHE A 68 -0.61 -5.86 3.48
CA PHE A 68 0.44 -5.58 4.44
C PHE A 68 0.56 -4.09 4.66
N LEU A 69 -0.48 -3.36 4.24
CA LEU A 69 -0.48 -1.92 4.36
C LEU A 69 -1.54 -1.46 5.34
N LYS A 70 -1.26 -0.36 6.00
CA LYS A 70 -2.15 0.22 6.97
C LYS A 70 -2.57 1.61 6.53
N LYS A 71 -3.86 1.88 6.51
CA LYS A 71 -4.36 3.20 6.13
C LYS A 71 -3.85 4.26 7.11
N ALA A 72 -3.05 5.18 6.61
CA ALA A 72 -2.39 6.17 7.44
C ALA A 72 -3.27 7.40 7.65
N GLY A 73 -4.59 7.18 7.67
CA GLY A 73 -5.51 8.26 7.89
C GLY A 73 -5.66 8.57 9.38
N SER A 74 -5.20 7.64 10.20
CA SER A 74 -5.23 7.81 11.65
C SER A 74 -4.10 7.00 12.26
N MET A 1 -19.67 -2.34 -4.11
CA MET A 1 -19.54 -1.20 -5.06
C MET A 1 -18.39 -1.41 -6.02
N SER A 2 -17.88 -2.64 -6.07
CA SER A 2 -16.74 -3.00 -6.91
C SER A 2 -15.44 -2.39 -6.38
N ILE A 3 -14.38 -3.20 -6.38
CA ILE A 3 -13.05 -2.85 -5.92
C ILE A 3 -13.05 -1.95 -4.68
N GLU A 4 -13.72 -2.41 -3.64
CA GLU A 4 -13.64 -1.75 -2.35
C GLU A 4 -12.36 -2.14 -1.66
N VAL A 5 -11.31 -1.42 -2.00
CA VAL A 5 -9.99 -1.74 -1.51
C VAL A 5 -9.83 -1.25 -0.08
N ARG A 6 -9.51 -2.17 0.81
CA ARG A 6 -9.36 -1.86 2.22
C ARG A 6 -8.00 -2.36 2.71
N ASP A 7 -7.46 -1.69 3.71
CA ASP A 7 -6.15 -2.04 4.25
C ASP A 7 -6.25 -3.27 5.16
N CYS A 8 -5.17 -3.61 5.84
CA CYS A 8 -5.14 -4.78 6.72
C CYS A 8 -6.09 -4.62 7.90
N ASN A 9 -6.41 -3.37 8.25
CA ASN A 9 -7.36 -3.10 9.32
C ASN A 9 -8.79 -3.20 8.81
N GLY A 10 -8.97 -2.92 7.52
CA GLY A 10 -10.28 -3.02 6.92
C GLY A 10 -10.86 -1.65 6.59
N ALA A 11 -10.01 -0.64 6.58
CA ALA A 11 -10.43 0.71 6.26
C ALA A 11 -10.33 0.94 4.76
N LEU A 12 -11.35 1.57 4.20
CA LEU A 12 -11.41 1.80 2.77
C LEU A 12 -10.39 2.84 2.33
N LEU A 13 -9.75 2.58 1.20
CA LEU A 13 -8.77 3.47 0.62
C LEU A 13 -9.37 4.19 -0.57
N ALA A 14 -8.61 5.14 -1.11
CA ALA A 14 -9.06 5.90 -2.28
C ALA A 14 -7.86 6.58 -2.93
N ASP A 15 -8.10 7.19 -4.07
CA ASP A 15 -7.06 7.95 -4.76
C ASP A 15 -6.66 9.17 -3.92
N GLY A 16 -5.38 9.23 -3.59
CA GLY A 16 -4.89 10.32 -2.77
C GLY A 16 -4.84 9.96 -1.30
N ASP A 17 -4.87 8.67 -1.01
CA ASP A 17 -4.89 8.20 0.37
C ASP A 17 -3.49 7.81 0.85
N ASN A 18 -3.35 7.48 2.12
CA ASN A 18 -2.05 7.15 2.69
C ASN A 18 -2.10 5.86 3.50
N VAL A 19 -1.06 5.06 3.34
CA VAL A 19 -0.92 3.80 4.05
C VAL A 19 0.53 3.59 4.49
N SER A 20 0.79 2.57 5.28
CA SER A 20 2.12 2.28 5.75
C SER A 20 2.32 0.79 6.04
N LEU A 21 3.58 0.36 6.01
CA LEU A 21 3.95 -1.03 6.24
C LEU A 21 3.67 -1.46 7.69
N ILE A 22 3.09 -2.64 7.86
CA ILE A 22 2.83 -3.18 9.20
C ILE A 22 3.93 -4.14 9.62
N LYS A 23 4.80 -4.46 8.69
CA LYS A 23 5.86 -5.44 8.91
C LYS A 23 6.96 -5.21 7.87
N ASP A 24 8.05 -5.95 7.98
CA ASP A 24 9.15 -5.81 7.02
C ASP A 24 8.97 -6.83 5.89
N LEU A 25 8.66 -6.34 4.70
CA LEU A 25 8.41 -7.20 3.56
C LEU A 25 9.63 -7.26 2.65
N LYS A 26 10.10 -8.47 2.38
CA LYS A 26 11.24 -8.63 1.48
C LYS A 26 10.77 -8.88 0.06
N LEU A 27 11.56 -8.41 -0.87
CA LEU A 27 11.21 -8.46 -2.29
C LEU A 27 12.31 -9.12 -3.09
N LYS A 28 11.93 -9.68 -4.23
CA LYS A 28 12.88 -10.30 -5.14
C LYS A 28 13.19 -9.33 -6.28
N GLY A 29 14.42 -9.38 -6.77
CA GLY A 29 14.82 -8.53 -7.86
C GLY A 29 16.11 -7.79 -7.55
N SER A 30 16.00 -6.79 -6.70
CA SER A 30 17.16 -6.03 -6.26
C SER A 30 17.44 -6.32 -4.79
N SER A 31 16.86 -7.41 -4.29
CA SER A 31 16.98 -7.78 -2.88
C SER A 31 16.44 -6.66 -1.99
N THR A 32 15.35 -6.05 -2.44
CA THR A 32 14.76 -4.92 -1.75
C THR A 32 14.01 -5.37 -0.50
N VAL A 33 14.41 -4.87 0.64
CA VAL A 33 13.75 -5.20 1.89
C VAL A 33 13.07 -3.98 2.47
N LEU A 34 11.74 -3.97 2.42
CA LEU A 34 10.96 -2.90 3.01
C LEU A 34 10.79 -3.13 4.49
N LYS A 35 10.77 -2.07 5.25
CA LYS A 35 10.73 -2.17 6.70
C LYS A 35 9.39 -1.70 7.26
N ARG A 36 9.09 -2.16 8.45
CA ARG A 36 7.90 -1.76 9.17
C ARG A 36 7.91 -0.26 9.44
N GLY A 37 6.78 0.38 9.20
CA GLY A 37 6.70 1.81 9.41
C GLY A 37 6.89 2.61 8.13
N THR A 38 7.29 1.94 7.05
CA THR A 38 7.44 2.59 5.76
C THR A 38 6.12 3.19 5.30
N MET A 39 6.12 4.48 5.01
CA MET A 39 4.89 5.16 4.64
C MET A 39 4.76 5.24 3.13
N ILE A 40 3.64 4.75 2.64
CA ILE A 40 3.30 4.87 1.24
C ILE A 40 2.06 5.74 1.11
N ARG A 41 2.27 7.02 0.89
CA ARG A 41 1.16 7.96 0.79
C ARG A 41 1.00 8.48 -0.63
N GLY A 42 -0.23 8.75 -1.01
CA GLY A 42 -0.52 9.13 -2.38
C GLY A 42 -0.86 7.93 -3.20
N ILE A 43 -1.61 7.00 -2.61
CA ILE A 43 -1.98 5.76 -3.28
C ILE A 43 -3.28 5.93 -4.03
N ARG A 44 -3.58 4.99 -4.89
CA ARG A 44 -4.81 5.00 -5.65
C ARG A 44 -5.37 3.59 -5.74
N LEU A 45 -6.67 3.49 -6.00
CA LEU A 45 -7.31 2.20 -6.14
C LEU A 45 -7.14 1.69 -7.56
N THR A 46 -6.69 0.46 -7.69
CA THR A 46 -6.50 -0.13 -9.00
C THR A 46 -7.76 -0.90 -9.40
N ASP A 47 -7.69 -1.64 -10.48
CA ASP A 47 -8.80 -2.48 -10.89
C ASP A 47 -8.77 -3.78 -10.12
N SER A 48 -7.85 -3.85 -9.17
CA SER A 48 -7.77 -4.93 -8.21
C SER A 48 -8.33 -4.48 -6.87
N GLU A 49 -9.00 -5.38 -6.18
CA GLU A 49 -9.58 -5.04 -4.88
C GLU A 49 -8.57 -5.26 -3.77
N ASP A 50 -7.62 -6.15 -4.04
CA ASP A 50 -6.62 -6.53 -3.05
C ASP A 50 -5.33 -5.75 -3.25
N GLU A 51 -5.26 -4.99 -4.32
CA GLU A 51 -4.05 -4.25 -4.66
C GLU A 51 -4.33 -2.77 -4.88
N ILE A 52 -3.36 -1.96 -4.53
CA ILE A 52 -3.39 -0.54 -4.79
C ILE A 52 -2.08 -0.11 -5.43
N GLU A 53 -2.03 1.09 -5.94
CA GLU A 53 -0.81 1.64 -6.48
C GLU A 53 -0.44 2.90 -5.72
N GLY A 54 0.80 2.98 -5.25
CA GLY A 54 1.18 4.10 -4.43
C GLY A 54 2.57 4.59 -4.72
N ARG A 55 3.09 5.42 -3.82
CA ARG A 55 4.41 5.97 -3.96
C ARG A 55 5.00 6.29 -2.60
N THR A 56 6.27 6.03 -2.45
CA THR A 56 6.98 6.28 -1.22
C THR A 56 8.27 7.03 -1.50
N ASP A 57 9.09 7.25 -0.48
CA ASP A 57 10.33 8.02 -0.62
C ASP A 57 11.32 7.34 -1.55
N LYS A 58 11.18 6.03 -1.69
CA LYS A 58 12.05 5.26 -2.57
C LYS A 58 11.38 4.99 -3.91
N ILE A 59 10.39 4.11 -3.91
CA ILE A 59 9.71 3.71 -5.14
C ILE A 59 8.38 4.44 -5.28
N LYS A 60 8.19 5.08 -6.42
CA LYS A 60 6.93 5.74 -6.70
C LYS A 60 6.23 5.07 -7.88
N GLY A 61 4.91 4.93 -7.77
CA GLY A 61 4.14 4.37 -8.85
C GLY A 61 4.19 2.86 -8.89
N LEU A 62 4.34 2.25 -7.73
CA LEU A 62 4.42 0.80 -7.65
C LEU A 62 3.07 0.24 -7.19
N VAL A 63 2.68 -0.87 -7.78
CA VAL A 63 1.42 -1.51 -7.45
C VAL A 63 1.64 -2.58 -6.41
N LEU A 64 1.06 -2.40 -5.24
CA LEU A 64 1.24 -3.33 -4.15
C LEU A 64 -0.07 -3.80 -3.56
N ARG A 65 -0.07 -5.05 -3.16
CA ARG A 65 -1.21 -5.63 -2.45
C ARG A 65 -1.37 -4.98 -1.08
N THR A 66 -2.59 -4.65 -0.74
CA THR A 66 -2.90 -3.96 0.50
C THR A 66 -3.12 -4.96 1.63
N GLU A 67 -2.45 -6.11 1.56
CA GLU A 67 -2.62 -7.15 2.55
C GLU A 67 -1.79 -6.82 3.78
N PHE A 68 -0.69 -6.15 3.51
CA PHE A 68 0.28 -5.84 4.54
C PHE A 68 0.42 -4.34 4.74
N LEU A 69 -0.55 -3.58 4.25
CA LEU A 69 -0.51 -2.14 4.37
C LEU A 69 -1.57 -1.68 5.35
N LYS A 70 -1.25 -0.63 6.08
CA LYS A 70 -2.13 -0.09 7.09
C LYS A 70 -2.47 1.34 6.74
N LYS A 71 -3.75 1.66 6.73
CA LYS A 71 -4.16 3.01 6.42
C LYS A 71 -3.64 3.97 7.48
N ALA A 72 -2.96 5.02 7.04
CA ALA A 72 -2.20 5.89 7.93
C ALA A 72 -3.10 6.85 8.69
N GLY A 73 -2.55 7.46 9.72
CA GLY A 73 -3.29 8.41 10.52
C GLY A 73 -3.29 8.03 11.98
N SER A 74 -3.19 6.73 12.24
CA SER A 74 -3.15 6.20 13.59
C SER A 74 -2.46 4.85 13.59
N MET A 1 -22.01 -4.27 -7.11
CA MET A 1 -20.76 -4.75 -7.73
C MET A 1 -19.72 -3.64 -7.74
N SER A 2 -18.74 -3.74 -6.86
CA SER A 2 -17.70 -2.73 -6.76
C SER A 2 -16.33 -3.39 -6.63
N ILE A 3 -15.30 -2.59 -6.47
CA ILE A 3 -13.94 -3.08 -6.26
C ILE A 3 -13.34 -2.44 -5.01
N GLU A 4 -14.13 -2.39 -3.96
CA GLU A 4 -13.75 -1.69 -2.73
C GLU A 4 -12.47 -2.27 -2.14
N VAL A 5 -11.45 -1.44 -2.11
CA VAL A 5 -10.16 -1.83 -1.57
C VAL A 5 -10.03 -1.36 -0.13
N ARG A 6 -9.69 -2.28 0.76
CA ARG A 6 -9.48 -1.94 2.16
C ARG A 6 -8.12 -2.45 2.63
N ASP A 7 -7.52 -1.74 3.56
CA ASP A 7 -6.19 -2.10 4.09
C ASP A 7 -6.31 -3.32 5.01
N CYS A 8 -5.22 -3.63 5.69
CA CYS A 8 -5.19 -4.76 6.61
C CYS A 8 -6.16 -4.56 7.77
N ASN A 9 -6.39 -3.31 8.15
CA ASN A 9 -7.31 -2.99 9.23
C ASN A 9 -8.76 -3.15 8.79
N GLY A 10 -8.99 -3.00 7.51
CA GLY A 10 -10.33 -3.14 6.97
C GLY A 10 -10.95 -1.79 6.65
N ALA A 11 -10.10 -0.78 6.53
CA ALA A 11 -10.57 0.56 6.22
C ALA A 11 -10.46 0.82 4.73
N LEU A 12 -11.49 1.42 4.16
CA LEU A 12 -11.55 1.68 2.72
C LEU A 12 -10.52 2.71 2.30
N LEU A 13 -9.89 2.45 1.17
CA LEU A 13 -8.89 3.36 0.61
C LEU A 13 -9.44 4.04 -0.63
N ALA A 14 -8.71 5.04 -1.13
CA ALA A 14 -9.11 5.76 -2.33
C ALA A 14 -7.90 6.44 -2.96
N ASP A 15 -8.11 7.04 -4.13
CA ASP A 15 -7.05 7.80 -4.79
C ASP A 15 -6.73 9.07 -3.99
N GLY A 16 -5.52 9.12 -3.45
CA GLY A 16 -5.12 10.23 -2.62
C GLY A 16 -4.96 9.84 -1.17
N ASP A 17 -5.18 8.55 -0.89
CA ASP A 17 -5.10 8.04 0.48
C ASP A 17 -3.65 7.73 0.84
N ASN A 18 -3.42 7.39 2.09
CA ASN A 18 -2.08 7.07 2.55
C ASN A 18 -2.08 5.84 3.44
N VAL A 19 -1.05 5.02 3.28
CA VAL A 19 -0.90 3.80 4.07
C VAL A 19 0.54 3.67 4.56
N SER A 20 0.80 2.64 5.35
CA SER A 20 2.14 2.38 5.84
C SER A 20 2.35 0.88 6.09
N LEU A 21 3.61 0.45 5.98
CA LEU A 21 4.00 -0.94 6.18
C LEU A 21 3.73 -1.42 7.60
N ILE A 22 3.03 -2.55 7.73
CA ILE A 22 2.74 -3.12 9.04
C ILE A 22 3.84 -4.09 9.46
N LYS A 23 4.70 -4.42 8.51
CA LYS A 23 5.81 -5.34 8.73
C LYS A 23 6.88 -5.08 7.69
N ASP A 24 7.95 -5.86 7.73
CA ASP A 24 9.03 -5.70 6.77
C ASP A 24 8.74 -6.54 5.53
N LEU A 25 8.57 -5.88 4.39
CA LEU A 25 8.26 -6.57 3.15
C LEU A 25 9.35 -6.35 2.13
N LYS A 26 10.00 -7.42 1.74
CA LYS A 26 11.03 -7.36 0.72
C LYS A 26 10.38 -7.41 -0.66
N LEU A 27 10.90 -6.59 -1.56
CA LEU A 27 10.33 -6.42 -2.89
C LEU A 27 10.39 -7.72 -3.69
N LYS A 28 9.37 -7.93 -4.51
CA LYS A 28 9.22 -9.14 -5.33
C LYS A 28 10.54 -9.56 -5.96
N GLY A 29 10.96 -10.78 -5.66
CA GLY A 29 12.25 -11.26 -6.13
C GLY A 29 13.36 -10.95 -5.16
N SER A 30 14.34 -10.19 -5.62
CA SER A 30 15.46 -9.80 -4.77
C SER A 30 16.04 -8.47 -5.23
N SER A 31 15.83 -7.43 -4.43
CA SER A 31 16.34 -6.10 -4.76
C SER A 31 16.23 -5.19 -3.53
N THR A 32 15.02 -4.71 -3.26
CA THR A 32 14.78 -3.81 -2.15
C THR A 32 14.10 -4.54 -1.00
N VAL A 33 14.62 -4.39 0.21
CA VAL A 33 13.97 -4.94 1.39
C VAL A 33 13.35 -3.81 2.20
N LEU A 34 12.04 -3.65 2.11
CA LEU A 34 11.37 -2.58 2.83
C LEU A 34 11.10 -2.98 4.27
N LYS A 35 11.10 -1.99 5.15
CA LYS A 35 10.95 -2.24 6.58
C LYS A 35 9.60 -1.76 7.09
N ARG A 36 9.24 -2.25 8.26
CA ARG A 36 8.02 -1.82 8.95
C ARG A 36 8.09 -0.32 9.25
N GLY A 37 6.99 0.37 9.04
CA GLY A 37 6.96 1.79 9.27
C GLY A 37 7.11 2.60 8.00
N THR A 38 7.54 1.95 6.92
CA THR A 38 7.64 2.59 5.62
C THR A 38 6.29 3.18 5.23
N MET A 39 6.26 4.49 5.03
CA MET A 39 5.02 5.17 4.74
C MET A 39 4.83 5.30 3.24
N ILE A 40 3.72 4.77 2.77
CA ILE A 40 3.35 4.92 1.38
C ILE A 40 2.13 5.84 1.29
N ARG A 41 2.40 7.13 1.15
CA ARG A 41 1.35 8.12 1.14
C ARG A 41 1.10 8.62 -0.28
N GLY A 42 -0.17 8.78 -0.63
CA GLY A 42 -0.52 9.13 -1.99
C GLY A 42 -0.77 7.88 -2.83
N ILE A 43 -1.61 7.00 -2.31
CA ILE A 43 -1.95 5.76 -3.00
C ILE A 43 -3.26 5.92 -3.74
N ARG A 44 -3.53 5.00 -4.65
CA ARG A 44 -4.78 4.97 -5.39
C ARG A 44 -5.25 3.55 -5.61
N LEU A 45 -6.55 3.40 -5.85
CA LEU A 45 -7.13 2.10 -6.09
C LEU A 45 -6.78 1.62 -7.49
N THR A 46 -6.78 0.32 -7.69
CA THR A 46 -6.47 -0.23 -9.00
C THR A 46 -7.64 -1.08 -9.48
N ASP A 47 -7.43 -1.84 -10.53
CA ASP A 47 -8.42 -2.80 -10.99
C ASP A 47 -8.57 -3.92 -9.96
N SER A 48 -7.56 -4.06 -9.13
CA SER A 48 -7.55 -5.04 -8.06
C SER A 48 -8.24 -4.51 -6.82
N GLU A 49 -8.88 -5.40 -6.08
CA GLU A 49 -9.56 -5.05 -4.84
C GLU A 49 -8.63 -5.32 -3.66
N ASP A 50 -7.57 -6.07 -3.94
CA ASP A 50 -6.60 -6.44 -2.92
C ASP A 50 -5.30 -5.66 -3.10
N GLU A 51 -5.23 -4.89 -4.18
CA GLU A 51 -4.00 -4.15 -4.49
C GLU A 51 -4.29 -2.68 -4.74
N ILE A 52 -3.33 -1.85 -4.36
CA ILE A 52 -3.38 -0.43 -4.61
C ILE A 52 -2.07 0.03 -5.21
N GLU A 53 -2.03 1.22 -5.75
CA GLU A 53 -0.81 1.76 -6.32
C GLU A 53 -0.40 3.00 -5.55
N GLY A 54 0.81 3.03 -5.03
CA GLY A 54 1.23 4.14 -4.22
C GLY A 54 2.63 4.62 -4.53
N ARG A 55 3.18 5.43 -3.65
CA ARG A 55 4.52 5.97 -3.82
C ARG A 55 5.19 6.17 -2.48
N THR A 56 6.47 5.88 -2.43
CA THR A 56 7.23 6.06 -1.21
C THR A 56 8.56 6.75 -1.52
N ASP A 57 9.43 6.83 -0.53
CA ASP A 57 10.75 7.45 -0.68
C ASP A 57 11.57 6.72 -1.72
N LYS A 58 11.48 5.40 -1.71
CA LYS A 58 12.24 4.57 -2.63
C LYS A 58 11.57 4.51 -4.01
N ILE A 59 10.40 3.90 -4.05
CA ILE A 59 9.71 3.68 -5.31
C ILE A 59 8.39 4.44 -5.36
N LYS A 60 8.18 5.17 -6.45
CA LYS A 60 6.92 5.86 -6.66
C LYS A 60 6.18 5.24 -7.84
N GLY A 61 4.87 5.06 -7.68
CA GLY A 61 4.07 4.50 -8.74
C GLY A 61 4.17 2.98 -8.82
N LEU A 62 4.20 2.34 -7.66
CA LEU A 62 4.29 0.89 -7.61
C LEU A 62 2.98 0.31 -7.10
N VAL A 63 2.54 -0.77 -7.72
CA VAL A 63 1.29 -1.41 -7.35
C VAL A 63 1.57 -2.52 -6.34
N LEU A 64 1.02 -2.36 -5.15
CA LEU A 64 1.23 -3.31 -4.08
C LEU A 64 -0.07 -3.76 -3.45
N ARG A 65 -0.10 -5.01 -3.04
CA ARG A 65 -1.21 -5.55 -2.29
C ARG A 65 -1.35 -4.85 -0.96
N THR A 66 -2.54 -4.41 -0.65
CA THR A 66 -2.80 -3.64 0.56
C THR A 66 -3.05 -4.58 1.75
N GLU A 67 -2.51 -5.78 1.67
CA GLU A 67 -2.75 -6.79 2.70
C GLU A 67 -1.80 -6.56 3.85
N PHE A 68 -0.68 -5.95 3.52
CA PHE A 68 0.35 -5.67 4.49
C PHE A 68 0.49 -4.16 4.70
N LEU A 69 -0.53 -3.42 4.26
CA LEU A 69 -0.50 -1.98 4.39
C LEU A 69 -1.58 -1.53 5.35
N LYS A 70 -1.27 -0.47 6.07
CA LYS A 70 -2.19 0.06 7.05
C LYS A 70 -2.57 1.49 6.70
N LYS A 71 -3.87 1.73 6.62
CA LYS A 71 -4.36 3.05 6.27
C LYS A 71 -3.94 4.06 7.34
N ALA A 72 -3.23 5.10 6.92
CA ALA A 72 -2.73 6.09 7.84
C ALA A 72 -3.74 7.21 8.04
N GLY A 73 -4.24 7.34 9.26
CA GLY A 73 -5.11 8.46 9.58
C GLY A 73 -4.30 9.73 9.69
N SER A 74 -3.02 9.57 10.02
CA SER A 74 -2.11 10.69 10.14
C SER A 74 -0.79 10.34 9.46
#